data_1J7G
# 
_entry.id   1J7G 
# 
_audit_conform.dict_name       mmcif_pdbx.dic 
_audit_conform.dict_version    5.386 
_audit_conform.dict_location   http://mmcif.pdb.org/dictionaries/ascii/mmcif_pdbx.dic 
# 
loop_
_database_2.database_id 
_database_2.database_code 
_database_2.pdbx_database_accession 
_database_2.pdbx_DOI 
PDB   1J7G         pdb_00001j7g 10.2210/pdb1j7g/pdb 
RCSB  RCSB013454   ?            ?                   
WWPDB D_1000013454 ?            ?                   
# 
loop_
_pdbx_audit_revision_history.ordinal 
_pdbx_audit_revision_history.data_content_type 
_pdbx_audit_revision_history.major_revision 
_pdbx_audit_revision_history.minor_revision 
_pdbx_audit_revision_history.revision_date 
1 'Structure model' 1 0 2003-04-22 
2 'Structure model' 1 1 2008-04-27 
3 'Structure model' 1 2 2011-07-13 
4 'Structure model' 1 3 2024-02-07 
# 
_pdbx_audit_revision_details.ordinal             1 
_pdbx_audit_revision_details.revision_ordinal    1 
_pdbx_audit_revision_details.data_content_type   'Structure model' 
_pdbx_audit_revision_details.provider            repository 
_pdbx_audit_revision_details.type                'Initial release' 
_pdbx_audit_revision_details.description         ? 
_pdbx_audit_revision_details.details             ? 
# 
loop_
_pdbx_audit_revision_group.ordinal 
_pdbx_audit_revision_group.revision_ordinal 
_pdbx_audit_revision_group.data_content_type 
_pdbx_audit_revision_group.group 
1 2 'Structure model' 'Version format compliance' 
2 3 'Structure model' 'Derived calculations'      
3 3 'Structure model' 'Version format compliance' 
4 4 'Structure model' 'Data collection'           
5 4 'Structure model' 'Database references'       
# 
loop_
_pdbx_audit_revision_category.ordinal 
_pdbx_audit_revision_category.revision_ordinal 
_pdbx_audit_revision_category.data_content_type 
_pdbx_audit_revision_category.category 
1 4 'Structure model' chem_comp_atom 
2 4 'Structure model' chem_comp_bond 
3 4 'Structure model' database_2     
# 
loop_
_pdbx_audit_revision_item.ordinal 
_pdbx_audit_revision_item.revision_ordinal 
_pdbx_audit_revision_item.data_content_type 
_pdbx_audit_revision_item.item 
1 4 'Structure model' '_database_2.pdbx_DOI'                
2 4 'Structure model' '_database_2.pdbx_database_accession' 
# 
_pdbx_database_status.status_code                     REL 
_pdbx_database_status.entry_id                        1J7G 
_pdbx_database_status.recvd_initial_deposition_date   2001-05-16 
_pdbx_database_status.deposit_site                    RCSB 
_pdbx_database_status.process_site                    RCSB 
_pdbx_database_status.status_code_sf                  REL 
_pdbx_database_status.SG_entry                        Y 
_pdbx_database_status.pdb_format_compatible           Y 
_pdbx_database_status.status_code_mr                  ? 
_pdbx_database_status.status_code_cs                  ? 
_pdbx_database_status.status_code_nmr_data            ? 
_pdbx_database_status.methods_development_category    ? 
# 
_pdbx_database_related.db_name        TargetDB 
_pdbx_database_related.db_id          HI0670 
_pdbx_database_related.details        . 
_pdbx_database_related.content_type   unspecified 
# 
loop_
_audit_author.name 
_audit_author.pdbx_ordinal 
'Lim, K.'                            1 
'Herzberg, O.'                       2 
'Structure 2 Function Project (S2F)' 3 
# 
loop_
_citation.id 
_citation.title 
_citation.journal_abbrev 
_citation.journal_volume 
_citation.page_first 
_citation.page_last 
_citation.year 
_citation.journal_id_ASTM 
_citation.country 
_citation.journal_id_ISSN 
_citation.journal_id_CSD 
_citation.book_publisher 
_citation.pdbx_database_id_PubMed 
_citation.pdbx_database_id_DOI 
primary 
;A Catalytic Mechanism for D-Tyr-tRNATyr Deacylase Based on the Crystal 
Structure of Hemophilus influenzae HI0670
;
J.Biol.Chem. 278 13496 13502 2003 JBCHA3 US 0021-9258 0071 ? 12571243 10.1074/jbc.M213150200   
1       'Functional Characterization of the D-Tyr-tRNA(Tyr) Deacylase from Escherichia coli'                                
J.Biol.Chem. 274 19109 19114 1999 JBCHA3 US 0021-9258 0071 ? ?        10.1074/jbc.274.27.19109 
# 
loop_
_citation_author.citation_id 
_citation_author.name 
_citation_author.ordinal 
_citation_author.identifier_ORCID 
primary 'Lim, K.'         1  ? 
primary 'Tempczyk, A.'    2  ? 
primary 'Bonander, N.'    3  ? 
primary 'Toedt, J.'       4  ? 
primary 'Howard, A.'      5  ? 
primary 'Einsenstein, E.' 6  ? 
primary 'Herzberg, O.'    7  ? 
1       'Soutourina, J.'  8  ? 
1       'Plateau, P.'     9  ? 
1       'Delort, F.'      10 ? 
1       'Peirotes, A.'    11 ? 
1       'Blanquet, S.'    12 ? 
# 
loop_
_entity.id 
_entity.type 
_entity.src_method 
_entity.pdbx_description 
_entity.formula_weight 
_entity.pdbx_number_of_molecules 
_entity.pdbx_ec 
_entity.pdbx_mutation 
_entity.pdbx_fragment 
_entity.details 
1 polymer man 'D-tyrosyl-tRNA(Tyr) deacylase' 15879.174 1   3.1.-.- ? ? ? 
2 water   nat water                           18.015    207 ?       ? ? ? 
# 
_entity_poly.entity_id                      1 
_entity_poly.type                           'polypeptide(L)' 
_entity_poly.nstd_linkage                   no 
_entity_poly.nstd_monomer                   no 
_entity_poly.pdbx_seq_one_letter_code       
;MIALIQRVSQAKVDVKGETIGKIGKGLLVLLGVEKEDNREKADKLAEKVLNYRIFSDENDKMNLNVQQAQGELLIVSQFT
LAADTQKGLRPSFSKGASPALANELYEYFIQKCAEKLPVSTGQFAADMQVSLTNDGPVTFWLNV
;
_entity_poly.pdbx_seq_one_letter_code_can   
;MIALIQRVSQAKVDVKGETIGKIGKGLLVLLGVEKEDNREKADKLAEKVLNYRIFSDENDKMNLNVQQAQGELLIVSQFT
LAADTQKGLRPSFSKGASPALANELYEYFIQKCAEKLPVSTGQFAADMQVSLTNDGPVTFWLNV
;
_entity_poly.pdbx_strand_id                 A 
_entity_poly.pdbx_target_identifier         HI0670 
# 
_pdbx_entity_nonpoly.entity_id   2 
_pdbx_entity_nonpoly.name        water 
_pdbx_entity_nonpoly.comp_id     HOH 
# 
loop_
_entity_poly_seq.entity_id 
_entity_poly_seq.num 
_entity_poly_seq.mon_id 
_entity_poly_seq.hetero 
1 1   MET n 
1 2   ILE n 
1 3   ALA n 
1 4   LEU n 
1 5   ILE n 
1 6   GLN n 
1 7   ARG n 
1 8   VAL n 
1 9   SER n 
1 10  GLN n 
1 11  ALA n 
1 12  LYS n 
1 13  VAL n 
1 14  ASP n 
1 15  VAL n 
1 16  LYS n 
1 17  GLY n 
1 18  GLU n 
1 19  THR n 
1 20  ILE n 
1 21  GLY n 
1 22  LYS n 
1 23  ILE n 
1 24  GLY n 
1 25  LYS n 
1 26  GLY n 
1 27  LEU n 
1 28  LEU n 
1 29  VAL n 
1 30  LEU n 
1 31  LEU n 
1 32  GLY n 
1 33  VAL n 
1 34  GLU n 
1 35  LYS n 
1 36  GLU n 
1 37  ASP n 
1 38  ASN n 
1 39  ARG n 
1 40  GLU n 
1 41  LYS n 
1 42  ALA n 
1 43  ASP n 
1 44  LYS n 
1 45  LEU n 
1 46  ALA n 
1 47  GLU n 
1 48  LYS n 
1 49  VAL n 
1 50  LEU n 
1 51  ASN n 
1 52  TYR n 
1 53  ARG n 
1 54  ILE n 
1 55  PHE n 
1 56  SER n 
1 57  ASP n 
1 58  GLU n 
1 59  ASN n 
1 60  ASP n 
1 61  LYS n 
1 62  MET n 
1 63  ASN n 
1 64  LEU n 
1 65  ASN n 
1 66  VAL n 
1 67  GLN n 
1 68  GLN n 
1 69  ALA n 
1 70  GLN n 
1 71  GLY n 
1 72  GLU n 
1 73  LEU n 
1 74  LEU n 
1 75  ILE n 
1 76  VAL n 
1 77  SER n 
1 78  GLN n 
1 79  PHE n 
1 80  THR n 
1 81  LEU n 
1 82  ALA n 
1 83  ALA n 
1 84  ASP n 
1 85  THR n 
1 86  GLN n 
1 87  LYS n 
1 88  GLY n 
1 89  LEU n 
1 90  ARG n 
1 91  PRO n 
1 92  SER n 
1 93  PHE n 
1 94  SER n 
1 95  LYS n 
1 96  GLY n 
1 97  ALA n 
1 98  SER n 
1 99  PRO n 
1 100 ALA n 
1 101 LEU n 
1 102 ALA n 
1 103 ASN n 
1 104 GLU n 
1 105 LEU n 
1 106 TYR n 
1 107 GLU n 
1 108 TYR n 
1 109 PHE n 
1 110 ILE n 
1 111 GLN n 
1 112 LYS n 
1 113 CYS n 
1 114 ALA n 
1 115 GLU n 
1 116 LYS n 
1 117 LEU n 
1 118 PRO n 
1 119 VAL n 
1 120 SER n 
1 121 THR n 
1 122 GLY n 
1 123 GLN n 
1 124 PHE n 
1 125 ALA n 
1 126 ALA n 
1 127 ASP n 
1 128 MET n 
1 129 GLN n 
1 130 VAL n 
1 131 SER n 
1 132 LEU n 
1 133 THR n 
1 134 ASN n 
1 135 ASP n 
1 136 GLY n 
1 137 PRO n 
1 138 VAL n 
1 139 THR n 
1 140 PHE n 
1 141 TRP n 
1 142 LEU n 
1 143 ASN n 
1 144 VAL n 
# 
_entity_src_gen.entity_id                          1 
_entity_src_gen.pdbx_src_id                        1 
_entity_src_gen.pdbx_alt_source_flag               sample 
_entity_src_gen.pdbx_seq_type                      ? 
_entity_src_gen.pdbx_beg_seq_num                   ? 
_entity_src_gen.pdbx_end_seq_num                   ? 
_entity_src_gen.gene_src_common_name               ? 
_entity_src_gen.gene_src_genus                     Haemophilus 
_entity_src_gen.pdbx_gene_src_gene                 HI0670 
_entity_src_gen.gene_src_species                   'Haemophilus influenzae' 
_entity_src_gen.gene_src_strain                    Kw20 
_entity_src_gen.gene_src_tissue                    ? 
_entity_src_gen.gene_src_tissue_fraction           ? 
_entity_src_gen.gene_src_details                   ? 
_entity_src_gen.pdbx_gene_src_fragment             ? 
_entity_src_gen.pdbx_gene_src_scientific_name      'Haemophilus influenzae Rd KW20' 
_entity_src_gen.pdbx_gene_src_ncbi_taxonomy_id     71421 
_entity_src_gen.pdbx_gene_src_variant              ? 
_entity_src_gen.pdbx_gene_src_cell_line            ? 
_entity_src_gen.pdbx_gene_src_atcc                 ? 
_entity_src_gen.pdbx_gene_src_organ                ? 
_entity_src_gen.pdbx_gene_src_organelle            ? 
_entity_src_gen.pdbx_gene_src_cell                 ? 
_entity_src_gen.pdbx_gene_src_cellular_location    ? 
_entity_src_gen.host_org_common_name               ? 
_entity_src_gen.pdbx_host_org_scientific_name      'Escherichia coli BL21(DE3)' 
_entity_src_gen.pdbx_host_org_ncbi_taxonomy_id     469008 
_entity_src_gen.host_org_genus                     Escherichia 
_entity_src_gen.pdbx_host_org_gene                 ? 
_entity_src_gen.pdbx_host_org_organ                ? 
_entity_src_gen.host_org_species                   'Escherichia coli' 
_entity_src_gen.pdbx_host_org_tissue               ? 
_entity_src_gen.pdbx_host_org_tissue_fraction      ? 
_entity_src_gen.pdbx_host_org_strain               'BL21(DE3)' 
_entity_src_gen.pdbx_host_org_variant              ? 
_entity_src_gen.pdbx_host_org_cell_line            ? 
_entity_src_gen.pdbx_host_org_atcc                 ? 
_entity_src_gen.pdbx_host_org_culture_collection   ? 
_entity_src_gen.pdbx_host_org_cell                 ? 
_entity_src_gen.pdbx_host_org_organelle            ? 
_entity_src_gen.pdbx_host_org_cellular_location    ? 
_entity_src_gen.pdbx_host_org_vector_type          pET15b 
_entity_src_gen.pdbx_host_org_vector               ? 
_entity_src_gen.host_org_details                   ? 
_entity_src_gen.expression_system_id               ? 
_entity_src_gen.plasmid_name                       pET15b-HI0670 
_entity_src_gen.plasmid_details                    ? 
_entity_src_gen.pdbx_description                   ? 
# 
loop_
_chem_comp.id 
_chem_comp.type 
_chem_comp.mon_nstd_flag 
_chem_comp.name 
_chem_comp.pdbx_synonyms 
_chem_comp.formula 
_chem_comp.formula_weight 
ALA 'L-peptide linking' y ALANINE         ? 'C3 H7 N O2'     89.093  
ARG 'L-peptide linking' y ARGININE        ? 'C6 H15 N4 O2 1' 175.209 
ASN 'L-peptide linking' y ASPARAGINE      ? 'C4 H8 N2 O3'    132.118 
ASP 'L-peptide linking' y 'ASPARTIC ACID' ? 'C4 H7 N O4'     133.103 
CYS 'L-peptide linking' y CYSTEINE        ? 'C3 H7 N O2 S'   121.158 
GLN 'L-peptide linking' y GLUTAMINE       ? 'C5 H10 N2 O3'   146.144 
GLU 'L-peptide linking' y 'GLUTAMIC ACID' ? 'C5 H9 N O4'     147.129 
GLY 'peptide linking'   y GLYCINE         ? 'C2 H5 N O2'     75.067  
HOH non-polymer         . WATER           ? 'H2 O'           18.015  
ILE 'L-peptide linking' y ISOLEUCINE      ? 'C6 H13 N O2'    131.173 
LEU 'L-peptide linking' y LEUCINE         ? 'C6 H13 N O2'    131.173 
LYS 'L-peptide linking' y LYSINE          ? 'C6 H15 N2 O2 1' 147.195 
MET 'L-peptide linking' y METHIONINE      ? 'C5 H11 N O2 S'  149.211 
PHE 'L-peptide linking' y PHENYLALANINE   ? 'C9 H11 N O2'    165.189 
PRO 'L-peptide linking' y PROLINE         ? 'C5 H9 N O2'     115.130 
SER 'L-peptide linking' y SERINE          ? 'C3 H7 N O3'     105.093 
THR 'L-peptide linking' y THREONINE       ? 'C4 H9 N O3'     119.119 
TRP 'L-peptide linking' y TRYPTOPHAN      ? 'C11 H12 N2 O2'  204.225 
TYR 'L-peptide linking' y TYROSINE        ? 'C9 H11 N O3'    181.189 
VAL 'L-peptide linking' y VALINE          ? 'C5 H11 N O2'    117.146 
# 
loop_
_pdbx_poly_seq_scheme.asym_id 
_pdbx_poly_seq_scheme.entity_id 
_pdbx_poly_seq_scheme.seq_id 
_pdbx_poly_seq_scheme.mon_id 
_pdbx_poly_seq_scheme.ndb_seq_num 
_pdbx_poly_seq_scheme.pdb_seq_num 
_pdbx_poly_seq_scheme.auth_seq_num 
_pdbx_poly_seq_scheme.pdb_mon_id 
_pdbx_poly_seq_scheme.auth_mon_id 
_pdbx_poly_seq_scheme.pdb_strand_id 
_pdbx_poly_seq_scheme.pdb_ins_code 
_pdbx_poly_seq_scheme.hetero 
A 1 1   MET 1   1   1   MET MET A . n 
A 1 2   ILE 2   2   2   ILE ILE A . n 
A 1 3   ALA 3   3   3   ALA ALA A . n 
A 1 4   LEU 4   4   4   LEU LEU A . n 
A 1 5   ILE 5   5   5   ILE ILE A . n 
A 1 6   GLN 6   6   6   GLN GLN A . n 
A 1 7   ARG 7   7   7   ARG ARG A . n 
A 1 8   VAL 8   8   8   VAL VAL A . n 
A 1 9   SER 9   9   9   SER SER A . n 
A 1 10  GLN 10  10  10  GLN GLN A . n 
A 1 11  ALA 11  11  11  ALA ALA A . n 
A 1 12  LYS 12  12  12  LYS LYS A . n 
A 1 13  VAL 13  13  13  VAL VAL A . n 
A 1 14  ASP 14  14  14  ASP ASP A . n 
A 1 15  VAL 15  15  15  VAL VAL A . n 
A 1 16  LYS 16  16  16  LYS LYS A . n 
A 1 17  GLY 17  17  17  GLY GLY A . n 
A 1 18  GLU 18  18  18  GLU GLU A . n 
A 1 19  THR 19  19  19  THR THR A . n 
A 1 20  ILE 20  20  20  ILE ILE A . n 
A 1 21  GLY 21  21  21  GLY GLY A . n 
A 1 22  LYS 22  22  22  LYS LYS A . n 
A 1 23  ILE 23  23  23  ILE ILE A . n 
A 1 24  GLY 24  24  24  GLY GLY A . n 
A 1 25  LYS 25  25  25  LYS LYS A . n 
A 1 26  GLY 26  26  26  GLY GLY A . n 
A 1 27  LEU 27  27  27  LEU LEU A . n 
A 1 28  LEU 28  28  28  LEU LEU A . n 
A 1 29  VAL 29  29  29  VAL VAL A . n 
A 1 30  LEU 30  30  30  LEU LEU A . n 
A 1 31  LEU 31  31  31  LEU LEU A . n 
A 1 32  GLY 32  32  32  GLY GLY A . n 
A 1 33  VAL 33  33  33  VAL VAL A . n 
A 1 34  GLU 34  34  34  GLU GLU A . n 
A 1 35  LYS 35  35  35  LYS LYS A . n 
A 1 36  GLU 36  36  36  GLU GLU A . n 
A 1 37  ASP 37  37  37  ASP ASP A . n 
A 1 38  ASN 38  38  38  ASN ASN A . n 
A 1 39  ARG 39  39  39  ARG ARG A . n 
A 1 40  GLU 40  40  40  GLU GLU A . n 
A 1 41  LYS 41  41  41  LYS LYS A . n 
A 1 42  ALA 42  42  42  ALA ALA A . n 
A 1 43  ASP 43  43  43  ASP ASP A . n 
A 1 44  LYS 44  44  44  LYS LYS A . n 
A 1 45  LEU 45  45  45  LEU LEU A . n 
A 1 46  ALA 46  46  46  ALA ALA A . n 
A 1 47  GLU 47  47  47  GLU GLU A . n 
A 1 48  LYS 48  48  48  LYS LYS A . n 
A 1 49  VAL 49  49  49  VAL VAL A . n 
A 1 50  LEU 50  50  50  LEU LEU A . n 
A 1 51  ASN 51  51  51  ASN ASN A . n 
A 1 52  TYR 52  52  52  TYR TYR A . n 
A 1 53  ARG 53  53  53  ARG ARG A . n 
A 1 54  ILE 54  54  54  ILE ILE A . n 
A 1 55  PHE 55  55  55  PHE PHE A . n 
A 1 56  SER 56  56  56  SER SER A . n 
A 1 57  ASP 57  57  57  ASP ASP A . n 
A 1 58  GLU 58  58  58  GLU GLU A . n 
A 1 59  ASN 59  59  59  ASN ASN A . n 
A 1 60  ASP 60  60  60  ASP ASP A . n 
A 1 61  LYS 61  61  61  LYS LYS A . n 
A 1 62  MET 62  62  62  MET MET A . n 
A 1 63  ASN 63  63  63  ASN ASN A . n 
A 1 64  LEU 64  64  64  LEU LEU A . n 
A 1 65  ASN 65  65  65  ASN ASN A . n 
A 1 66  VAL 66  66  66  VAL VAL A . n 
A 1 67  GLN 67  67  67  GLN GLN A . n 
A 1 68  GLN 68  68  68  GLN GLN A . n 
A 1 69  ALA 69  69  69  ALA ALA A . n 
A 1 70  GLN 70  70  70  GLN GLN A . n 
A 1 71  GLY 71  71  71  GLY GLY A . n 
A 1 72  GLU 72  72  72  GLU GLU A . n 
A 1 73  LEU 73  73  73  LEU LEU A . n 
A 1 74  LEU 74  74  74  LEU LEU A . n 
A 1 75  ILE 75  75  75  ILE ILE A . n 
A 1 76  VAL 76  76  76  VAL VAL A . n 
A 1 77  SER 77  77  77  SER SER A . n 
A 1 78  GLN 78  78  78  GLN GLN A . n 
A 1 79  PHE 79  79  79  PHE PHE A . n 
A 1 80  THR 80  80  80  THR THR A . n 
A 1 81  LEU 81  81  81  LEU LEU A . n 
A 1 82  ALA 82  82  82  ALA ALA A . n 
A 1 83  ALA 83  83  83  ALA ALA A . n 
A 1 84  ASP 84  84  84  ASP ASP A . n 
A 1 85  THR 85  85  85  THR THR A . n 
A 1 86  GLN 86  86  86  GLN GLN A . n 
A 1 87  LYS 87  87  87  LYS LYS A . n 
A 1 88  GLY 88  88  88  GLY GLY A . n 
A 1 89  LEU 89  89  89  LEU LEU A . n 
A 1 90  ARG 90  90  90  ARG ARG A . n 
A 1 91  PRO 91  91  91  PRO PRO A . n 
A 1 92  SER 92  92  92  SER SER A . n 
A 1 93  PHE 93  93  93  PHE PHE A . n 
A 1 94  SER 94  94  94  SER SER A . n 
A 1 95  LYS 95  95  95  LYS LYS A . n 
A 1 96  GLY 96  96  96  GLY GLY A . n 
A 1 97  ALA 97  97  97  ALA ALA A . n 
A 1 98  SER 98  98  98  SER SER A . n 
A 1 99  PRO 99  99  99  PRO PRO A . n 
A 1 100 ALA 100 100 100 ALA ALA A . n 
A 1 101 LEU 101 101 101 LEU LEU A . n 
A 1 102 ALA 102 102 102 ALA ALA A . n 
A 1 103 ASN 103 103 103 ASN ASN A . n 
A 1 104 GLU 104 104 104 GLU GLU A . n 
A 1 105 LEU 105 105 105 LEU LEU A . n 
A 1 106 TYR 106 106 106 TYR TYR A . n 
A 1 107 GLU 107 107 107 GLU GLU A . n 
A 1 108 TYR 108 108 108 TYR TYR A . n 
A 1 109 PHE 109 109 109 PHE PHE A . n 
A 1 110 ILE 110 110 110 ILE ILE A . n 
A 1 111 GLN 111 111 111 GLN GLN A . n 
A 1 112 LYS 112 112 112 LYS LYS A . n 
A 1 113 CYS 113 113 113 CYS CYS A . n 
A 1 114 ALA 114 114 114 ALA ALA A . n 
A 1 115 GLU 115 115 115 GLU GLU A . n 
A 1 116 LYS 116 116 116 LYS LYS A . n 
A 1 117 LEU 117 117 117 LEU LEU A . n 
A 1 118 PRO 118 118 118 PRO PRO A . n 
A 1 119 VAL 119 119 119 VAL VAL A . n 
A 1 120 SER 120 120 120 SER SER A . n 
A 1 121 THR 121 121 121 THR THR A . n 
A 1 122 GLY 122 122 122 GLY GLY A . n 
A 1 123 GLN 123 123 123 GLN GLN A . n 
A 1 124 PHE 124 124 124 PHE PHE A . n 
A 1 125 ALA 125 125 125 ALA ALA A . n 
A 1 126 ALA 126 126 126 ALA ALA A . n 
A 1 127 ASP 127 127 127 ASP ASP A . n 
A 1 128 MET 128 128 128 MET MET A . n 
A 1 129 GLN 129 129 129 GLN GLN A . n 
A 1 130 VAL 130 130 130 VAL VAL A . n 
A 1 131 SER 131 131 131 SER SER A . n 
A 1 132 LEU 132 132 132 LEU LEU A . n 
A 1 133 THR 133 133 133 THR THR A . n 
A 1 134 ASN 134 134 134 ASN ASN A . n 
A 1 135 ASP 135 135 135 ASP ASP A . n 
A 1 136 GLY 136 136 136 GLY GLY A . n 
A 1 137 PRO 137 137 137 PRO PRO A . n 
A 1 138 VAL 138 138 138 VAL VAL A . n 
A 1 139 THR 139 139 139 THR THR A . n 
A 1 140 PHE 140 140 140 PHE PHE A . n 
A 1 141 TRP 141 141 141 TRP TRP A . n 
A 1 142 LEU 142 142 142 LEU LEU A . n 
A 1 143 ASN 143 143 143 ASN ASN A . n 
A 1 144 VAL 144 144 144 VAL VAL A . n 
# 
loop_
_pdbx_nonpoly_scheme.asym_id 
_pdbx_nonpoly_scheme.entity_id 
_pdbx_nonpoly_scheme.mon_id 
_pdbx_nonpoly_scheme.ndb_seq_num 
_pdbx_nonpoly_scheme.pdb_seq_num 
_pdbx_nonpoly_scheme.auth_seq_num 
_pdbx_nonpoly_scheme.pdb_mon_id 
_pdbx_nonpoly_scheme.auth_mon_id 
_pdbx_nonpoly_scheme.pdb_strand_id 
_pdbx_nonpoly_scheme.pdb_ins_code 
B 2 HOH 1   201 201 HOH HOH A . 
B 2 HOH 2   202 202 HOH HOH A . 
B 2 HOH 3   203 203 HOH HOH A . 
B 2 HOH 4   204 204 HOH HOH A . 
B 2 HOH 5   205 205 HOH HOH A . 
B 2 HOH 6   206 206 HOH HOH A . 
B 2 HOH 7   207 207 HOH HOH A . 
B 2 HOH 8   208 208 HOH HOH A . 
B 2 HOH 9   209 209 HOH HOH A . 
B 2 HOH 10  210 210 HOH HOH A . 
B 2 HOH 11  211 211 HOH HOH A . 
B 2 HOH 12  212 212 HOH HOH A . 
B 2 HOH 13  213 213 HOH HOH A . 
B 2 HOH 14  214 214 HOH HOH A . 
B 2 HOH 15  215 215 HOH HOH A . 
B 2 HOH 16  216 216 HOH HOH A . 
B 2 HOH 17  217 217 HOH HOH A . 
B 2 HOH 18  218 218 HOH HOH A . 
B 2 HOH 19  219 219 HOH HOH A . 
B 2 HOH 20  220 220 HOH HOH A . 
B 2 HOH 21  221 221 HOH HOH A . 
B 2 HOH 22  222 222 HOH HOH A . 
B 2 HOH 23  223 223 HOH HOH A . 
B 2 HOH 24  224 224 HOH HOH A . 
B 2 HOH 25  225 225 HOH HOH A . 
B 2 HOH 26  226 226 HOH HOH A . 
B 2 HOH 27  227 227 HOH HOH A . 
B 2 HOH 28  228 228 HOH HOH A . 
B 2 HOH 29  229 229 HOH HOH A . 
B 2 HOH 30  230 230 HOH HOH A . 
B 2 HOH 31  231 231 HOH HOH A . 
B 2 HOH 32  232 232 HOH HOH A . 
B 2 HOH 33  233 233 HOH HOH A . 
B 2 HOH 34  234 234 HOH HOH A . 
B 2 HOH 35  235 235 HOH HOH A . 
B 2 HOH 36  236 236 HOH HOH A . 
B 2 HOH 37  237 237 HOH HOH A . 
B 2 HOH 38  238 238 HOH HOH A . 
B 2 HOH 39  239 239 HOH HOH A . 
B 2 HOH 40  240 240 HOH HOH A . 
B 2 HOH 41  241 241 HOH HOH A . 
B 2 HOH 42  242 242 HOH HOH A . 
B 2 HOH 43  243 243 HOH HOH A . 
B 2 HOH 44  244 244 HOH HOH A . 
B 2 HOH 45  245 245 HOH HOH A . 
B 2 HOH 46  246 246 HOH HOH A . 
B 2 HOH 47  247 247 HOH HOH A . 
B 2 HOH 48  248 248 HOH HOH A . 
B 2 HOH 49  249 249 HOH HOH A . 
B 2 HOH 50  250 250 HOH HOH A . 
B 2 HOH 51  251 251 HOH HOH A . 
B 2 HOH 52  252 252 HOH HOH A . 
B 2 HOH 53  253 253 HOH HOH A . 
B 2 HOH 54  254 254 HOH HOH A . 
B 2 HOH 55  255 255 HOH HOH A . 
B 2 HOH 56  256 256 HOH HOH A . 
B 2 HOH 57  257 257 HOH HOH A . 
B 2 HOH 58  258 258 HOH HOH A . 
B 2 HOH 59  259 259 HOH HOH A . 
B 2 HOH 60  260 260 HOH HOH A . 
B 2 HOH 61  261 261 HOH HOH A . 
B 2 HOH 62  262 262 HOH HOH A . 
B 2 HOH 63  263 263 HOH HOH A . 
B 2 HOH 64  264 264 HOH HOH A . 
B 2 HOH 65  265 265 HOH HOH A . 
B 2 HOH 66  266 266 HOH HOH A . 
B 2 HOH 67  267 267 HOH HOH A . 
B 2 HOH 68  268 268 HOH HOH A . 
B 2 HOH 69  269 269 HOH HOH A . 
B 2 HOH 70  270 270 HOH HOH A . 
B 2 HOH 71  271 271 HOH HOH A . 
B 2 HOH 72  272 272 HOH HOH A . 
B 2 HOH 73  273 273 HOH HOH A . 
B 2 HOH 74  274 274 HOH HOH A . 
B 2 HOH 75  275 275 HOH HOH A . 
B 2 HOH 76  276 276 HOH HOH A . 
B 2 HOH 77  277 277 HOH HOH A . 
B 2 HOH 78  278 278 HOH HOH A . 
B 2 HOH 79  279 279 HOH HOH A . 
B 2 HOH 80  280 280 HOH HOH A . 
B 2 HOH 81  281 281 HOH HOH A . 
B 2 HOH 82  282 282 HOH HOH A . 
B 2 HOH 83  283 283 HOH HOH A . 
B 2 HOH 84  284 284 HOH HOH A . 
B 2 HOH 85  285 285 HOH HOH A . 
B 2 HOH 86  286 286 HOH HOH A . 
B 2 HOH 87  287 287 HOH HOH A . 
B 2 HOH 88  288 288 HOH HOH A . 
B 2 HOH 89  289 289 HOH HOH A . 
B 2 HOH 90  290 290 HOH HOH A . 
B 2 HOH 91  291 291 HOH HOH A . 
B 2 HOH 92  292 292 HOH HOH A . 
B 2 HOH 93  293 293 HOH HOH A . 
B 2 HOH 94  294 294 HOH HOH A . 
B 2 HOH 95  295 295 HOH HOH A . 
B 2 HOH 96  296 296 HOH HOH A . 
B 2 HOH 97  297 297 HOH HOH A . 
B 2 HOH 98  298 298 HOH HOH A . 
B 2 HOH 99  299 299 HOH HOH A . 
B 2 HOH 100 300 300 HOH HOH A . 
B 2 HOH 101 301 301 HOH HOH A . 
B 2 HOH 102 302 302 HOH HOH A . 
B 2 HOH 103 303 303 HOH HOH A . 
B 2 HOH 104 304 304 HOH HOH A . 
B 2 HOH 105 305 305 HOH HOH A . 
B 2 HOH 106 306 306 HOH HOH A . 
B 2 HOH 107 307 307 HOH HOH A . 
B 2 HOH 108 308 308 HOH HOH A . 
B 2 HOH 109 309 309 HOH HOH A . 
B 2 HOH 110 310 310 HOH HOH A . 
B 2 HOH 111 311 311 HOH HOH A . 
B 2 HOH 112 312 312 HOH HOH A . 
B 2 HOH 113 313 313 HOH HOH A . 
B 2 HOH 114 314 314 HOH HOH A . 
B 2 HOH 115 315 315 HOH HOH A . 
B 2 HOH 116 316 316 HOH HOH A . 
B 2 HOH 117 317 317 HOH HOH A . 
B 2 HOH 118 318 318 HOH HOH A . 
B 2 HOH 119 319 319 HOH HOH A . 
B 2 HOH 120 320 320 HOH HOH A . 
B 2 HOH 121 321 321 HOH HOH A . 
B 2 HOH 122 322 322 HOH HOH A . 
B 2 HOH 123 323 323 HOH HOH A . 
B 2 HOH 124 324 324 HOH HOH A . 
B 2 HOH 125 325 325 HOH HOH A . 
B 2 HOH 126 326 326 HOH HOH A . 
B 2 HOH 127 327 327 HOH HOH A . 
B 2 HOH 128 328 328 HOH HOH A . 
B 2 HOH 129 329 329 HOH HOH A . 
B 2 HOH 130 330 330 HOH HOH A . 
B 2 HOH 131 331 331 HOH HOH A . 
B 2 HOH 132 332 332 HOH HOH A . 
B 2 HOH 133 333 333 HOH HOH A . 
B 2 HOH 134 334 334 HOH HOH A . 
B 2 HOH 135 335 335 HOH HOH A . 
B 2 HOH 136 336 336 HOH HOH A . 
B 2 HOH 137 337 337 HOH HOH A . 
B 2 HOH 138 338 338 HOH HOH A . 
B 2 HOH 139 339 339 HOH HOH A . 
B 2 HOH 140 340 340 HOH HOH A . 
B 2 HOH 141 341 341 HOH HOH A . 
B 2 HOH 142 342 342 HOH HOH A . 
B 2 HOH 143 343 343 HOH HOH A . 
B 2 HOH 144 344 344 HOH HOH A . 
B 2 HOH 145 345 345 HOH HOH A . 
B 2 HOH 146 346 346 HOH HOH A . 
B 2 HOH 147 347 347 HOH HOH A . 
B 2 HOH 148 348 348 HOH HOH A . 
B 2 HOH 149 349 349 HOH HOH A . 
B 2 HOH 150 350 350 HOH HOH A . 
B 2 HOH 151 351 351 HOH HOH A . 
B 2 HOH 152 352 352 HOH HOH A . 
B 2 HOH 153 353 353 HOH HOH A . 
B 2 HOH 154 354 354 HOH HOH A . 
B 2 HOH 155 355 355 HOH HOH A . 
B 2 HOH 156 356 356 HOH HOH A . 
B 2 HOH 157 357 357 HOH HOH A . 
B 2 HOH 158 358 358 HOH HOH A . 
B 2 HOH 159 359 359 HOH HOH A . 
B 2 HOH 160 360 360 HOH HOH A . 
B 2 HOH 161 361 361 HOH HOH A . 
B 2 HOH 162 362 362 HOH HOH A . 
B 2 HOH 163 363 363 HOH HOH A . 
B 2 HOH 164 364 364 HOH HOH A . 
B 2 HOH 165 365 365 HOH HOH A . 
B 2 HOH 166 366 366 HOH HOH A . 
B 2 HOH 167 367 367 HOH HOH A . 
B 2 HOH 168 368 368 HOH HOH A . 
B 2 HOH 169 369 369 HOH HOH A . 
B 2 HOH 170 370 370 HOH HOH A . 
B 2 HOH 171 371 371 HOH HOH A . 
B 2 HOH 172 372 372 HOH HOH A . 
B 2 HOH 173 373 373 HOH HOH A . 
B 2 HOH 174 374 374 HOH HOH A . 
B 2 HOH 175 375 375 HOH HOH A . 
B 2 HOH 176 376 376 HOH HOH A . 
B 2 HOH 177 377 377 HOH HOH A . 
B 2 HOH 178 378 378 HOH HOH A . 
B 2 HOH 179 379 379 HOH HOH A . 
B 2 HOH 180 380 380 HOH HOH A . 
B 2 HOH 181 381 381 HOH HOH A . 
B 2 HOH 182 382 382 HOH HOH A . 
B 2 HOH 183 383 383 HOH HOH A . 
B 2 HOH 184 384 384 HOH HOH A . 
B 2 HOH 185 385 385 HOH HOH A . 
B 2 HOH 186 386 386 HOH HOH A . 
B 2 HOH 187 387 387 HOH HOH A . 
B 2 HOH 188 388 388 HOH HOH A . 
B 2 HOH 189 389 389 HOH HOH A . 
B 2 HOH 190 390 390 HOH HOH A . 
B 2 HOH 191 391 391 HOH HOH A . 
B 2 HOH 192 392 392 HOH HOH A . 
B 2 HOH 193 393 393 HOH HOH A . 
B 2 HOH 194 394 394 HOH HOH A . 
B 2 HOH 195 395 395 HOH HOH A . 
B 2 HOH 196 396 396 HOH HOH A . 
B 2 HOH 197 397 397 HOH HOH A . 
B 2 HOH 198 398 398 HOH HOH A . 
B 2 HOH 199 399 399 HOH HOH A . 
B 2 HOH 200 400 400 HOH HOH A . 
B 2 HOH 201 401 401 HOH HOH A . 
B 2 HOH 202 402 402 HOH HOH A . 
B 2 HOH 203 403 403 HOH HOH A . 
B 2 HOH 204 404 404 HOH HOH A . 
B 2 HOH 205 405 405 HOH HOH A . 
B 2 HOH 206 406 406 HOH HOH A . 
B 2 HOH 207 407 407 HOH HOH A . 
# 
loop_
_software.name 
_software.classification 
_software.version 
_software.citation_id 
_software.pdbx_ordinal 
DENZO     'data reduction' . ? 1 
SCALEPACK 'data scaling'   . ? 2 
SOLVE     phasing          . ? 3 
MLPHARE   phasing          . ? 4 
DM        'model building' . ? 5 
CNS       refinement       . ? 6 
DM        phasing          . ? 7 
# 
_cell.entry_id           1J7G 
_cell.length_a           55.47 
_cell.length_b           55.47 
_cell.length_c           128.75 
_cell.angle_alpha        90.0 
_cell.angle_beta         90.0 
_cell.angle_gamma        90.0 
_cell.Z_PDB              8 
_cell.pdbx_unique_axis   ? 
# 
_symmetry.entry_id                         1J7G 
_symmetry.space_group_name_H-M             'P 41 21 2' 
_symmetry.pdbx_full_space_group_name_H-M   ? 
_symmetry.cell_setting                     ? 
_symmetry.Int_Tables_number                92 
# 
_exptl.entry_id          1J7G 
_exptl.method            'X-RAY DIFFRACTION' 
_exptl.crystals_number   1 
# 
_exptl_crystal.id                    1 
_exptl_crystal.density_meas          ? 
_exptl_crystal.density_Matthews      3.12 
_exptl_crystal.density_percent_sol   60.55 
_exptl_crystal.description           ? 
# 
_exptl_crystal_grow.crystal_id      1 
_exptl_crystal_grow.method          'crystal formed during dialysis of protein (2.8mg/ml)' 
_exptl_crystal_grow.temp            277 
_exptl_crystal_grow.temp_details    ? 
_exptl_crystal_grow.pH              7.5 
_exptl_crystal_grow.pdbx_details    
'50 mM Tris, 0.1 mM DTT, 0.1 mM EDTA, pH 7.5, crystal formed during dialysis of protein (2.8mg/ml), temperature 277K' 
_exptl_crystal_grow.pdbx_pH_range   . 
# 
_diffrn.id                     1 
_diffrn.ambient_temp           100 
_diffrn.ambient_temp_details   ? 
_diffrn.crystal_id             1 
# 
_diffrn_detector.diffrn_id              1 
_diffrn_detector.detector               CCD 
_diffrn_detector.type                   MARRESEARCH 
_diffrn_detector.pdbx_collection_date   2000-01-01 
_diffrn_detector.details                ? 
# 
_diffrn_radiation.diffrn_id                        1 
_diffrn_radiation.wavelength_id                    1 
_diffrn_radiation.pdbx_monochromatic_or_laue_m_l   M 
_diffrn_radiation.monochromator                    ? 
_diffrn_radiation.pdbx_diffrn_protocol             'SINGLE WAVELENGTH' 
_diffrn_radiation.pdbx_scattering_type             x-ray 
# 
_diffrn_radiation_wavelength.id           1 
_diffrn_radiation_wavelength.wavelength   1.0 
_diffrn_radiation_wavelength.wt           1.0 
# 
_diffrn_source.diffrn_id                   1 
_diffrn_source.source                      SYNCHROTRON 
_diffrn_source.type                        'APS BEAMLINE 17-ID' 
_diffrn_source.pdbx_synchrotron_site       APS 
_diffrn_source.pdbx_synchrotron_beamline   17-ID 
_diffrn_source.pdbx_wavelength             ? 
_diffrn_source.pdbx_wavelength_list        1.0 
# 
_reflns.entry_id                     1J7G 
_reflns.observed_criterion_sigma_I   0 
_reflns.observed_criterion_sigma_F   0 
_reflns.d_resolution_low             50 
_reflns.d_resolution_high            1.64 
_reflns.number_obs                   25510 
_reflns.number_all                   25510 
_reflns.percent_possible_obs         99.8 
_reflns.pdbx_Rmerge_I_obs            0.037 
_reflns.pdbx_Rsym_value              ? 
_reflns.pdbx_netI_over_sigmaI        12.8 
_reflns.B_iso_Wilson_estimate        19 
_reflns.pdbx_redundancy              13 
_reflns.R_free_details               ? 
_reflns.limit_h_max                  ? 
_reflns.limit_h_min                  ? 
_reflns.limit_k_max                  ? 
_reflns.limit_k_min                  ? 
_reflns.limit_l_max                  ? 
_reflns.limit_l_min                  ? 
_reflns.observed_criterion_F_max     ? 
_reflns.observed_criterion_F_min     ? 
_reflns.pdbx_ordinal                 1 
_reflns.pdbx_diffrn_id               1 
# 
_reflns_shell.d_res_high             1.64 
_reflns_shell.d_res_low              1.71 
_reflns_shell.percent_possible_all   100 
_reflns_shell.Rmerge_I_obs           0.135 
_reflns_shell.pdbx_Rsym_value        ? 
_reflns_shell.meanI_over_sigI_obs    ? 
_reflns_shell.pdbx_redundancy        9.4 
_reflns_shell.percent_possible_obs   ? 
_reflns_shell.number_unique_all      ? 
_reflns_shell.pdbx_ordinal           1 
_reflns_shell.pdbx_diffrn_id         1 
# 
_refine.entry_id                                 1J7G 
_refine.ls_number_reflns_obs                     23308 
_refine.ls_number_reflns_all                     23531 
_refine.pdbx_ls_sigma_I                          ? 
_refine.pdbx_ls_sigma_F                          2 
_refine.pdbx_data_cutoff_high_absF               ? 
_refine.pdbx_data_cutoff_low_absF                ? 
_refine.ls_d_res_low                             20.0 
_refine.ls_d_res_high                            1.64 
_refine.ls_percent_reflns_obs                    ? 
_refine.ls_R_factor_obs                          ? 
_refine.ls_R_factor_all                          ? 
_refine.ls_R_factor_R_work                       0.194 
_refine.ls_R_factor_R_free                       0.22 
_refine.ls_R_factor_R_free_error                 ? 
_refine.ls_R_factor_R_free_error_details         ? 
_refine.ls_percent_reflns_R_free                 ? 
_refine.ls_number_reflns_R_free                  1352 
_refine.ls_number_parameters                     ? 
_refine.ls_number_restraints                     ? 
_refine.occupancy_min                            ? 
_refine.occupancy_max                            ? 
_refine.B_iso_mean                               27 
_refine.aniso_B[1][1]                            ? 
_refine.aniso_B[2][2]                            ? 
_refine.aniso_B[3][3]                            ? 
_refine.aniso_B[1][2]                            ? 
_refine.aniso_B[1][3]                            ? 
_refine.aniso_B[2][3]                            ? 
_refine.solvent_model_details                    ? 
_refine.solvent_model_param_ksol                 ? 
_refine.solvent_model_param_bsol                 ? 
_refine.pdbx_ls_cross_valid_method               ? 
_refine.details                                  ? 
_refine.pdbx_starting_model                      ? 
_refine.pdbx_method_to_determine_struct          SAS 
_refine.pdbx_isotropic_thermal_model             ? 
_refine.pdbx_stereochemistry_target_values       'Engh & Huber' 
_refine.pdbx_stereochem_target_val_spec_case     ? 
_refine.pdbx_R_Free_selection_details            Random 
_refine.pdbx_overall_ESU_R_Free                  ? 
_refine.overall_SU_B                             ? 
_refine.ls_redundancy_reflns_obs                 ? 
_refine.B_iso_min                                ? 
_refine.B_iso_max                                ? 
_refine.correlation_coeff_Fo_to_Fc               ? 
_refine.overall_SU_R_Cruickshank_DPI             ? 
_refine.overall_SU_R_free                        ? 
_refine.overall_SU_ML                            ? 
_refine.pdbx_overall_ESU_R                       ? 
_refine.pdbx_data_cutoff_high_rms_absF           ? 
_refine.correlation_coeff_Fo_to_Fc_free          ? 
_refine.pdbx_solvent_vdw_probe_radii             ? 
_refine.pdbx_solvent_ion_probe_radii             ? 
_refine.pdbx_solvent_shrinkage_radii             ? 
_refine.pdbx_refine_id                           'X-RAY DIFFRACTION' 
_refine.pdbx_diffrn_id                           1 
_refine.pdbx_TLS_residual_ADP_flag               ? 
_refine.pdbx_overall_phase_error                 ? 
_refine.pdbx_overall_SU_R_free_Cruickshank_DPI   ? 
_refine.pdbx_overall_SU_R_Blow_DPI               ? 
_refine.pdbx_overall_SU_R_free_Blow_DPI          ? 
# 
_refine_hist.pdbx_refine_id                   'X-RAY DIFFRACTION' 
_refine_hist.cycle_id                         LAST 
_refine_hist.pdbx_number_atoms_protein        1115 
_refine_hist.pdbx_number_atoms_nucleic_acid   0 
_refine_hist.pdbx_number_atoms_ligand         0 
_refine_hist.number_atoms_solvent             207 
_refine_hist.number_atoms_total               1322 
_refine_hist.d_res_high                       1.64 
_refine_hist.d_res_low                        20.0 
# 
loop_
_refine_ls_restr.type 
_refine_ls_restr.dev_ideal 
_refine_ls_restr.dev_ideal_target 
_refine_ls_restr.weight 
_refine_ls_restr.number 
_refine_ls_restr.pdbx_refine_id 
_refine_ls_restr.pdbx_restraint_function 
c_bond_d    0.013 ? ? ? 'X-RAY DIFFRACTION' ? 
c_angle_deg 1.8   ? ? ? 'X-RAY DIFFRACTION' ? 
# 
_refine_ls_shell.pdbx_total_number_of_bins_used   ? 
_refine_ls_shell.d_res_high                       1.64 
_refine_ls_shell.d_res_low                        1.71 
_refine_ls_shell.number_reflns_R_work             ? 
_refine_ls_shell.R_factor_R_work                  0.238 
_refine_ls_shell.percent_reflns_obs               ? 
_refine_ls_shell.R_factor_R_free                  0.276 
_refine_ls_shell.R_factor_R_free_error            ? 
_refine_ls_shell.percent_reflns_R_free            ? 
_refine_ls_shell.number_reflns_R_free             ? 
_refine_ls_shell.number_reflns_obs                ? 
_refine_ls_shell.redundancy_reflns_obs            ? 
_refine_ls_shell.number_reflns_all                ? 
_refine_ls_shell.pdbx_refine_id                   'X-RAY DIFFRACTION' 
_refine_ls_shell.R_factor_all                     ? 
# 
_struct.entry_id                  1J7G 
_struct.title                     'Structure of YihZ from Haemophilus influenzae (HI0670), a D-Tyr-tRNA(Tyr) deacylase' 
_struct.pdbx_model_details        ? 
_struct.pdbx_CASP_flag            ? 
_struct.pdbx_model_type_details   ? 
# 
_struct_keywords.entry_id        1J7G 
_struct_keywords.pdbx_keywords   HYDROLASE 
_struct_keywords.text            
'D-Tyr-tRNA(Tyr) deacylase, structural genomics, hypothetical protein, Structure 2 Function Project, S2F, HYDROLASE' 
# 
loop_
_struct_asym.id 
_struct_asym.pdbx_blank_PDB_chainid_flag 
_struct_asym.pdbx_modified 
_struct_asym.entity_id 
_struct_asym.details 
A N N 1 ? 
B N N 2 ? 
# 
_struct_ref.id                         1 
_struct_ref.db_name                    UNP 
_struct_ref.db_code                    DTD_HAEIN 
_struct_ref.entity_id                  1 
_struct_ref.pdbx_seq_one_letter_code   
;MIALIQRVSQAKVDVKGETIGKIGKGLLVLLGVEKEDNREKADKLAEKVLNYRIFSDENDKMNLNVQQAQGELLIVSQFT
LAADTQKGLRPSFSKGASPALANELYEYFIQKCAEKLPVSTGQFAADMQVSLTNDGPVTFWLNV
;
_struct_ref.pdbx_align_begin           1 
_struct_ref.pdbx_db_accession          P44814 
_struct_ref.pdbx_db_isoform            ? 
# 
_struct_ref_seq.align_id                      1 
_struct_ref_seq.ref_id                        1 
_struct_ref_seq.pdbx_PDB_id_code              1J7G 
_struct_ref_seq.pdbx_strand_id                A 
_struct_ref_seq.seq_align_beg                 1 
_struct_ref_seq.pdbx_seq_align_beg_ins_code   ? 
_struct_ref_seq.seq_align_end                 144 
_struct_ref_seq.pdbx_seq_align_end_ins_code   ? 
_struct_ref_seq.pdbx_db_accession             P44814 
_struct_ref_seq.db_align_beg                  1 
_struct_ref_seq.pdbx_db_align_beg_ins_code    ? 
_struct_ref_seq.db_align_end                  144 
_struct_ref_seq.pdbx_db_align_end_ins_code    ? 
_struct_ref_seq.pdbx_auth_seq_align_beg       1 
_struct_ref_seq.pdbx_auth_seq_align_end       144 
# 
_pdbx_struct_assembly.id                   1 
_pdbx_struct_assembly.details              author_and_software_defined_assembly 
_pdbx_struct_assembly.method_details       PISA,PQS 
_pdbx_struct_assembly.oligomeric_details   dimeric 
_pdbx_struct_assembly.oligomeric_count     2 
# 
loop_
_pdbx_struct_assembly_prop.biol_id 
_pdbx_struct_assembly_prop.type 
_pdbx_struct_assembly_prop.value 
_pdbx_struct_assembly_prop.details 
1 'ABSA (A^2)' 3310  ? 
1 MORE         -9    ? 
1 'SSA (A^2)'  12500 ? 
# 
_pdbx_struct_assembly_gen.assembly_id       1 
_pdbx_struct_assembly_gen.oper_expression   1,2 
_pdbx_struct_assembly_gen.asym_id_list      A,B 
# 
loop_
_pdbx_struct_oper_list.id 
_pdbx_struct_oper_list.type 
_pdbx_struct_oper_list.name 
_pdbx_struct_oper_list.symmetry_operation 
_pdbx_struct_oper_list.matrix[1][1] 
_pdbx_struct_oper_list.matrix[1][2] 
_pdbx_struct_oper_list.matrix[1][3] 
_pdbx_struct_oper_list.vector[1] 
_pdbx_struct_oper_list.matrix[2][1] 
_pdbx_struct_oper_list.matrix[2][2] 
_pdbx_struct_oper_list.matrix[2][3] 
_pdbx_struct_oper_list.vector[2] 
_pdbx_struct_oper_list.matrix[3][1] 
_pdbx_struct_oper_list.matrix[3][2] 
_pdbx_struct_oper_list.matrix[3][3] 
_pdbx_struct_oper_list.vector[3] 
1 'identity operation'         1_555 x,y,z  1.0000000000  0.0000000000  0.0000000000 0.0000000000  0.0000000000  1.0000000000 0.0000000000  0.0000000000  0.0000000000 0.0000000000  1.0000000000  0.0000000000   
2 'crystal symmetry operation' 7_555 y,x,-z -0.8087391607 -0.5633631942 0.1690055663 -7.1341294806 -0.5633631942 0.6593992250 -0.4978097765 -7.2489623333 0.1690055663 -0.4978097765 -0.8506600643 -16.0901149070 
# 
_struct_biol.id   1 
# 
loop_
_struct_conf.conf_type_id 
_struct_conf.id 
_struct_conf.pdbx_PDB_helix_id 
_struct_conf.beg_label_comp_id 
_struct_conf.beg_label_asym_id 
_struct_conf.beg_label_seq_id 
_struct_conf.pdbx_beg_PDB_ins_code 
_struct_conf.end_label_comp_id 
_struct_conf.end_label_asym_id 
_struct_conf.end_label_seq_id 
_struct_conf.pdbx_end_PDB_ins_code 
_struct_conf.beg_auth_comp_id 
_struct_conf.beg_auth_asym_id 
_struct_conf.beg_auth_seq_id 
_struct_conf.end_auth_comp_id 
_struct_conf.end_auth_asym_id 
_struct_conf.end_auth_seq_id 
_struct_conf.pdbx_PDB_helix_class 
_struct_conf.details 
_struct_conf.pdbx_PDB_helix_length 
HELX_P HELX_P1 1 ASN A 38 ? TYR A 52  ? ASN A 38 TYR A 52  1 ? 15 
HELX_P HELX_P2 2 PHE A 79 ? ALA A 83  ? PHE A 79 ALA A 83  5 ? 5  
HELX_P HELX_P3 3 SER A 98 ? GLU A 115 ? SER A 98 GLU A 115 1 ? 18 
# 
_struct_conf_type.id          HELX_P 
_struct_conf_type.criteria    ? 
_struct_conf_type.reference   ? 
# 
_struct_mon_prot_cis.pdbx_id                1 
_struct_mon_prot_cis.label_comp_id          GLY 
_struct_mon_prot_cis.label_seq_id           136 
_struct_mon_prot_cis.label_asym_id          A 
_struct_mon_prot_cis.label_alt_id           . 
_struct_mon_prot_cis.pdbx_PDB_ins_code      ? 
_struct_mon_prot_cis.auth_comp_id           GLY 
_struct_mon_prot_cis.auth_seq_id            136 
_struct_mon_prot_cis.auth_asym_id           A 
_struct_mon_prot_cis.pdbx_label_comp_id_2   PRO 
_struct_mon_prot_cis.pdbx_label_seq_id_2    137 
_struct_mon_prot_cis.pdbx_label_asym_id_2   A 
_struct_mon_prot_cis.pdbx_PDB_ins_code_2    ? 
_struct_mon_prot_cis.pdbx_auth_comp_id_2    PRO 
_struct_mon_prot_cis.pdbx_auth_seq_id_2     137 
_struct_mon_prot_cis.pdbx_auth_asym_id_2    A 
_struct_mon_prot_cis.pdbx_PDB_model_num     1 
_struct_mon_prot_cis.pdbx_omega_angle       -0.82 
# 
loop_
_struct_sheet.id 
_struct_sheet.type 
_struct_sheet.number_strands 
_struct_sheet.details 
A ? 3 ? 
B ? 5 ? 
C ? 2 ? 
# 
loop_
_struct_sheet_order.sheet_id 
_struct_sheet_order.range_id_1 
_struct_sheet_order.range_id_2 
_struct_sheet_order.offset 
_struct_sheet_order.sense 
A 1 2 ? anti-parallel 
A 2 3 ? anti-parallel 
B 1 2 ? anti-parallel 
B 2 3 ? anti-parallel 
B 3 4 ? parallel      
B 4 5 ? parallel      
C 1 2 ? anti-parallel 
# 
loop_
_struct_sheet_range.sheet_id 
_struct_sheet_range.id 
_struct_sheet_range.beg_label_comp_id 
_struct_sheet_range.beg_label_asym_id 
_struct_sheet_range.beg_label_seq_id 
_struct_sheet_range.pdbx_beg_PDB_ins_code 
_struct_sheet_range.end_label_comp_id 
_struct_sheet_range.end_label_asym_id 
_struct_sheet_range.end_label_seq_id 
_struct_sheet_range.pdbx_end_PDB_ins_code 
_struct_sheet_range.beg_auth_comp_id 
_struct_sheet_range.beg_auth_asym_id 
_struct_sheet_range.beg_auth_seq_id 
_struct_sheet_range.end_auth_comp_id 
_struct_sheet_range.end_auth_asym_id 
_struct_sheet_range.end_auth_seq_id 
A 1 GLN A 129 ? ASN A 143 ? GLN A 129 ASN A 143 
A 2 ILE A 2   ? VAL A 15  ? ILE A 2   VAL A 15  
A 3 GLU A 18  ? ILE A 23  ? GLU A 18  ILE A 23  
B 1 GLN A 129 ? ASN A 143 ? GLN A 129 ASN A 143 
B 2 ILE A 2   ? VAL A 15  ? ILE A 2   VAL A 15  
B 3 GLY A 26  ? GLY A 32  ? GLY A 26  GLY A 32  
B 4 GLU A 72  ? SER A 77  ? GLU A 72  SER A 77  
B 5 VAL A 119 ? THR A 121 ? VAL A 119 THR A 121 
C 1 PHE A 55  ? SER A 56  ? PHE A 55  SER A 56  
C 2 MET A 62  ? LEU A 64  ? MET A 62  LEU A 64  
# 
loop_
_pdbx_struct_sheet_hbond.sheet_id 
_pdbx_struct_sheet_hbond.range_id_1 
_pdbx_struct_sheet_hbond.range_id_2 
_pdbx_struct_sheet_hbond.range_1_label_atom_id 
_pdbx_struct_sheet_hbond.range_1_label_comp_id 
_pdbx_struct_sheet_hbond.range_1_label_asym_id 
_pdbx_struct_sheet_hbond.range_1_label_seq_id 
_pdbx_struct_sheet_hbond.range_1_PDB_ins_code 
_pdbx_struct_sheet_hbond.range_1_auth_atom_id 
_pdbx_struct_sheet_hbond.range_1_auth_comp_id 
_pdbx_struct_sheet_hbond.range_1_auth_asym_id 
_pdbx_struct_sheet_hbond.range_1_auth_seq_id 
_pdbx_struct_sheet_hbond.range_2_label_atom_id 
_pdbx_struct_sheet_hbond.range_2_label_comp_id 
_pdbx_struct_sheet_hbond.range_2_label_asym_id 
_pdbx_struct_sheet_hbond.range_2_label_seq_id 
_pdbx_struct_sheet_hbond.range_2_PDB_ins_code 
_pdbx_struct_sheet_hbond.range_2_auth_atom_id 
_pdbx_struct_sheet_hbond.range_2_auth_comp_id 
_pdbx_struct_sheet_hbond.range_2_auth_asym_id 
_pdbx_struct_sheet_hbond.range_2_auth_seq_id 
A 1 2 O LEU A 142 ? O LEU A 142 N ALA A 3   ? N ALA A 3   
A 2 3 N VAL A 15  ? N VAL A 15  O GLU A 18  ? O GLU A 18  
B 1 2 O LEU A 142 ? O LEU A 142 N ALA A 3   ? N ALA A 3   
B 2 3 N VAL A 8   ? N VAL A 8   O GLY A 26  ? O GLY A 26  
B 3 4 N LEU A 27  ? N LEU A 27  O GLU A 72  ? O GLU A 72  
B 4 5 O LEU A 73  ? O LEU A 73  N SER A 120 ? N SER A 120 
C 1 2 O PHE A 55  ? O PHE A 55  N ASN A 63  ? N ASN A 63  
# 
_pdbx_validate_torsion.id              1 
_pdbx_validate_torsion.PDB_model_num   1 
_pdbx_validate_torsion.auth_comp_id    GLU 
_pdbx_validate_torsion.auth_asym_id    A 
_pdbx_validate_torsion.auth_seq_id     36 
_pdbx_validate_torsion.PDB_ins_code    ? 
_pdbx_validate_torsion.label_alt_id    ? 
_pdbx_validate_torsion.phi             83.88 
_pdbx_validate_torsion.psi             -4.57 
# 
_pdbx_SG_project.id                    1 
_pdbx_SG_project.project_name          ? 
_pdbx_SG_project.full_name_of_center   'Structure 2 Function Project' 
_pdbx_SG_project.initial_of_center     S2F 
# 
loop_
_chem_comp_atom.comp_id 
_chem_comp_atom.atom_id 
_chem_comp_atom.type_symbol 
_chem_comp_atom.pdbx_aromatic_flag 
_chem_comp_atom.pdbx_stereo_config 
_chem_comp_atom.pdbx_ordinal 
ALA N    N N N 1   
ALA CA   C N S 2   
ALA C    C N N 3   
ALA O    O N N 4   
ALA CB   C N N 5   
ALA OXT  O N N 6   
ALA H    H N N 7   
ALA H2   H N N 8   
ALA HA   H N N 9   
ALA HB1  H N N 10  
ALA HB2  H N N 11  
ALA HB3  H N N 12  
ALA HXT  H N N 13  
ARG N    N N N 14  
ARG CA   C N S 15  
ARG C    C N N 16  
ARG O    O N N 17  
ARG CB   C N N 18  
ARG CG   C N N 19  
ARG CD   C N N 20  
ARG NE   N N N 21  
ARG CZ   C N N 22  
ARG NH1  N N N 23  
ARG NH2  N N N 24  
ARG OXT  O N N 25  
ARG H    H N N 26  
ARG H2   H N N 27  
ARG HA   H N N 28  
ARG HB2  H N N 29  
ARG HB3  H N N 30  
ARG HG2  H N N 31  
ARG HG3  H N N 32  
ARG HD2  H N N 33  
ARG HD3  H N N 34  
ARG HE   H N N 35  
ARG HH11 H N N 36  
ARG HH12 H N N 37  
ARG HH21 H N N 38  
ARG HH22 H N N 39  
ARG HXT  H N N 40  
ASN N    N N N 41  
ASN CA   C N S 42  
ASN C    C N N 43  
ASN O    O N N 44  
ASN CB   C N N 45  
ASN CG   C N N 46  
ASN OD1  O N N 47  
ASN ND2  N N N 48  
ASN OXT  O N N 49  
ASN H    H N N 50  
ASN H2   H N N 51  
ASN HA   H N N 52  
ASN HB2  H N N 53  
ASN HB3  H N N 54  
ASN HD21 H N N 55  
ASN HD22 H N N 56  
ASN HXT  H N N 57  
ASP N    N N N 58  
ASP CA   C N S 59  
ASP C    C N N 60  
ASP O    O N N 61  
ASP CB   C N N 62  
ASP CG   C N N 63  
ASP OD1  O N N 64  
ASP OD2  O N N 65  
ASP OXT  O N N 66  
ASP H    H N N 67  
ASP H2   H N N 68  
ASP HA   H N N 69  
ASP HB2  H N N 70  
ASP HB3  H N N 71  
ASP HD2  H N N 72  
ASP HXT  H N N 73  
CYS N    N N N 74  
CYS CA   C N R 75  
CYS C    C N N 76  
CYS O    O N N 77  
CYS CB   C N N 78  
CYS SG   S N N 79  
CYS OXT  O N N 80  
CYS H    H N N 81  
CYS H2   H N N 82  
CYS HA   H N N 83  
CYS HB2  H N N 84  
CYS HB3  H N N 85  
CYS HG   H N N 86  
CYS HXT  H N N 87  
GLN N    N N N 88  
GLN CA   C N S 89  
GLN C    C N N 90  
GLN O    O N N 91  
GLN CB   C N N 92  
GLN CG   C N N 93  
GLN CD   C N N 94  
GLN OE1  O N N 95  
GLN NE2  N N N 96  
GLN OXT  O N N 97  
GLN H    H N N 98  
GLN H2   H N N 99  
GLN HA   H N N 100 
GLN HB2  H N N 101 
GLN HB3  H N N 102 
GLN HG2  H N N 103 
GLN HG3  H N N 104 
GLN HE21 H N N 105 
GLN HE22 H N N 106 
GLN HXT  H N N 107 
GLU N    N N N 108 
GLU CA   C N S 109 
GLU C    C N N 110 
GLU O    O N N 111 
GLU CB   C N N 112 
GLU CG   C N N 113 
GLU CD   C N N 114 
GLU OE1  O N N 115 
GLU OE2  O N N 116 
GLU OXT  O N N 117 
GLU H    H N N 118 
GLU H2   H N N 119 
GLU HA   H N N 120 
GLU HB2  H N N 121 
GLU HB3  H N N 122 
GLU HG2  H N N 123 
GLU HG3  H N N 124 
GLU HE2  H N N 125 
GLU HXT  H N N 126 
GLY N    N N N 127 
GLY CA   C N N 128 
GLY C    C N N 129 
GLY O    O N N 130 
GLY OXT  O N N 131 
GLY H    H N N 132 
GLY H2   H N N 133 
GLY HA2  H N N 134 
GLY HA3  H N N 135 
GLY HXT  H N N 136 
HOH O    O N N 137 
HOH H1   H N N 138 
HOH H2   H N N 139 
ILE N    N N N 140 
ILE CA   C N S 141 
ILE C    C N N 142 
ILE O    O N N 143 
ILE CB   C N S 144 
ILE CG1  C N N 145 
ILE CG2  C N N 146 
ILE CD1  C N N 147 
ILE OXT  O N N 148 
ILE H    H N N 149 
ILE H2   H N N 150 
ILE HA   H N N 151 
ILE HB   H N N 152 
ILE HG12 H N N 153 
ILE HG13 H N N 154 
ILE HG21 H N N 155 
ILE HG22 H N N 156 
ILE HG23 H N N 157 
ILE HD11 H N N 158 
ILE HD12 H N N 159 
ILE HD13 H N N 160 
ILE HXT  H N N 161 
LEU N    N N N 162 
LEU CA   C N S 163 
LEU C    C N N 164 
LEU O    O N N 165 
LEU CB   C N N 166 
LEU CG   C N N 167 
LEU CD1  C N N 168 
LEU CD2  C N N 169 
LEU OXT  O N N 170 
LEU H    H N N 171 
LEU H2   H N N 172 
LEU HA   H N N 173 
LEU HB2  H N N 174 
LEU HB3  H N N 175 
LEU HG   H N N 176 
LEU HD11 H N N 177 
LEU HD12 H N N 178 
LEU HD13 H N N 179 
LEU HD21 H N N 180 
LEU HD22 H N N 181 
LEU HD23 H N N 182 
LEU HXT  H N N 183 
LYS N    N N N 184 
LYS CA   C N S 185 
LYS C    C N N 186 
LYS O    O N N 187 
LYS CB   C N N 188 
LYS CG   C N N 189 
LYS CD   C N N 190 
LYS CE   C N N 191 
LYS NZ   N N N 192 
LYS OXT  O N N 193 
LYS H    H N N 194 
LYS H2   H N N 195 
LYS HA   H N N 196 
LYS HB2  H N N 197 
LYS HB3  H N N 198 
LYS HG2  H N N 199 
LYS HG3  H N N 200 
LYS HD2  H N N 201 
LYS HD3  H N N 202 
LYS HE2  H N N 203 
LYS HE3  H N N 204 
LYS HZ1  H N N 205 
LYS HZ2  H N N 206 
LYS HZ3  H N N 207 
LYS HXT  H N N 208 
MET N    N N N 209 
MET CA   C N S 210 
MET C    C N N 211 
MET O    O N N 212 
MET CB   C N N 213 
MET CG   C N N 214 
MET SD   S N N 215 
MET CE   C N N 216 
MET OXT  O N N 217 
MET H    H N N 218 
MET H2   H N N 219 
MET HA   H N N 220 
MET HB2  H N N 221 
MET HB3  H N N 222 
MET HG2  H N N 223 
MET HG3  H N N 224 
MET HE1  H N N 225 
MET HE2  H N N 226 
MET HE3  H N N 227 
MET HXT  H N N 228 
PHE N    N N N 229 
PHE CA   C N S 230 
PHE C    C N N 231 
PHE O    O N N 232 
PHE CB   C N N 233 
PHE CG   C Y N 234 
PHE CD1  C Y N 235 
PHE CD2  C Y N 236 
PHE CE1  C Y N 237 
PHE CE2  C Y N 238 
PHE CZ   C Y N 239 
PHE OXT  O N N 240 
PHE H    H N N 241 
PHE H2   H N N 242 
PHE HA   H N N 243 
PHE HB2  H N N 244 
PHE HB3  H N N 245 
PHE HD1  H N N 246 
PHE HD2  H N N 247 
PHE HE1  H N N 248 
PHE HE2  H N N 249 
PHE HZ   H N N 250 
PHE HXT  H N N 251 
PRO N    N N N 252 
PRO CA   C N S 253 
PRO C    C N N 254 
PRO O    O N N 255 
PRO CB   C N N 256 
PRO CG   C N N 257 
PRO CD   C N N 258 
PRO OXT  O N N 259 
PRO H    H N N 260 
PRO HA   H N N 261 
PRO HB2  H N N 262 
PRO HB3  H N N 263 
PRO HG2  H N N 264 
PRO HG3  H N N 265 
PRO HD2  H N N 266 
PRO HD3  H N N 267 
PRO HXT  H N N 268 
SER N    N N N 269 
SER CA   C N S 270 
SER C    C N N 271 
SER O    O N N 272 
SER CB   C N N 273 
SER OG   O N N 274 
SER OXT  O N N 275 
SER H    H N N 276 
SER H2   H N N 277 
SER HA   H N N 278 
SER HB2  H N N 279 
SER HB3  H N N 280 
SER HG   H N N 281 
SER HXT  H N N 282 
THR N    N N N 283 
THR CA   C N S 284 
THR C    C N N 285 
THR O    O N N 286 
THR CB   C N R 287 
THR OG1  O N N 288 
THR CG2  C N N 289 
THR OXT  O N N 290 
THR H    H N N 291 
THR H2   H N N 292 
THR HA   H N N 293 
THR HB   H N N 294 
THR HG1  H N N 295 
THR HG21 H N N 296 
THR HG22 H N N 297 
THR HG23 H N N 298 
THR HXT  H N N 299 
TRP N    N N N 300 
TRP CA   C N S 301 
TRP C    C N N 302 
TRP O    O N N 303 
TRP CB   C N N 304 
TRP CG   C Y N 305 
TRP CD1  C Y N 306 
TRP CD2  C Y N 307 
TRP NE1  N Y N 308 
TRP CE2  C Y N 309 
TRP CE3  C Y N 310 
TRP CZ2  C Y N 311 
TRP CZ3  C Y N 312 
TRP CH2  C Y N 313 
TRP OXT  O N N 314 
TRP H    H N N 315 
TRP H2   H N N 316 
TRP HA   H N N 317 
TRP HB2  H N N 318 
TRP HB3  H N N 319 
TRP HD1  H N N 320 
TRP HE1  H N N 321 
TRP HE3  H N N 322 
TRP HZ2  H N N 323 
TRP HZ3  H N N 324 
TRP HH2  H N N 325 
TRP HXT  H N N 326 
TYR N    N N N 327 
TYR CA   C N S 328 
TYR C    C N N 329 
TYR O    O N N 330 
TYR CB   C N N 331 
TYR CG   C Y N 332 
TYR CD1  C Y N 333 
TYR CD2  C Y N 334 
TYR CE1  C Y N 335 
TYR CE2  C Y N 336 
TYR CZ   C Y N 337 
TYR OH   O N N 338 
TYR OXT  O N N 339 
TYR H    H N N 340 
TYR H2   H N N 341 
TYR HA   H N N 342 
TYR HB2  H N N 343 
TYR HB3  H N N 344 
TYR HD1  H N N 345 
TYR HD2  H N N 346 
TYR HE1  H N N 347 
TYR HE2  H N N 348 
TYR HH   H N N 349 
TYR HXT  H N N 350 
VAL N    N N N 351 
VAL CA   C N S 352 
VAL C    C N N 353 
VAL O    O N N 354 
VAL CB   C N N 355 
VAL CG1  C N N 356 
VAL CG2  C N N 357 
VAL OXT  O N N 358 
VAL H    H N N 359 
VAL H2   H N N 360 
VAL HA   H N N 361 
VAL HB   H N N 362 
VAL HG11 H N N 363 
VAL HG12 H N N 364 
VAL HG13 H N N 365 
VAL HG21 H N N 366 
VAL HG22 H N N 367 
VAL HG23 H N N 368 
VAL HXT  H N N 369 
# 
loop_
_chem_comp_bond.comp_id 
_chem_comp_bond.atom_id_1 
_chem_comp_bond.atom_id_2 
_chem_comp_bond.value_order 
_chem_comp_bond.pdbx_aromatic_flag 
_chem_comp_bond.pdbx_stereo_config 
_chem_comp_bond.pdbx_ordinal 
ALA N   CA   sing N N 1   
ALA N   H    sing N N 2   
ALA N   H2   sing N N 3   
ALA CA  C    sing N N 4   
ALA CA  CB   sing N N 5   
ALA CA  HA   sing N N 6   
ALA C   O    doub N N 7   
ALA C   OXT  sing N N 8   
ALA CB  HB1  sing N N 9   
ALA CB  HB2  sing N N 10  
ALA CB  HB3  sing N N 11  
ALA OXT HXT  sing N N 12  
ARG N   CA   sing N N 13  
ARG N   H    sing N N 14  
ARG N   H2   sing N N 15  
ARG CA  C    sing N N 16  
ARG CA  CB   sing N N 17  
ARG CA  HA   sing N N 18  
ARG C   O    doub N N 19  
ARG C   OXT  sing N N 20  
ARG CB  CG   sing N N 21  
ARG CB  HB2  sing N N 22  
ARG CB  HB3  sing N N 23  
ARG CG  CD   sing N N 24  
ARG CG  HG2  sing N N 25  
ARG CG  HG3  sing N N 26  
ARG CD  NE   sing N N 27  
ARG CD  HD2  sing N N 28  
ARG CD  HD3  sing N N 29  
ARG NE  CZ   sing N N 30  
ARG NE  HE   sing N N 31  
ARG CZ  NH1  sing N N 32  
ARG CZ  NH2  doub N N 33  
ARG NH1 HH11 sing N N 34  
ARG NH1 HH12 sing N N 35  
ARG NH2 HH21 sing N N 36  
ARG NH2 HH22 sing N N 37  
ARG OXT HXT  sing N N 38  
ASN N   CA   sing N N 39  
ASN N   H    sing N N 40  
ASN N   H2   sing N N 41  
ASN CA  C    sing N N 42  
ASN CA  CB   sing N N 43  
ASN CA  HA   sing N N 44  
ASN C   O    doub N N 45  
ASN C   OXT  sing N N 46  
ASN CB  CG   sing N N 47  
ASN CB  HB2  sing N N 48  
ASN CB  HB3  sing N N 49  
ASN CG  OD1  doub N N 50  
ASN CG  ND2  sing N N 51  
ASN ND2 HD21 sing N N 52  
ASN ND2 HD22 sing N N 53  
ASN OXT HXT  sing N N 54  
ASP N   CA   sing N N 55  
ASP N   H    sing N N 56  
ASP N   H2   sing N N 57  
ASP CA  C    sing N N 58  
ASP CA  CB   sing N N 59  
ASP CA  HA   sing N N 60  
ASP C   O    doub N N 61  
ASP C   OXT  sing N N 62  
ASP CB  CG   sing N N 63  
ASP CB  HB2  sing N N 64  
ASP CB  HB3  sing N N 65  
ASP CG  OD1  doub N N 66  
ASP CG  OD2  sing N N 67  
ASP OD2 HD2  sing N N 68  
ASP OXT HXT  sing N N 69  
CYS N   CA   sing N N 70  
CYS N   H    sing N N 71  
CYS N   H2   sing N N 72  
CYS CA  C    sing N N 73  
CYS CA  CB   sing N N 74  
CYS CA  HA   sing N N 75  
CYS C   O    doub N N 76  
CYS C   OXT  sing N N 77  
CYS CB  SG   sing N N 78  
CYS CB  HB2  sing N N 79  
CYS CB  HB3  sing N N 80  
CYS SG  HG   sing N N 81  
CYS OXT HXT  sing N N 82  
GLN N   CA   sing N N 83  
GLN N   H    sing N N 84  
GLN N   H2   sing N N 85  
GLN CA  C    sing N N 86  
GLN CA  CB   sing N N 87  
GLN CA  HA   sing N N 88  
GLN C   O    doub N N 89  
GLN C   OXT  sing N N 90  
GLN CB  CG   sing N N 91  
GLN CB  HB2  sing N N 92  
GLN CB  HB3  sing N N 93  
GLN CG  CD   sing N N 94  
GLN CG  HG2  sing N N 95  
GLN CG  HG3  sing N N 96  
GLN CD  OE1  doub N N 97  
GLN CD  NE2  sing N N 98  
GLN NE2 HE21 sing N N 99  
GLN NE2 HE22 sing N N 100 
GLN OXT HXT  sing N N 101 
GLU N   CA   sing N N 102 
GLU N   H    sing N N 103 
GLU N   H2   sing N N 104 
GLU CA  C    sing N N 105 
GLU CA  CB   sing N N 106 
GLU CA  HA   sing N N 107 
GLU C   O    doub N N 108 
GLU C   OXT  sing N N 109 
GLU CB  CG   sing N N 110 
GLU CB  HB2  sing N N 111 
GLU CB  HB3  sing N N 112 
GLU CG  CD   sing N N 113 
GLU CG  HG2  sing N N 114 
GLU CG  HG3  sing N N 115 
GLU CD  OE1  doub N N 116 
GLU CD  OE2  sing N N 117 
GLU OE2 HE2  sing N N 118 
GLU OXT HXT  sing N N 119 
GLY N   CA   sing N N 120 
GLY N   H    sing N N 121 
GLY N   H2   sing N N 122 
GLY CA  C    sing N N 123 
GLY CA  HA2  sing N N 124 
GLY CA  HA3  sing N N 125 
GLY C   O    doub N N 126 
GLY C   OXT  sing N N 127 
GLY OXT HXT  sing N N 128 
HOH O   H1   sing N N 129 
HOH O   H2   sing N N 130 
ILE N   CA   sing N N 131 
ILE N   H    sing N N 132 
ILE N   H2   sing N N 133 
ILE CA  C    sing N N 134 
ILE CA  CB   sing N N 135 
ILE CA  HA   sing N N 136 
ILE C   O    doub N N 137 
ILE C   OXT  sing N N 138 
ILE CB  CG1  sing N N 139 
ILE CB  CG2  sing N N 140 
ILE CB  HB   sing N N 141 
ILE CG1 CD1  sing N N 142 
ILE CG1 HG12 sing N N 143 
ILE CG1 HG13 sing N N 144 
ILE CG2 HG21 sing N N 145 
ILE CG2 HG22 sing N N 146 
ILE CG2 HG23 sing N N 147 
ILE CD1 HD11 sing N N 148 
ILE CD1 HD12 sing N N 149 
ILE CD1 HD13 sing N N 150 
ILE OXT HXT  sing N N 151 
LEU N   CA   sing N N 152 
LEU N   H    sing N N 153 
LEU N   H2   sing N N 154 
LEU CA  C    sing N N 155 
LEU CA  CB   sing N N 156 
LEU CA  HA   sing N N 157 
LEU C   O    doub N N 158 
LEU C   OXT  sing N N 159 
LEU CB  CG   sing N N 160 
LEU CB  HB2  sing N N 161 
LEU CB  HB3  sing N N 162 
LEU CG  CD1  sing N N 163 
LEU CG  CD2  sing N N 164 
LEU CG  HG   sing N N 165 
LEU CD1 HD11 sing N N 166 
LEU CD1 HD12 sing N N 167 
LEU CD1 HD13 sing N N 168 
LEU CD2 HD21 sing N N 169 
LEU CD2 HD22 sing N N 170 
LEU CD2 HD23 sing N N 171 
LEU OXT HXT  sing N N 172 
LYS N   CA   sing N N 173 
LYS N   H    sing N N 174 
LYS N   H2   sing N N 175 
LYS CA  C    sing N N 176 
LYS CA  CB   sing N N 177 
LYS CA  HA   sing N N 178 
LYS C   O    doub N N 179 
LYS C   OXT  sing N N 180 
LYS CB  CG   sing N N 181 
LYS CB  HB2  sing N N 182 
LYS CB  HB3  sing N N 183 
LYS CG  CD   sing N N 184 
LYS CG  HG2  sing N N 185 
LYS CG  HG3  sing N N 186 
LYS CD  CE   sing N N 187 
LYS CD  HD2  sing N N 188 
LYS CD  HD3  sing N N 189 
LYS CE  NZ   sing N N 190 
LYS CE  HE2  sing N N 191 
LYS CE  HE3  sing N N 192 
LYS NZ  HZ1  sing N N 193 
LYS NZ  HZ2  sing N N 194 
LYS NZ  HZ3  sing N N 195 
LYS OXT HXT  sing N N 196 
MET N   CA   sing N N 197 
MET N   H    sing N N 198 
MET N   H2   sing N N 199 
MET CA  C    sing N N 200 
MET CA  CB   sing N N 201 
MET CA  HA   sing N N 202 
MET C   O    doub N N 203 
MET C   OXT  sing N N 204 
MET CB  CG   sing N N 205 
MET CB  HB2  sing N N 206 
MET CB  HB3  sing N N 207 
MET CG  SD   sing N N 208 
MET CG  HG2  sing N N 209 
MET CG  HG3  sing N N 210 
MET SD  CE   sing N N 211 
MET CE  HE1  sing N N 212 
MET CE  HE2  sing N N 213 
MET CE  HE3  sing N N 214 
MET OXT HXT  sing N N 215 
PHE N   CA   sing N N 216 
PHE N   H    sing N N 217 
PHE N   H2   sing N N 218 
PHE CA  C    sing N N 219 
PHE CA  CB   sing N N 220 
PHE CA  HA   sing N N 221 
PHE C   O    doub N N 222 
PHE C   OXT  sing N N 223 
PHE CB  CG   sing N N 224 
PHE CB  HB2  sing N N 225 
PHE CB  HB3  sing N N 226 
PHE CG  CD1  doub Y N 227 
PHE CG  CD2  sing Y N 228 
PHE CD1 CE1  sing Y N 229 
PHE CD1 HD1  sing N N 230 
PHE CD2 CE2  doub Y N 231 
PHE CD2 HD2  sing N N 232 
PHE CE1 CZ   doub Y N 233 
PHE CE1 HE1  sing N N 234 
PHE CE2 CZ   sing Y N 235 
PHE CE2 HE2  sing N N 236 
PHE CZ  HZ   sing N N 237 
PHE OXT HXT  sing N N 238 
PRO N   CA   sing N N 239 
PRO N   CD   sing N N 240 
PRO N   H    sing N N 241 
PRO CA  C    sing N N 242 
PRO CA  CB   sing N N 243 
PRO CA  HA   sing N N 244 
PRO C   O    doub N N 245 
PRO C   OXT  sing N N 246 
PRO CB  CG   sing N N 247 
PRO CB  HB2  sing N N 248 
PRO CB  HB3  sing N N 249 
PRO CG  CD   sing N N 250 
PRO CG  HG2  sing N N 251 
PRO CG  HG3  sing N N 252 
PRO CD  HD2  sing N N 253 
PRO CD  HD3  sing N N 254 
PRO OXT HXT  sing N N 255 
SER N   CA   sing N N 256 
SER N   H    sing N N 257 
SER N   H2   sing N N 258 
SER CA  C    sing N N 259 
SER CA  CB   sing N N 260 
SER CA  HA   sing N N 261 
SER C   O    doub N N 262 
SER C   OXT  sing N N 263 
SER CB  OG   sing N N 264 
SER CB  HB2  sing N N 265 
SER CB  HB3  sing N N 266 
SER OG  HG   sing N N 267 
SER OXT HXT  sing N N 268 
THR N   CA   sing N N 269 
THR N   H    sing N N 270 
THR N   H2   sing N N 271 
THR CA  C    sing N N 272 
THR CA  CB   sing N N 273 
THR CA  HA   sing N N 274 
THR C   O    doub N N 275 
THR C   OXT  sing N N 276 
THR CB  OG1  sing N N 277 
THR CB  CG2  sing N N 278 
THR CB  HB   sing N N 279 
THR OG1 HG1  sing N N 280 
THR CG2 HG21 sing N N 281 
THR CG2 HG22 sing N N 282 
THR CG2 HG23 sing N N 283 
THR OXT HXT  sing N N 284 
TRP N   CA   sing N N 285 
TRP N   H    sing N N 286 
TRP N   H2   sing N N 287 
TRP CA  C    sing N N 288 
TRP CA  CB   sing N N 289 
TRP CA  HA   sing N N 290 
TRP C   O    doub N N 291 
TRP C   OXT  sing N N 292 
TRP CB  CG   sing N N 293 
TRP CB  HB2  sing N N 294 
TRP CB  HB3  sing N N 295 
TRP CG  CD1  doub Y N 296 
TRP CG  CD2  sing Y N 297 
TRP CD1 NE1  sing Y N 298 
TRP CD1 HD1  sing N N 299 
TRP CD2 CE2  doub Y N 300 
TRP CD2 CE3  sing Y N 301 
TRP NE1 CE2  sing Y N 302 
TRP NE1 HE1  sing N N 303 
TRP CE2 CZ2  sing Y N 304 
TRP CE3 CZ3  doub Y N 305 
TRP CE3 HE3  sing N N 306 
TRP CZ2 CH2  doub Y N 307 
TRP CZ2 HZ2  sing N N 308 
TRP CZ3 CH2  sing Y N 309 
TRP CZ3 HZ3  sing N N 310 
TRP CH2 HH2  sing N N 311 
TRP OXT HXT  sing N N 312 
TYR N   CA   sing N N 313 
TYR N   H    sing N N 314 
TYR N   H2   sing N N 315 
TYR CA  C    sing N N 316 
TYR CA  CB   sing N N 317 
TYR CA  HA   sing N N 318 
TYR C   O    doub N N 319 
TYR C   OXT  sing N N 320 
TYR CB  CG   sing N N 321 
TYR CB  HB2  sing N N 322 
TYR CB  HB3  sing N N 323 
TYR CG  CD1  doub Y N 324 
TYR CG  CD2  sing Y N 325 
TYR CD1 CE1  sing Y N 326 
TYR CD1 HD1  sing N N 327 
TYR CD2 CE2  doub Y N 328 
TYR CD2 HD2  sing N N 329 
TYR CE1 CZ   doub Y N 330 
TYR CE1 HE1  sing N N 331 
TYR CE2 CZ   sing Y N 332 
TYR CE2 HE2  sing N N 333 
TYR CZ  OH   sing N N 334 
TYR OH  HH   sing N N 335 
TYR OXT HXT  sing N N 336 
VAL N   CA   sing N N 337 
VAL N   H    sing N N 338 
VAL N   H2   sing N N 339 
VAL CA  C    sing N N 340 
VAL CA  CB   sing N N 341 
VAL CA  HA   sing N N 342 
VAL C   O    doub N N 343 
VAL C   OXT  sing N N 344 
VAL CB  CG1  sing N N 345 
VAL CB  CG2  sing N N 346 
VAL CB  HB   sing N N 347 
VAL CG1 HG11 sing N N 348 
VAL CG1 HG12 sing N N 349 
VAL CG1 HG13 sing N N 350 
VAL CG2 HG21 sing N N 351 
VAL CG2 HG22 sing N N 352 
VAL CG2 HG23 sing N N 353 
VAL OXT HXT  sing N N 354 
# 
_atom_sites.entry_id                    1J7G 
_atom_sites.fract_transf_matrix[1][1]   0.00754917 
_atom_sites.fract_transf_matrix[1][2]   0.01635767 
_atom_sites.fract_transf_matrix[1][3]   -0.00066747 
_atom_sites.fract_transf_matrix[2][1]   -0.01543343 
_atom_sites.fract_transf_matrix[2][2]   0.00686558 
_atom_sites.fract_transf_matrix[2][3]   -0.00629936 
_atom_sites.fract_transf_matrix[3][1]   -0.00235298 
_atom_sites.fract_transf_matrix[3][2]   0.00138264 
_atom_sites.fract_transf_matrix[3][3]   0.00727173 
_atom_sites.fract_transf_vector[1]      0.294413 
_atom_sites.fract_transf_vector[2]      0.132720 
_atom_sites.fract_transf_vector[3]      0.055120 
# 
loop_
_atom_type.symbol 
C 
N 
O 
S 
# 
loop_
_atom_site.group_PDB 
_atom_site.id 
_atom_site.type_symbol 
_atom_site.label_atom_id 
_atom_site.label_alt_id 
_atom_site.label_comp_id 
_atom_site.label_asym_id 
_atom_site.label_entity_id 
_atom_site.label_seq_id 
_atom_site.pdbx_PDB_ins_code 
_atom_site.Cartn_x 
_atom_site.Cartn_y 
_atom_site.Cartn_z 
_atom_site.occupancy 
_atom_site.B_iso_or_equiv 
_atom_site.pdbx_formal_charge 
_atom_site.auth_seq_id 
_atom_site.auth_comp_id 
_atom_site.auth_asym_id 
_atom_site.auth_atom_id 
_atom_site.pdbx_PDB_model_num 
ATOM   1    N N   . MET A 1 1   ? -0.493  11.453  -3.279  1.00 16.62 ? 1   MET A N   1 
ATOM   2    C CA  . MET A 1 1   ? 0.003   10.115  -2.801  1.00 16.48 ? 1   MET A CA  1 
ATOM   3    C C   . MET A 1 1   ? -1.094  9.081   -3.082  1.00 14.53 ? 1   MET A C   1 
ATOM   4    O O   . MET A 1 1   ? -2.278  9.353   -2.952  1.00 17.14 ? 1   MET A O   1 
ATOM   5    C CB  . MET A 1 1   ? 0.320   10.164  -1.297  1.00 16.33 ? 1   MET A CB  1 
ATOM   6    C CG  . MET A 1 1   ? 1.186   8.991   -0.847  1.00 18.06 ? 1   MET A CG  1 
ATOM   7    S SD  . MET A 1 1   ? 1.746   9.205   0.906   1.00 22.85 ? 1   MET A SD  1 
ATOM   8    C CE  . MET A 1 1   ? 2.781   10.693  0.768   1.00 25.11 ? 1   MET A CE  1 
ATOM   9    N N   . ILE A 1 2   ? -0.665  7.893   -3.459  1.00 14.87 ? 2   ILE A N   1 
ATOM   10   C CA  . ILE A 1 2   ? -1.581  6.833   -3.836  1.00 14.80 ? 2   ILE A CA  1 
ATOM   11   C C   . ILE A 1 2   ? -1.350  5.583   -3.018  1.00 13.04 ? 2   ILE A C   1 
ATOM   12   O O   . ILE A 1 2   ? -0.211  5.162   -2.831  1.00 13.49 ? 2   ILE A O   1 
ATOM   13   C CB  . ILE A 1 2   ? -1.331  6.448   -5.317  1.00 11.03 ? 2   ILE A CB  1 
ATOM   14   C CG1 . ILE A 1 2   ? -1.600  7.671   -6.223  1.00 17.80 ? 2   ILE A CG1 1 
ATOM   15   C CG2 . ILE A 1 2   ? -2.238  5.302   -5.750  1.00 13.64 ? 2   ILE A CG2 1 
ATOM   16   C CD1 . ILE A 1 2   ? -0.556  7.790   -7.402  1.00 17.56 ? 2   ILE A CD1 1 
ATOM   17   N N   . ALA A 1 3   ? -2.432  4.994   -2.539  1.00 13.20 ? 3   ALA A N   1 
ATOM   18   C CA  . ALA A 1 3   ? -2.303  3.704   -1.868  1.00 12.57 ? 3   ALA A CA  1 
ATOM   19   C C   . ALA A 1 3   ? -3.250  2.785   -2.667  1.00 12.94 ? 3   ALA A C   1 
ATOM   20   O O   . ALA A 1 3   ? -4.466  2.902   -2.552  1.00 13.92 ? 3   ALA A O   1 
ATOM   21   C CB  . ALA A 1 3   ? -2.750  3.774   -0.411  1.00 11.37 ? 3   ALA A CB  1 
ATOM   22   N N   . LEU A 1 4   ? -2.698  1.887   -3.468  1.00 12.39 ? 4   LEU A N   1 
ATOM   23   C CA  . LEU A 1 4   ? -3.538  0.939   -4.206  1.00 12.71 ? 4   LEU A CA  1 
ATOM   24   C C   . LEU A 1 4   ? -3.578  -0.255  -3.256  1.00 12.40 ? 4   LEU A C   1 
ATOM   25   O O   . LEU A 1 4   ? -2.547  -0.885  -2.993  1.00 11.90 ? 4   LEU A O   1 
ATOM   26   C CB  . LEU A 1 4   ? -2.882  0.560   -5.535  1.00 13.19 ? 4   LEU A CB  1 
ATOM   27   C CG  . LEU A 1 4   ? -3.574  -0.627  -6.236  1.00 17.65 ? 4   LEU A CG  1 
ATOM   28   C CD1 . LEU A 1 4   ? -5.086  -0.284  -6.551  1.00 12.68 ? 4   LEU A CD1 1 
ATOM   29   C CD2 . LEU A 1 4   ? -2.788  -0.933  -7.507  1.00 19.18 ? 4   LEU A CD2 1 
ATOM   30   N N   . ILE A 1 5   ? -4.769  -0.548  -2.725  1.00 12.59 ? 5   ILE A N   1 
ATOM   31   C CA  . ILE A 1 5   ? -4.887  -1.631  -1.746  1.00 12.23 ? 5   ILE A CA  1 
ATOM   32   C C   . ILE A 1 5   ? -5.604  -2.857  -2.254  1.00 13.21 ? 5   ILE A C   1 
ATOM   33   O O   . ILE A 1 5   ? -6.527  -2.763  -3.054  1.00 14.62 ? 5   ILE A O   1 
ATOM   34   C CB  . ILE A 1 5   ? -5.572  -1.151  -0.426  1.00 12.85 ? 5   ILE A CB  1 
ATOM   35   C CG1 . ILE A 1 5   ? -7.052  -0.749  -0.651  1.00 11.90 ? 5   ILE A CG1 1 
ATOM   36   C CG2 . ILE A 1 5   ? -4.814  0.080   0.099   1.00 13.36 ? 5   ILE A CG2 1 
ATOM   37   C CD1 . ILE A 1 5   ? -7.716  -0.133  0.634   1.00 16.67 ? 5   ILE A CD1 1 
ATOM   38   N N   . GLN A 1 6   ? -5.083  -4.013  -1.848  1.00 9.91  ? 6   GLN A N   1 
ATOM   39   C CA  . GLN A 1 6   ? -5.712  -5.294  -2.213  1.00 9.01  ? 6   GLN A CA  1 
ATOM   40   C C   . GLN A 1 6   ? -5.968  -6.028  -0.926  1.00 15.50 ? 6   GLN A C   1 
ATOM   41   O O   . GLN A 1 6   ? -5.079  -6.135  -0.079  1.00 13.56 ? 6   GLN A O   1 
ATOM   42   C CB  . GLN A 1 6   ? -4.796  -6.125  -3.142  1.00 10.51 ? 6   GLN A CB  1 
ATOM   43   C CG  . GLN A 1 6   ? -4.706  -5.504  -4.556  1.00 9.45  ? 6   GLN A CG  1 
ATOM   44   C CD  . GLN A 1 6   ? -3.754  -6.254  -5.475  1.00 13.45 ? 6   GLN A CD  1 
ATOM   45   O OE1 . GLN A 1 6   ? -4.114  -7.254  -6.099  1.00 10.86 ? 6   GLN A OE1 1 
ATOM   46   N NE2 . GLN A 1 6   ? -2.492  -5.773  -5.538  1.00 13.23 ? 6   GLN A NE2 1 
ATOM   47   N N   . ARG A 1 7   ? -7.197  -6.527  -0.768  1.00 14.81 ? 7   ARG A N   1 
ATOM   48   C CA  . ARG A 1 7   ? -7.562  -7.270  0.435   1.00 13.40 ? 7   ARG A CA  1 
ATOM   49   C C   . ARG A 1 7   ? -6.970  -8.662  0.289   1.00 16.36 ? 7   ARG A C   1 
ATOM   50   O O   . ARG A 1 7   ? -7.258  -9.351  -0.696  1.00 15.29 ? 7   ARG A O   1 
ATOM   51   C CB  . ARG A 1 7   ? -9.098  -7.344  0.555   1.00 12.23 ? 7   ARG A CB  1 
ATOM   52   C CG  . ARG A 1 7   ? -9.525  -8.042  1.811   1.00 14.50 ? 7   ARG A CG  1 
ATOM   53   C CD  . ARG A 1 7   ? -11.042 -7.943  1.941   1.00 15.19 ? 7   ARG A CD  1 
ATOM   54   N NE  . ARG A 1 7   ? -11.711 -8.847  1.011   1.00 17.37 ? 7   ARG A NE  1 
ATOM   55   C CZ  . ARG A 1 7   ? -13.041 -8.946  0.917   1.00 26.52 ? 7   ARG A CZ  1 
ATOM   56   N NH1 . ARG A 1 7   ? -13.820 -8.163  1.672   1.00 17.50 ? 7   ARG A NH1 1 
ATOM   57   N NH2 . ARG A 1 7   ? -13.602 -9.905  0.167   1.00 18.68 ? 7   ARG A NH2 1 
ATOM   58   N N   . VAL A 1 8   ? -6.144  -9.078  1.260   1.00 12.72 ? 8   VAL A N   1 
ATOM   59   C CA  . VAL A 1 8   ? -5.516  -10.380 1.148   1.00 13.13 ? 8   VAL A CA  1 
ATOM   60   C C   . VAL A 1 8   ? -5.728  -11.277 2.360   1.00 15.78 ? 8   VAL A C   1 
ATOM   61   O O   . VAL A 1 8   ? -6.021  -10.814 3.471   1.00 13.96 ? 8   VAL A O   1 
ATOM   62   C CB  . VAL A 1 8   ? -3.991  -10.260 0.982   1.00 13.11 ? 8   VAL A CB  1 
ATOM   63   C CG1 . VAL A 1 8   ? -3.666  -9.369  -0.237  1.00 15.69 ? 8   VAL A CG1 1 
ATOM   64   C CG2 . VAL A 1 8   ? -3.378  -9.638  2.250   1.00 13.03 ? 8   VAL A CG2 1 
ATOM   65   N N   . SER A 1 9   ? -5.579  -12.568 2.094   1.00 14.03 ? 9   SER A N   1 
ATOM   66   C CA  . SER A 1 9   ? -5.671  -13.573 3.136   1.00 15.99 ? 9   SER A CA  1 
ATOM   67   C C   . SER A 1 9   ? -4.225  -13.809 3.606   1.00 21.10 ? 9   SER A C   1 
ATOM   68   O O   . SER A 1 9   ? -3.982  -14.275 4.731   1.00 17.66 ? 9   SER A O   1 
ATOM   69   C CB  . SER A 1 9   ? -6.286  -14.853 2.571   1.00 21.53 ? 9   SER A CB  1 
ATOM   70   O OG  . SER A 1 9   ? -5.552  -15.367 1.461   1.00 21.50 ? 9   SER A OG  1 
ATOM   71   N N   . GLN A 1 10  ? -3.258  -13.429 2.762   1.00 16.10 ? 10  GLN A N   1 
ATOM   72   C CA  . GLN A 1 10  ? -1.848  -13.594 3.091   1.00 15.55 ? 10  GLN A CA  1 
ATOM   73   C C   . GLN A 1 10  ? -1.049  -12.902 1.977   1.00 17.42 ? 10  GLN A C   1 
ATOM   74   O O   . GLN A 1 10  ? -1.527  -12.808 0.838   1.00 13.87 ? 10  GLN A O   1 
ATOM   75   C CB  . GLN A 1 10  ? -1.487  -15.092 3.078   1.00 23.54 ? 10  GLN A CB  1 
ATOM   76   C CG  . GLN A 1 10  ? -1.814  -15.747 1.730   1.00 24.80 ? 10  GLN A CG  1 
ATOM   77   C CD  . GLN A 1 10  ? -1.639  -17.250 1.725   1.00 44.83 ? 10  GLN A CD  1 
ATOM   78   O OE1 . GLN A 1 10  ? -1.016  -17.815 2.617   1.00 34.65 ? 10  GLN A OE1 1 
ATOM   79   N NE2 . GLN A 1 10  ? -2.184  -17.906 0.700   1.00 48.15 ? 10  GLN A NE2 1 
ATOM   80   N N   . ALA A 1 11  ? 0.150   -12.438 2.306   1.00 16.72 ? 11  ALA A N   1 
ATOM   81   C CA  . ALA A 1 11  ? 1.022   -11.832 1.292   1.00 14.83 ? 11  ALA A CA  1 
ATOM   82   C C   . ALA A 1 11  ? 2.448   -11.810 1.812   1.00 18.97 ? 11  ALA A C   1 
ATOM   83   O O   . ALA A 1 11  ? 2.670   -11.825 3.017   1.00 15.56 ? 11  ALA A O   1 
ATOM   84   C CB  . ALA A 1 11  ? 0.611   -10.412 0.956   1.00 14.25 ? 11  ALA A CB  1 
ATOM   85   N N   . LYS A 1 12  ? 3.405   -11.743 0.892   1.00 15.00 ? 12  LYS A N   1 
ATOM   86   C CA  . LYS A 1 12  ? 4.795   -11.665 1.295   1.00 18.94 ? 12  LYS A CA  1 
ATOM   87   C C   . LYS A 1 12  ? 5.643   -10.985 0.230   1.00 18.92 ? 12  LYS A C   1 
ATOM   88   O O   . LYS A 1 12  ? 5.256   -10.904 -0.940  1.00 17.13 ? 12  LYS A O   1 
ATOM   89   C CB  . LYS A 1 12  ? 5.358   -13.065 1.569   1.00 22.36 ? 12  LYS A CB  1 
ATOM   90   C CG  . LYS A 1 12  ? 5.486   -13.910 0.324   1.00 19.90 ? 12  LYS A CG  1 
ATOM   91   C CD  . LYS A 1 12  ? 6.342   -15.167 0.573   1.00 20.77 ? 12  LYS A CD  1 
ATOM   92   C CE  . LYS A 1 12  ? 6.494   -15.916 -0.756  1.00 28.16 ? 12  LYS A CE  1 
ATOM   93   N NZ  . LYS A 1 12  ? 7.397   -17.088 -0.710  1.00 41.83 ? 12  LYS A NZ  1 
ATOM   94   N N   . VAL A 1 13  ? 6.794   -10.480 0.649   1.00 16.67 ? 13  VAL A N   1 
ATOM   95   C CA  . VAL A 1 13  ? 7.730   -9.841  -0.278  1.00 15.92 ? 13  VAL A CA  1 
ATOM   96   C C   . VAL A 1 13  ? 9.055   -10.594 -0.209  1.00 20.37 ? 13  VAL A C   1 
ATOM   97   O O   . VAL A 1 13  ? 9.621   -10.737 0.866   1.00 22.86 ? 13  VAL A O   1 
ATOM   98   C CB  . VAL A 1 13  ? 8.014   -8.361  0.083   1.00 22.05 ? 13  VAL A CB  1 
ATOM   99   C CG1 . VAL A 1 13  ? 9.044   -7.759  -0.912  1.00 17.30 ? 13  VAL A CG1 1 
ATOM   100  C CG2 . VAL A 1 13  ? 6.715   -7.551  0.028   1.00 23.64 ? 13  VAL A CG2 1 
ATOM   101  N N   . ASP A 1 14  ? 9.524   -11.072 -1.358  1.00 18.08 ? 14  ASP A N   1 
ATOM   102  C CA  . ASP A 1 14  ? 10.806  -11.791 -1.430  1.00 23.40 ? 14  ASP A CA  1 
ATOM   103  C C   . ASP A 1 14  ? 11.797  -10.907 -2.166  1.00 28.60 ? 14  ASP A C   1 
ATOM   104  O O   . ASP A 1 14  ? 11.450  -10.193 -3.115  1.00 22.95 ? 14  ASP A O   1 
ATOM   105  C CB  . ASP A 1 14  ? 10.685  -13.115 -2.198  1.00 20.77 ? 14  ASP A CB  1 
ATOM   106  C CG  . ASP A 1 14  ? 9.849   -14.154 -1.483  1.00 29.85 ? 14  ASP A CG  1 
ATOM   107  O OD1 . ASP A 1 14  ? 9.656   -14.027 -0.245  1.00 28.51 ? 14  ASP A OD1 1 
ATOM   108  O OD2 . ASP A 1 14  ? 9.394   -15.100 -2.174  1.00 33.44 ? 14  ASP A OD2 1 
ATOM   109  N N   . VAL A 1 15  ? 13.046  -10.922 -1.720  1.00 22.65 ? 15  VAL A N   1 
ATOM   110  C CA  . VAL A 1 15  ? 14.055  -10.141 -2.400  1.00 22.10 ? 15  VAL A CA  1 
ATOM   111  C C   . VAL A 1 15  ? 15.196  -11.136 -2.587  1.00 31.56 ? 15  VAL A C   1 
ATOM   112  O O   . VAL A 1 15  ? 15.685  -11.682 -1.614  1.00 27.63 ? 15  VAL A O   1 
ATOM   113  C CB  . VAL A 1 15  ? 14.545  -8.954  -1.564  1.00 24.13 ? 15  VAL A CB  1 
ATOM   114  C CG1 . VAL A 1 15  ? 15.844  -8.392  -2.183  1.00 30.83 ? 15  VAL A CG1 1 
ATOM   115  C CG2 . VAL A 1 15  ? 13.515  -7.849  -1.551  1.00 21.07 ? 15  VAL A CG2 1 
ATOM   116  N N   . LYS A 1 16  ? 15.581  -11.396 -3.833  1.00 32.28 ? 16  LYS A N   1 
ATOM   117  C CA  . LYS A 1 16  ? 16.665  -12.333 -4.115  1.00 36.74 ? 16  LYS A CA  1 
ATOM   118  C C   . LYS A 1 16  ? 16.445  -13.706 -3.473  1.00 39.12 ? 16  LYS A C   1 
ATOM   119  O O   . LYS A 1 16  ? 17.360  -14.264 -2.863  1.00 34.67 ? 16  LYS A O   1 
ATOM   120  C CB  . LYS A 1 16  ? 18.001  -11.745 -3.630  1.00 39.58 ? 16  LYS A CB  1 
ATOM   121  C CG  . LYS A 1 16  ? 18.379  -10.434 -4.298  1.00 49.76 ? 16  LYS A CG  1 
ATOM   122  C CD  . LYS A 1 16  ? 19.686  -9.876  -3.740  1.00 59.63 ? 16  LYS A CD  1 
ATOM   123  C CE  . LYS A 1 16  ? 20.000  -8.505  -4.324  1.00 62.09 ? 16  LYS A CE  1 
ATOM   124  N NZ  . LYS A 1 16  ? 20.122  -8.552  -5.810  1.00 69.38 ? 16  LYS A NZ  1 
ATOM   125  N N   . GLY A 1 17  ? 15.230  -14.229 -3.610  1.00 28.77 ? 17  GLY A N   1 
ATOM   126  C CA  . GLY A 1 17  ? 14.881  -15.540 -3.086  1.00 27.21 ? 17  GLY A CA  1 
ATOM   127  C C   . GLY A 1 17  ? 14.594  -15.649 -1.596  1.00 28.12 ? 17  GLY A C   1 
ATOM   128  O O   . GLY A 1 17  ? 14.247  -16.731 -1.118  1.00 38.81 ? 17  GLY A O   1 
ATOM   129  N N   . GLU A 1 18  ? 14.729  -14.545 -0.871  1.00 31.34 ? 18  GLU A N   1 
ATOM   130  C CA  . GLU A 1 18  ? 14.466  -14.551 0.562   1.00 36.19 ? 18  GLU A CA  1 
ATOM   131  C C   . GLU A 1 18  ? 13.274  -13.688 0.960   1.00 25.64 ? 18  GLU A C   1 
ATOM   132  O O   . GLU A 1 18  ? 13.173  -12.523 0.575   1.00 25.86 ? 18  GLU A O   1 
ATOM   133  C CB  . GLU A 1 18  ? 15.701  -14.079 1.321   1.00 37.86 ? 18  GLU A CB  1 
ATOM   134  C CG  . GLU A 1 18  ? 16.862  -15.037 1.184   1.00 50.76 ? 18  GLU A CG  1 
ATOM   135  C CD  . GLU A 1 18  ? 18.057  -14.625 2.009   1.00 58.54 ? 18  GLU A CD  1 
ATOM   136  O OE1 . GLU A 1 18  ? 17.949  -14.610 3.253   1.00 54.11 ? 18  GLU A OE1 1 
ATOM   137  O OE2 . GLU A 1 18  ? 19.107  -14.310 1.411   1.00 68.47 ? 18  GLU A OE2 1 
ATOM   138  N N   . THR A 1 19  ? 12.392  -14.260 1.765   1.00 26.55 ? 19  THR A N   1 
ATOM   139  C CA  . THR A 1 19  ? 11.228  -13.503 2.215   1.00 18.68 ? 19  THR A CA  1 
ATOM   140  C C   . THR A 1 19  ? 11.658  -12.431 3.222   1.00 23.45 ? 19  THR A C   1 
ATOM   141  O O   . THR A 1 19  ? 12.246  -12.753 4.260   1.00 29.28 ? 19  THR A O   1 
ATOM   142  C CB  . THR A 1 19  ? 10.190  -14.439 2.841   1.00 17.50 ? 19  THR A CB  1 
ATOM   143  O OG1 . THR A 1 19  ? 9.880   -15.488 1.917   1.00 25.07 ? 19  THR A OG1 1 
ATOM   144  C CG2 . THR A 1 19  ? 8.880   -13.663 3.178   1.00 21.47 ? 19  THR A CG2 1 
ATOM   145  N N   . ILE A 1 20  ? 11.396  -11.149 2.931   1.00 20.07 ? 20  ILE A N   1 
ATOM   146  C CA  . ILE A 1 20  ? 11.780  -10.077 3.843   1.00 17.22 ? 20  ILE A CA  1 
ATOM   147  C C   . ILE A 1 20  ? 10.624  -9.448  4.595   1.00 24.73 ? 20  ILE A C   1 
ATOM   148  O O   . ILE A 1 20  ? 10.831  -8.618  5.454   1.00 21.51 ? 20  ILE A O   1 
ATOM   149  C CB  . ILE A 1 20  ? 12.561  -8.903  3.148   1.00 21.45 ? 20  ILE A CB  1 
ATOM   150  C CG1 . ILE A 1 20  ? 11.697  -8.219  2.055   1.00 19.92 ? 20  ILE A CG1 1 
ATOM   151  C CG2 . ILE A 1 20  ? 13.863  -9.438  2.574   1.00 28.11 ? 20  ILE A CG2 1 
ATOM   152  C CD1 . ILE A 1 20  ? 12.220  -6.868  1.631   1.00 23.03 ? 20  ILE A CD1 1 
ATOM   153  N N   . GLY A 1 21  ? 9.404   -9.845  4.256   1.00 22.45 ? 21  GLY A N   1 
ATOM   154  C CA  . GLY A 1 21  ? 8.252   -9.278  4.942   1.00 19.70 ? 21  GLY A CA  1 
ATOM   155  C C   . GLY A 1 21  ? 7.055   -10.110 4.586   1.00 22.13 ? 21  GLY A C   1 
ATOM   156  O O   . GLY A 1 21  ? 6.947   -10.571 3.462   1.00 19.09 ? 21  GLY A O   1 
ATOM   157  N N   . LYS A 1 22  ? 6.169   -10.361 5.544   1.00 19.95 ? 22  LYS A N   1 
ATOM   158  C CA  . LYS A 1 22  ? 4.996   -11.145 5.226   1.00 15.94 ? 22  LYS A CA  1 
ATOM   159  C C   . LYS A 1 22  ? 3.877   -10.777 6.187   1.00 22.23 ? 22  LYS A C   1 
ATOM   160  O O   . LYS A 1 22  ? 4.133   -10.205 7.264   1.00 20.66 ? 22  LYS A O   1 
ATOM   161  C CB  . LYS A 1 22  ? 5.281   -12.643 5.322   1.00 19.21 ? 22  LYS A CB  1 
ATOM   162  C CG  . LYS A 1 22  ? 5.758   -13.061 6.687   1.00 24.02 ? 22  LYS A CG  1 
ATOM   163  C CD  . LYS A 1 22  ? 5.886   -14.566 6.810   1.00 31.59 ? 22  LYS A CD  1 
ATOM   164  C CE  . LYS A 1 22  ? 6.316   -14.922 8.218   1.00 40.05 ? 22  LYS A CE  1 
ATOM   165  N NZ  . LYS A 1 22  ? 6.435   -16.386 8.420   1.00 46.33 ? 22  LYS A NZ  1 
ATOM   166  N N   . ILE A 1 23  ? 2.646   -11.070 5.775   1.00 16.61 ? 23  ILE A N   1 
ATOM   167  C CA  . ILE A 1 23  ? 1.493   -10.837 6.605   1.00 19.00 ? 23  ILE A CA  1 
ATOM   168  C C   . ILE A 1 23  ? 0.472   -11.929 6.353   1.00 16.38 ? 23  ILE A C   1 
ATOM   169  O O   . ILE A 1 23  ? 0.535   -12.686 5.363   1.00 16.18 ? 23  ILE A O   1 
ATOM   170  C CB  . ILE A 1 23  ? 0.804   -9.479  6.301   1.00 14.42 ? 23  ILE A CB  1 
ATOM   171  C CG1 . ILE A 1 23  ? 0.302   -9.472  4.863   1.00 12.83 ? 23  ILE A CG1 1 
ATOM   172  C CG2 . ILE A 1 23  ? 1.774   -8.315  6.585   1.00 15.61 ? 23  ILE A CG2 1 
ATOM   173  C CD1 . ILE A 1 23  ? -0.795  -8.337  4.653   1.00 17.26 ? 23  ILE A CD1 1 
ATOM   174  N N   . GLY A 1 24  ? -0.478  -12.005 7.276   1.00 17.45 ? 24  GLY A N   1 
ATOM   175  C CA  . GLY A 1 24  ? -1.588  -12.932 7.166   1.00 14.93 ? 24  GLY A CA  1 
ATOM   176  C C   . GLY A 1 24  ? -2.727  -12.085 6.592   1.00 16.97 ? 24  GLY A C   1 
ATOM   177  O O   . GLY A 1 24  ? -2.522  -11.339 5.628   1.00 19.68 ? 24  GLY A O   1 
ATOM   178  N N   . LYS A 1 25  ? -3.905  -12.170 7.190   1.00 14.85 ? 25  LYS A N   1 
ATOM   179  C CA  . LYS A 1 25  ? -5.057  -11.377 6.736   1.00 14.83 ? 25  LYS A CA  1 
ATOM   180  C C   . LYS A 1 25  ? -4.728  -9.886  6.819   1.00 19.64 ? 25  LYS A C   1 
ATOM   181  O O   . LYS A 1 25  ? -4.145  -9.418  7.805   1.00 13.25 ? 25  LYS A O   1 
ATOM   182  C CB  . LYS A 1 25  ? -6.259  -11.680 7.646   1.00 21.56 ? 25  LYS A CB  1 
ATOM   183  C CG  . LYS A 1 25  ? -7.510  -10.880 7.378   1.00 29.98 ? 25  LYS A CG  1 
ATOM   184  C CD  . LYS A 1 25  ? -8.600  -11.216 8.424   1.00 31.53 ? 25  LYS A CD  1 
ATOM   185  C CE  . LYS A 1 25  ? -9.915  -10.481 8.102   1.00 47.21 ? 25  LYS A CE  1 
ATOM   186  N NZ  . LYS A 1 25  ? -11.011 -10.664 9.113   1.00 48.16 ? 25  LYS A NZ  1 
ATOM   187  N N   . GLY A 1 26  ? -5.097  -9.134  5.782   1.00 14.09 ? 26  GLY A N   1 
ATOM   188  C CA  . GLY A 1 26  ? -4.837  -7.707  5.825   1.00 15.69 ? 26  GLY A CA  1 
ATOM   189  C C   . GLY A 1 26  ? -4.928  -7.073  4.454   1.00 15.32 ? 26  GLY A C   1 
ATOM   190  O O   . GLY A 1 26  ? -5.752  -7.468  3.602   1.00 12.84 ? 26  GLY A O   1 
ATOM   191  N N   . LEU A 1 27  ? -4.059  -6.094  4.241   1.00 13.36 ? 27  LEU A N   1 
ATOM   192  C CA  . LEU A 1 27  ? -4.037  -5.398  2.976   1.00 9.57  ? 27  LEU A CA  1 
ATOM   193  C C   . LEU A 1 27  ? -2.608  -5.327  2.439   1.00 13.69 ? 27  LEU A C   1 
ATOM   194  O O   . LEU A 1 27  ? -1.703  -4.989  3.181   1.00 15.25 ? 27  LEU A O   1 
ATOM   195  C CB  . LEU A 1 27  ? -4.474  -3.940  3.152   1.00 12.26 ? 27  LEU A CB  1 
ATOM   196  C CG  . LEU A 1 27  ? -5.884  -3.691  3.733   1.00 10.73 ? 27  LEU A CG  1 
ATOM   197  C CD1 . LEU A 1 27  ? -6.148  -2.180  3.952   1.00 12.85 ? 27  LEU A CD1 1 
ATOM   198  C CD2 . LEU A 1 27  ? -6.941  -4.319  2.773   1.00 11.15 ? 27  LEU A CD2 1 
ATOM   199  N N   . LEU A 1 28  ? -2.454  -5.579  1.145   1.00 12.74 ? 28  LEU A N   1 
ATOM   200  C CA  . LEU A 1 28  ? -1.172  -5.318  0.483   1.00 13.42 ? 28  LEU A CA  1 
ATOM   201  C C   . LEU A 1 28  ? -1.392  -3.868  0.029   1.00 14.72 ? 28  LEU A C   1 
ATOM   202  O O   . LEU A 1 28  ? -2.357  -3.557  -0.697  1.00 11.45 ? 28  LEU A O   1 
ATOM   203  C CB  . LEU A 1 28  ? -0.964  -6.165  -0.766  1.00 10.87 ? 28  LEU A CB  1 
ATOM   204  C CG  . LEU A 1 28  ? 0.185   -5.648  -1.665  1.00 12.62 ? 28  LEU A CG  1 
ATOM   205  C CD1 . LEU A 1 28  ? 1.572   -5.812  -0.972  1.00 15.20 ? 28  LEU A CD1 1 
ATOM   206  C CD2 . LEU A 1 28  ? 0.153   -6.454  -2.936  1.00 12.19 ? 28  LEU A CD2 1 
ATOM   207  N N   . VAL A 1 29  ? -0.510  -2.983  0.469   1.00 13.22 ? 29  VAL A N   1 
ATOM   208  C CA  . VAL A 1 29  ? -0.639  -1.568  0.132   1.00 12.38 ? 29  VAL A CA  1 
ATOM   209  C C   . VAL A 1 29  ? 0.512   -1.184  -0.781  1.00 16.40 ? 29  VAL A C   1 
ATOM   210  O O   . VAL A 1 29  ? 1.651   -1.144  -0.347  1.00 16.51 ? 29  VAL A O   1 
ATOM   211  C CB  . VAL A 1 29  ? -0.602  -0.713  1.416   1.00 13.10 ? 29  VAL A CB  1 
ATOM   212  C CG1 . VAL A 1 29  ? -0.745  0.795   1.083   1.00 15.10 ? 29  VAL A CG1 1 
ATOM   213  C CG2 . VAL A 1 29  ? -1.721  -1.183  2.368   1.00 16.51 ? 29  VAL A CG2 1 
ATOM   214  N N   . LEU A 1 30  ? 0.219   -0.977  -2.070  1.00 12.64 ? 30  LEU A N   1 
ATOM   215  C CA  . LEU A 1 30  ? 1.243   -0.541  -3.027  1.00 12.78 ? 30  LEU A CA  1 
ATOM   216  C C   . LEU A 1 30  ? 1.169   0.972   -2.874  1.00 12.58 ? 30  LEU A C   1 
ATOM   217  O O   . LEU A 1 30  ? 0.101   1.583   -3.009  1.00 12.46 ? 30  LEU A O   1 
ATOM   218  C CB  . LEU A 1 30  ? 0.881   -0.993  -4.444  1.00 11.83 ? 30  LEU A CB  1 
ATOM   219  C CG  . LEU A 1 30  ? 1.049   -2.516  -4.555  1.00 13.57 ? 30  LEU A CG  1 
ATOM   220  C CD1 . LEU A 1 30  ? 0.457   -3.044  -5.869  1.00 12.96 ? 30  LEU A CD1 1 
ATOM   221  C CD2 . LEU A 1 30  ? 2.565   -2.873  -4.459  1.00 14.65 ? 30  LEU A CD2 1 
ATOM   222  N N   . LEU A 1 31  ? 2.314   1.594   -2.593  1.00 13.33 ? 31  LEU A N   1 
ATOM   223  C CA  . LEU A 1 31  ? 2.339   3.013   -2.269  1.00 11.94 ? 31  LEU A CA  1 
ATOM   224  C C   . LEU A 1 31  ? 3.067   3.836   -3.309  1.00 12.80 ? 31  LEU A C   1 
ATOM   225  O O   . LEU A 1 31  ? 4.237   3.572   -3.564  1.00 17.02 ? 31  LEU A O   1 
ATOM   226  C CB  . LEU A 1 31  ? 3.044   3.195   -0.901  1.00 14.13 ? 31  LEU A CB  1 
ATOM   227  C CG  . LEU A 1 31  ? 3.001   4.638   -0.372  1.00 15.43 ? 31  LEU A CG  1 
ATOM   228  C CD1 . LEU A 1 31  ? 1.578   4.913   0.201   1.00 15.89 ? 31  LEU A CD1 1 
ATOM   229  C CD2 . LEU A 1 31  ? 4.056   4.854   0.740   1.00 18.02 ? 31  LEU A CD2 1 
ATOM   230  N N   . GLY A 1 32  ? 2.371   4.840   -3.863  1.00 12.51 ? 32  GLY A N   1 
ATOM   231  C CA  . GLY A 1 32  ? 2.951   5.697   -4.902  1.00 14.49 ? 32  GLY A CA  1 
ATOM   232  C C   . GLY A 1 32  ? 3.079   7.120   -4.398  1.00 14.73 ? 32  GLY A C   1 
ATOM   233  O O   . GLY A 1 32  ? 2.096   7.755   -4.033  1.00 15.69 ? 32  GLY A O   1 
ATOM   234  N N   . VAL A 1 33  ? 4.301   7.624   -4.390  1.00 16.23 ? 33  VAL A N   1 
ATOM   235  C CA  . VAL A 1 33  ? 4.557   8.977   -3.889  1.00 15.76 ? 33  VAL A CA  1 
ATOM   236  C C   . VAL A 1 33  ? 4.710   9.910   -5.092  1.00 17.88 ? 33  VAL A C   1 
ATOM   237  O O   . VAL A 1 33  ? 5.465   9.623   -6.000  1.00 17.37 ? 33  VAL A O   1 
ATOM   238  C CB  . VAL A 1 33  ? 5.826   8.998   -2.978  1.00 15.52 ? 33  VAL A CB  1 
ATOM   239  C CG1 . VAL A 1 33  ? 6.012   10.396  -2.388  1.00 18.79 ? 33  VAL A CG1 1 
ATOM   240  C CG2 . VAL A 1 33  ? 5.663   7.983   -1.832  1.00 18.45 ? 33  VAL A CG2 1 
ATOM   241  N N   . GLU A 1 34  ? 3.946   10.990  -5.062  1.00 18.82 ? 34  GLU A N   1 
ATOM   242  C CA  . GLU A 1 34  ? 3.910   11.979  -6.134  1.00 24.52 ? 34  GLU A CA  1 
ATOM   243  C C   . GLU A 1 34  ? 4.641   13.255  -5.747  1.00 29.17 ? 34  GLU A C   1 
ATOM   244  O O   . GLU A 1 34  ? 4.996   13.457  -4.578  1.00 24.74 ? 34  GLU A O   1 
ATOM   245  C CB  . GLU A 1 34  ? 2.454   12.317  -6.454  1.00 18.39 ? 34  GLU A CB  1 
ATOM   246  C CG  . GLU A 1 34  ? 1.584   11.098  -6.701  1.00 23.39 ? 34  GLU A CG  1 
ATOM   247  C CD  . GLU A 1 34  ? 0.129   11.433  -6.986  1.00 26.44 ? 34  GLU A CD  1 
ATOM   248  O OE1 . GLU A 1 34  ? -0.217  11.664  -8.157  1.00 26.34 ? 34  GLU A OE1 1 
ATOM   249  O OE2 . GLU A 1 34  ? -0.683  11.463  -6.041  1.00 19.64 ? 34  GLU A OE2 1 
ATOM   250  N N   . LYS A 1 35  ? 4.898   14.097  -6.747  1.00 24.21 ? 35  LYS A N   1 
ATOM   251  C CA  . LYS A 1 35  ? 5.529   15.378  -6.480  1.00 34.66 ? 35  LYS A CA  1 
ATOM   252  C C   . LYS A 1 35  ? 4.461   16.122  -5.716  1.00 28.36 ? 35  LYS A C   1 
ATOM   253  O O   . LYS A 1 35  ? 3.265   15.921  -5.948  1.00 46.81 ? 35  LYS A O   1 
ATOM   254  C CB  . LYS A 1 35  ? 5.817   16.115  -7.793  1.00 37.24 ? 35  LYS A CB  1 
ATOM   255  C CG  . LYS A 1 35  ? 6.951   15.527  -8.566  1.00 45.16 ? 35  LYS A CG  1 
ATOM   256  C CD  . LYS A 1 35  ? 6.915   16.005  -10.005 1.00 61.60 ? 35  LYS A CD  1 
ATOM   257  C CE  . LYS A 1 35  ? 6.714   17.508  -10.098 1.00 64.21 ? 35  LYS A CE  1 
ATOM   258  N NZ  . LYS A 1 35  ? 6.640   17.990  -11.512 1.00 74.06 ? 35  LYS A NZ  1 
ATOM   259  N N   . GLU A 1 36  ? 4.871   16.979  -4.806  1.00 34.76 ? 36  GLU A N   1 
ATOM   260  C CA  . GLU A 1 36  ? 3.893   17.726  -4.032  1.00 34.65 ? 36  GLU A CA  1 
ATOM   261  C C   . GLU A 1 36  ? 3.394   16.920  -2.843  1.00 25.09 ? 36  GLU A C   1 
ATOM   262  O O   . GLU A 1 36  ? 2.605   17.441  -2.062  1.00 30.12 ? 36  GLU A O   1 
ATOM   263  C CB  . GLU A 1 36  ? 2.676   18.135  -4.875  1.00 32.08 ? 36  GLU A CB  1 
ATOM   264  C CG  . GLU A 1 36  ? 2.979   18.869  -6.187  1.00 51.21 ? 36  GLU A CG  1 
ATOM   265  C CD  . GLU A 1 36  ? 3.673   20.195  -5.977  1.00 59.23 ? 36  GLU A CD  1 
ATOM   266  O OE1 . GLU A 1 36  ? 3.129   21.037  -5.229  1.00 68.08 ? 36  GLU A OE1 1 
ATOM   267  O OE2 . GLU A 1 36  ? 4.762   20.397  -6.562  1.00 65.33 ? 36  GLU A OE2 1 
ATOM   268  N N   . ASP A 1 37  ? 3.805   15.657  -2.699  1.00 21.16 ? 37  ASP A N   1 
ATOM   269  C CA  . ASP A 1 37  ? 3.314   14.957  -1.502  1.00 22.63 ? 37  ASP A CA  1 
ATOM   270  C C   . ASP A 1 37  ? 4.089   15.507  -0.298  1.00 30.69 ? 37  ASP A C   1 
ATOM   271  O O   . ASP A 1 37  ? 5.172   16.080  -0.450  1.00 26.94 ? 37  ASP A O   1 
ATOM   272  C CB  . ASP A 1 37  ? 3.525   13.443  -1.588  1.00 18.89 ? 37  ASP A CB  1 
ATOM   273  C CG  . ASP A 1 37  ? 2.412   12.740  -2.343  1.00 19.05 ? 37  ASP A CG  1 
ATOM   274  O OD1 . ASP A 1 37  ? 1.348   13.355  -2.556  1.00 19.73 ? 37  ASP A OD1 1 
ATOM   275  O OD2 . ASP A 1 37  ? 2.640   11.566  -2.709  1.00 19.26 ? 37  ASP A OD2 1 
ATOM   276  N N   . ASN A 1 38  ? 3.531   15.330  0.894   1.00 23.76 ? 38  ASN A N   1 
ATOM   277  C CA  . ASN A 1 38  ? 4.188   15.794  2.108   1.00 30.19 ? 38  ASN A CA  1 
ATOM   278  C C   . ASN A 1 38  ? 3.666   14.962  3.252   1.00 32.14 ? 38  ASN A C   1 
ATOM   279  O O   . ASN A 1 38  ? 2.779   14.139  3.041   1.00 25.11 ? 38  ASN A O   1 
ATOM   280  C CB  . ASN A 1 38  ? 3.908   17.282  2.340   1.00 22.25 ? 38  ASN A CB  1 
ATOM   281  C CG  . ASN A 1 38  ? 2.445   17.631  2.261   1.00 26.40 ? 38  ASN A CG  1 
ATOM   282  O OD1 . ASN A 1 38  ? 2.082   18.658  1.680   1.00 33.92 ? 38  ASN A OD1 1 
ATOM   283  N ND2 . ASN A 1 38  ? 1.579   16.794  2.850   1.00 26.45 ? 38  ASN A ND2 1 
ATOM   284  N N   . ARG A 1 39  ? 4.219   15.164  4.450   1.00 24.19 ? 39  ARG A N   1 
ATOM   285  C CA  . ARG A 1 39  ? 3.789   14.392  5.609   1.00 29.63 ? 39  ARG A CA  1 
ATOM   286  C C   . ARG A 1 39  ? 2.297   14.503  5.872   1.00 25.77 ? 39  ARG A C   1 
ATOM   287  O O   . ARG A 1 39  ? 1.675   13.550  6.334   1.00 28.03 ? 39  ARG A O   1 
ATOM   288  C CB  . ARG A 1 39  ? 4.563   14.818  6.862   1.00 24.20 ? 39  ARG A CB  1 
ATOM   289  C CG  . ARG A 1 39  ? 6.006   14.430  6.810   1.00 40.28 ? 39  ARG A CG  1 
ATOM   290  C CD  . ARG A 1 39  ? 6.764   14.913  8.033   1.00 41.57 ? 39  ARG A CD  1 
ATOM   291  N NE  . ARG A 1 39  ? 8.204   14.895  7.801   1.00 57.60 ? 39  ARG A NE  1 
ATOM   292  C CZ  . ARG A 1 39  ? 8.916   13.790  7.597   1.00 53.14 ? 39  ARG A CZ  1 
ATOM   293  N NH1 . ARG A 1 39  ? 8.322   12.610  7.601   1.00 70.14 ? 39  ARG A NH1 1 
ATOM   294  N NH2 . ARG A 1 39  ? 10.222  13.865  7.376   1.00 64.00 ? 39  ARG A NH2 1 
ATOM   295  N N   . GLU A 1 40  ? 1.717   15.661  5.583   1.00 25.15 ? 40  GLU A N   1 
ATOM   296  C CA  . GLU A 1 40  ? 0.296   15.853  5.806   1.00 24.61 ? 40  GLU A CA  1 
ATOM   297  C C   . GLU A 1 40  ? -0.561  14.950  4.910   1.00 34.39 ? 40  GLU A C   1 
ATOM   298  O O   . GLU A 1 40  ? -1.577  14.391  5.351   1.00 25.86 ? 40  GLU A O   1 
ATOM   299  C CB  . GLU A 1 40  ? -0.100  17.302  5.566   1.00 37.59 ? 40  GLU A CB  1 
ATOM   300  C CG  . GLU A 1 40  ? -1.590  17.523  5.655   1.00 37.86 ? 40  GLU A CG  1 
ATOM   301  C CD  . GLU A 1 40  ? -1.999  18.944  5.306   1.00 61.90 ? 40  GLU A CD  1 
ATOM   302  O OE1 . GLU A 1 40  ? -3.203  19.254  5.438   1.00 60.78 ? 40  GLU A OE1 1 
ATOM   303  O OE2 . GLU A 1 40  ? -1.127  19.747  4.898   1.00 68.68 ? 40  GLU A OE2 1 
ATOM   304  N N   . LYS A 1 41  ? -0.173  14.834  3.645   1.00 23.65 ? 41  LYS A N   1 
ATOM   305  C CA  . LYS A 1 41  ? -0.930  13.970  2.748   1.00 22.11 ? 41  LYS A CA  1 
ATOM   306  C C   . LYS A 1 41  ? -0.736  12.534  3.207   1.00 18.02 ? 41  LYS A C   1 
ATOM   307  O O   . LYS A 1 41  ? -1.688  11.740  3.150   1.00 20.98 ? 41  LYS A O   1 
ATOM   308  C CB  . LYS A 1 41  ? -0.483  14.150  1.290   1.00 21.75 ? 41  LYS A CB  1 
ATOM   309  C CG  . LYS A 1 41  ? -0.780  15.541  0.784   1.00 23.26 ? 41  LYS A CG  1 
ATOM   310  C CD  . LYS A 1 41  ? -0.521  15.685  -0.711  1.00 29.93 ? 41  LYS A CD  1 
ATOM   311  C CE  . LYS A 1 41  ? -0.863  17.105  -1.143  1.00 29.40 ? 41  LYS A CE  1 
ATOM   312  N NZ  . LYS A 1 41  ? -0.608  17.360  -2.579  1.00 31.54 ? 41  LYS A NZ  1 
ATOM   313  N N   . ALA A 1 42  ? 0.472   12.196  3.658   1.00 21.77 ? 42  ALA A N   1 
ATOM   314  C CA  . ALA A 1 42  ? 0.733   10.848  4.156   1.00 23.67 ? 42  ALA A CA  1 
ATOM   315  C C   . ALA A 1 42  ? -0.181  10.545  5.348   1.00 26.36 ? 42  ALA A C   1 
ATOM   316  O O   . ALA A 1 42  ? -0.830  9.494   5.394   1.00 22.68 ? 42  ALA A O   1 
ATOM   317  C CB  . ALA A 1 42  ? 2.197   10.683  4.569   1.00 22.19 ? 42  ALA A CB  1 
ATOM   318  N N   . ASP A 1 43  ? -0.233  11.453  6.323   1.00 26.08 ? 43  ASP A N   1 
ATOM   319  C CA  . ASP A 1 43  ? -1.094  11.232  7.483   1.00 25.91 ? 43  ASP A CA  1 
ATOM   320  C C   . ASP A 1 43  ? -2.529  10.939  7.020   1.00 24.38 ? 43  ASP A C   1 
ATOM   321  O O   . ASP A 1 43  ? -3.184  10.022  7.526   1.00 26.10 ? 43  ASP A O   1 
ATOM   322  C CB  . ASP A 1 43  ? -1.152  12.468  8.417   1.00 23.06 ? 43  ASP A CB  1 
ATOM   323  C CG  . ASP A 1 43  ? 0.148   12.771  9.112   1.00 30.84 ? 43  ASP A CG  1 
ATOM   324  O OD1 . ASP A 1 43  ? 1.035   11.899  9.233   1.00 28.18 ? 43  ASP A OD1 1 
ATOM   325  O OD2 . ASP A 1 43  ? 0.283   13.931  9.577   1.00 33.09 ? 43  ASP A OD2 1 
ATOM   326  N N   . LYS A 1 44  ? -3.031  11.726  6.073   1.00 22.31 ? 44  LYS A N   1 
ATOM   327  C CA  . LYS A 1 44  ? -4.386  11.552  5.575   1.00 22.89 ? 44  LYS A CA  1 
ATOM   328  C C   . LYS A 1 44  ? -4.579  10.226  4.833   1.00 23.78 ? 44  LYS A C   1 
ATOM   329  O O   . LYS A 1 44  ? -5.601  9.560   4.978   1.00 24.89 ? 44  LYS A O   1 
ATOM   330  C CB  . LYS A 1 44  ? -4.775  12.697  4.648   1.00 32.80 ? 44  LYS A CB  1 
ATOM   331  C CG  . LYS A 1 44  ? -6.187  12.569  4.093   1.00 40.59 ? 44  LYS A CG  1 
ATOM   332  C CD  . LYS A 1 44  ? -6.620  13.791  3.285   1.00 57.95 ? 44  LYS A CD  1 
ATOM   333  C CE  . LYS A 1 44  ? -8.009  13.577  2.686   1.00 54.84 ? 44  LYS A CE  1 
ATOM   334  N NZ  . LYS A 1 44  ? -9.003  13.297  3.758   1.00 58.17 ? 44  LYS A NZ  1 
ATOM   335  N N   . LEU A 1 45  ? -3.592  9.841   4.044   1.00 20.51 ? 45  LEU A N   1 
ATOM   336  C CA  . LEU A 1 45  ? -3.722  8.584   3.311   1.00 17.46 ? 45  LEU A CA  1 
ATOM   337  C C   . LEU A 1 45  ? -3.640  7.406   4.294   1.00 16.56 ? 45  LEU A C   1 
ATOM   338  O O   . LEU A 1 45  ? -4.365  6.426   4.138   1.00 17.29 ? 45  LEU A O   1 
ATOM   339  C CB  . LEU A 1 45  ? -2.621  8.485   2.252   1.00 18.35 ? 45  LEU A CB  1 
ATOM   340  C CG  . LEU A 1 45  ? -2.740  7.256   1.342   1.00 15.73 ? 45  LEU A CG  1 
ATOM   341  C CD1 . LEU A 1 45  ? -4.030  7.334   0.509   1.00 18.34 ? 45  LEU A CD1 1 
ATOM   342  C CD2 . LEU A 1 45  ? -1.505  7.232   0.410   1.00 14.20 ? 45  LEU A CD2 1 
ATOM   343  N N   . ALA A 1 46  ? -2.768  7.489   5.293   1.00 20.29 ? 46  ALA A N   1 
ATOM   344  C CA  . ALA A 1 46  ? -2.666  6.379   6.259   1.00 20.27 ? 46  ALA A CA  1 
ATOM   345  C C   . ALA A 1 46  ? -4.005  6.204   6.965   1.00 21.28 ? 46  ALA A C   1 
ATOM   346  O O   . ALA A 1 46  ? -4.493  5.092   7.150   1.00 20.56 ? 46  ALA A O   1 
ATOM   347  C CB  . ALA A 1 46  ? -1.553  6.658   7.294   1.00 25.28 ? 46  ALA A CB  1 
ATOM   348  N N   . GLU A 1 47  ? -4.625  7.312   7.345   1.00 21.52 ? 47  GLU A N   1 
ATOM   349  C CA  . GLU A 1 47  ? -5.911  7.237   8.006   1.00 24.66 ? 47  GLU A CA  1 
ATOM   350  C C   . GLU A 1 47  ? -6.956  6.600   7.115   1.00 27.77 ? 47  GLU A C   1 
ATOM   351  O O   . GLU A 1 47  ? -7.745  5.782   7.576   1.00 23.64 ? 47  GLU A O   1 
ATOM   352  C CB  . GLU A 1 47  ? -6.362  8.626   8.423   1.00 31.17 ? 47  GLU A CB  1 
ATOM   353  C CG  . GLU A 1 47  ? -7.792  8.718   8.866   1.00 30.33 ? 47  GLU A CG  1 
ATOM   354  C CD  . GLU A 1 47  ? -8.124  10.119  9.366   1.00 46.23 ? 47  GLU A CD  1 
ATOM   355  O OE1 . GLU A 1 47  ? -7.652  10.473  10.465  1.00 44.45 ? 47  GLU A OE1 1 
ATOM   356  O OE2 . GLU A 1 47  ? -8.833  10.866  8.658   1.00 41.69 ? 47  GLU A OE2 1 
ATOM   357  N N   . LYS A 1 48  ? -6.939  6.955   5.831   1.00 21.56 ? 48  LYS A N   1 
ATOM   358  C CA  . LYS A 1 48  ? -7.885  6.435   4.876   1.00 15.83 ? 48  LYS A CA  1 
ATOM   359  C C   . LYS A 1 48  ? -7.734  4.925   4.714   1.00 17.47 ? 48  LYS A C   1 
ATOM   360  O O   . LYS A 1 48  ? -8.714  4.179   4.747   1.00 16.90 ? 48  LYS A O   1 
ATOM   361  C CB  . LYS A 1 48  ? -7.684  7.141   3.535   1.00 23.08 ? 48  LYS A CB  1 
ATOM   362  C CG  . LYS A 1 48  ? -8.882  7.148   2.670   1.00 20.43 ? 48  LYS A CG  1 
ATOM   363  C CD  . LYS A 1 48  ? -8.713  8.161   1.536   1.00 26.18 ? 48  LYS A CD  1 
ATOM   364  C CE  . LYS A 1 48  ? -10.023 8.343   0.809   1.00 33.07 ? 48  LYS A CE  1 
ATOM   365  N NZ  . LYS A 1 48  ? -9.942  9.478   -0.139  1.00 23.48 ? 48  LYS A NZ  1 
ATOM   366  N N   . VAL A 1 49  ? -6.495  4.481   4.542   1.00 17.12 ? 49  VAL A N   1 
ATOM   367  C CA  . VAL A 1 49  ? -6.214  3.067   4.385   1.00 13.70 ? 49  VAL A CA  1 
ATOM   368  C C   . VAL A 1 49  ? -6.618  2.313   5.641   1.00 14.56 ? 49  VAL A C   1 
ATOM   369  O O   . VAL A 1 49  ? -7.199  1.246   5.562   1.00 13.57 ? 49  VAL A O   1 
ATOM   370  C CB  . VAL A 1 49  ? -4.691  2.840   4.159   1.00 13.07 ? 49  VAL A CB  1 
ATOM   371  C CG1 . VAL A 1 49  ? -4.352  1.379   4.257   1.00 13.94 ? 49  VAL A CG1 1 
ATOM   372  C CG2 . VAL A 1 49  ? -4.276  3.388   2.794   1.00 14.87 ? 49  VAL A CG2 1 
ATOM   373  N N   . LEU A 1 50  ? -6.252  2.856   6.808   1.00 13.57 ? 50  LEU A N   1 
ATOM   374  C CA  . LEU A 1 50  ? -6.549  2.189   8.071   1.00 14.49 ? 50  LEU A CA  1 
ATOM   375  C C   . LEU A 1 50  ? -8.023  2.094   8.419   1.00 14.64 ? 50  LEU A C   1 
ATOM   376  O O   . LEU A 1 50  ? -8.427  1.221   9.202   1.00 14.02 ? 50  LEU A O   1 
ATOM   377  C CB  . LEU A 1 50  ? -5.828  2.904   9.227   1.00 13.71 ? 50  LEU A CB  1 
ATOM   378  C CG  . LEU A 1 50  ? -4.303  2.712   9.287   1.00 19.84 ? 50  LEU A CG  1 
ATOM   379  C CD1 . LEU A 1 50  ? -3.704  3.775   10.237  1.00 19.40 ? 50  LEU A CD1 1 
ATOM   380  C CD2 . LEU A 1 50  ? -3.954  1.298   9.762   1.00 17.50 ? 50  LEU A CD2 1 
ATOM   381  N N   . ASN A 1 51  ? -8.827  2.993   7.859   1.00 14.88 ? 51  ASN A N   1 
ATOM   382  C CA  . ASN A 1 51  ? -10.231 3.016   8.215   1.00 14.45 ? 51  ASN A CA  1 
ATOM   383  C C   . ASN A 1 51  ? -11.162 2.703   7.082   1.00 18.82 ? 51  ASN A C   1 
ATOM   384  O O   . ASN A 1 51  ? -12.370 2.737   7.285   1.00 17.02 ? 51  ASN A O   1 
ATOM   385  C CB  . ASN A 1 51  ? -10.592 4.399   8.778   1.00 14.29 ? 51  ASN A CB  1 
ATOM   386  C CG  . ASN A 1 51  ? -9.897  4.678   10.106  1.00 20.61 ? 51  ASN A CG  1 
ATOM   387  O OD1 . ASN A 1 51  ? -8.784  5.237   10.164  1.00 21.57 ? 51  ASN A OD1 1 
ATOM   388  N ND2 . ASN A 1 51  ? -10.529 4.248   11.174  1.00 14.68 ? 51  ASN A ND2 1 
ATOM   389  N N   . TYR A 1 52  ? -10.615 2.395   5.911   1.00 14.58 ? 52  TYR A N   1 
ATOM   390  C CA  . TYR A 1 52  ? -11.480 2.113   4.765   1.00 15.77 ? 52  TYR A CA  1 
ATOM   391  C C   . TYR A 1 52  ? -12.286 0.858   4.992   1.00 14.26 ? 52  TYR A C   1 
ATOM   392  O O   . TYR A 1 52  ? -11.768 -0.146  5.477   1.00 16.10 ? 52  TYR A O   1 
ATOM   393  C CB  . TYR A 1 52  ? -10.678 1.963   3.471   1.00 17.21 ? 52  TYR A CB  1 
ATOM   394  C CG  . TYR A 1 52  ? -11.442 2.543   2.274   1.00 15.30 ? 52  TYR A CG  1 
ATOM   395  C CD1 . TYR A 1 52  ? -11.711 3.915   2.217   1.00 16.06 ? 52  TYR A CD1 1 
ATOM   396  C CD2 . TYR A 1 52  ? -11.914 1.725   1.256   1.00 15.24 ? 52  TYR A CD2 1 
ATOM   397  C CE1 . TYR A 1 52  ? -12.436 4.465   1.176   1.00 15.80 ? 52  TYR A CE1 1 
ATOM   398  C CE2 . TYR A 1 52  ? -12.664 2.283   0.180   1.00 17.68 ? 52  TYR A CE2 1 
ATOM   399  C CZ  . TYR A 1 52  ? -12.909 3.667   0.175   1.00 18.37 ? 52  TYR A CZ  1 
ATOM   400  O OH  . TYR A 1 52  ? -13.625 4.276   -0.853  1.00 17.03 ? 52  TYR A OH  1 
ATOM   401  N N   . ARG A 1 53  ? -13.561 0.918   4.620   1.00 15.85 ? 53  ARG A N   1 
ATOM   402  C CA  . ARG A 1 53  ? -14.472 -0.189  4.805   1.00 16.47 ? 53  ARG A CA  1 
ATOM   403  C C   . ARG A 1 53  ? -14.213 -1.153  3.664   1.00 22.24 ? 53  ARG A C   1 
ATOM   404  O O   . ARG A 1 53  ? -14.674 -0.949  2.537   1.00 26.37 ? 53  ARG A O   1 
ATOM   405  C CB  . ARG A 1 53  ? -15.918 0.308   4.751   1.00 23.01 ? 53  ARG A CB  1 
ATOM   406  C CG  . ARG A 1 53  ? -16.433 0.818   6.072   1.00 22.93 ? 53  ARG A CG  1 
ATOM   407  C CD  . ARG A 1 53  ? -15.665 1.979   6.614   1.00 28.50 ? 53  ARG A CD  1 
ATOM   408  N NE  . ARG A 1 53  ? -16.414 2.586   7.713   1.00 24.65 ? 53  ARG A NE  1 
ATOM   409  C CZ  . ARG A 1 53  ? -15.851 3.125   8.790   1.00 35.57 ? 53  ARG A CZ  1 
ATOM   410  N NH1 . ARG A 1 53  ? -14.514 3.133   8.946   1.00 27.91 ? 53  ARG A NH1 1 
ATOM   411  N NH2 . ARG A 1 53  ? -16.622 3.667   9.705   1.00 23.09 ? 53  ARG A NH2 1 
ATOM   412  N N   . ILE A 1 54  ? -13.462 -2.197  3.969   1.00 18.12 ? 54  ILE A N   1 
ATOM   413  C CA  . ILE A 1 54  ? -13.092 -3.144  2.947   1.00 20.72 ? 54  ILE A CA  1 
ATOM   414  C C   . ILE A 1 54  ? -13.236 -4.612  3.361   1.00 18.62 ? 54  ILE A C   1 
ATOM   415  O O   . ILE A 1 54  ? -13.212 -5.484  2.497   1.00 19.49 ? 54  ILE A O   1 
ATOM   416  C CB  . ILE A 1 54  ? -11.621 -2.830  2.460   1.00 22.44 ? 54  ILE A CB  1 
ATOM   417  C CG1 . ILE A 1 54  ? -11.270 -3.667  1.237   1.00 31.25 ? 54  ILE A CG1 1 
ATOM   418  C CG2 . ILE A 1 54  ? -10.651 -3.068  3.556   1.00 25.12 ? 54  ILE A CG2 1 
ATOM   419  C CD1 . ILE A 1 54  ? -9.933  -3.325  0.660   1.00 39.86 ? 54  ILE A CD1 1 
ATOM   420  N N   . PHE A 1 55  ? -13.429 -4.873  4.649   1.00 16.82 ? 55  PHE A N   1 
ATOM   421  C CA  . PHE A 1 55  ? -13.542 -6.232  5.140   1.00 17.00 ? 55  PHE A CA  1 
ATOM   422  C C   . PHE A 1 55  ? -14.988 -6.613  5.482   1.00 26.05 ? 55  PHE A C   1 
ATOM   423  O O   . PHE A 1 55  ? -15.806 -5.764  5.810   1.00 24.48 ? 55  PHE A O   1 
ATOM   424  C CB  . PHE A 1 55  ? -12.677 -6.477  6.375   1.00 18.40 ? 55  PHE A CB  1 
ATOM   425  C CG  . PHE A 1 55  ? -11.196 -6.469  6.087   1.00 18.51 ? 55  PHE A CG  1 
ATOM   426  C CD1 . PHE A 1 55  ? -10.510 -5.274  6.054   1.00 16.03 ? 55  PHE A CD1 1 
ATOM   427  C CD2 . PHE A 1 55  ? -10.525 -7.643  5.767   1.00 17.83 ? 55  PHE A CD2 1 
ATOM   428  C CE1 . PHE A 1 55  ? -9.170  -5.239  5.704   1.00 18.07 ? 55  PHE A CE1 1 
ATOM   429  C CE2 . PHE A 1 55  ? -9.169  -7.611  5.411   1.00 18.07 ? 55  PHE A CE2 1 
ATOM   430  C CZ  . PHE A 1 55  ? -8.506  -6.401  5.377   1.00 13.83 ? 55  PHE A CZ  1 
ATOM   431  N N   . SER A 1 56  ? -15.279 -7.902  5.369   1.00 25.80 ? 56  SER A N   1 
ATOM   432  C CA  . SER A 1 56  ? -16.608 -8.430  5.673   1.00 33.74 ? 56  SER A CA  1 
ATOM   433  C C   . SER A 1 56  ? -16.858 -8.534  7.169   1.00 32.71 ? 56  SER A C   1 
ATOM   434  O O   . SER A 1 56  ? -15.967 -8.938  7.925   1.00 30.24 ? 56  SER A O   1 
ATOM   435  C CB  . SER A 1 56  ? -16.759 -9.823  5.066   1.00 35.33 ? 56  SER A CB  1 
ATOM   436  O OG  . SER A 1 56  ? -16.560 -9.774  3.669   1.00 46.65 ? 56  SER A OG  1 
ATOM   437  N N   . ASP A 1 57  ? -18.062 -8.163  7.608   1.00 38.48 ? 57  ASP A N   1 
ATOM   438  C CA  . ASP A 1 57  ? -18.409 -8.302  9.020   1.00 38.90 ? 57  ASP A CA  1 
ATOM   439  C C   . ASP A 1 57  ? -18.973 -9.723  9.174   1.00 45.37 ? 57  ASP A C   1 
ATOM   440  O O   . ASP A 1 57  ? -18.875 -10.536 8.250   1.00 43.35 ? 57  ASP A O   1 
ATOM   441  C CB  . ASP A 1 57  ? -19.460 -7.271  9.464   1.00 33.11 ? 57  ASP A CB  1 
ATOM   442  C CG  . ASP A 1 57  ? -20.735 -7.310  8.617   1.00 28.39 ? 57  ASP A CG  1 
ATOM   443  O OD1 . ASP A 1 57  ? -20.974 -8.313  7.919   1.00 33.47 ? 57  ASP A OD1 1 
ATOM   444  O OD2 . ASP A 1 57  ? -21.504 -6.319  8.660   1.00 29.72 ? 57  ASP A OD2 1 
ATOM   445  N N   . GLU A 1 58  ? -19.563 -10.016 10.329  1.00 49.22 ? 58  GLU A N   1 
ATOM   446  C CA  . GLU A 1 58  ? -20.127 -11.338 10.590  1.00 51.09 ? 58  GLU A CA  1 
ATOM   447  C C   . GLU A 1 58  ? -21.281 -11.689 9.657   1.00 50.59 ? 58  GLU A C   1 
ATOM   448  O O   . GLU A 1 58  ? -21.807 -12.794 9.711   1.00 48.90 ? 58  GLU A O   1 
ATOM   449  C CB  . GLU A 1 58  ? -20.590 -11.428 12.050  1.00 57.65 ? 58  GLU A CB  1 
ATOM   450  C CG  . GLU A 1 58  ? -21.441 -10.247 12.509  1.00 66.99 ? 58  GLU A CG  1 
ATOM   451  C CD  . GLU A 1 58  ? -21.735 -10.265 14.006  1.00 73.46 ? 58  GLU A CD  1 
ATOM   452  O OE1 . GLU A 1 58  ? -20.775 -10.312 14.807  1.00 76.23 ? 58  GLU A OE1 1 
ATOM   453  O OE2 . GLU A 1 58  ? -22.929 -10.224 14.382  1.00 77.77 ? 58  GLU A OE2 1 
ATOM   454  N N   . ASN A 1 59  ? -21.664 -10.756 8.791   1.00 55.33 ? 59  ASN A N   1 
ATOM   455  C CA  . ASN A 1 59  ? -22.774 -10.993 7.872   1.00 54.67 ? 59  ASN A CA  1 
ATOM   456  C C   . ASN A 1 59  ? -22.426 -10.835 6.395   1.00 55.93 ? 59  ASN A C   1 
ATOM   457  O O   . ASN A 1 59  ? -23.314 -10.825 5.542   1.00 53.82 ? 59  ASN A O   1 
ATOM   458  C CB  . ASN A 1 59  ? -23.945 -10.072 8.228   1.00 53.70 ? 59  ASN A CB  1 
ATOM   459  C CG  . ASN A 1 59  ? -24.533 -10.383 9.592   1.00 61.32 ? 59  ASN A CG  1 
ATOM   460  O OD1 . ASN A 1 59  ? -24.981 -11.502 9.843   1.00 61.14 ? 59  ASN A OD1 1 
ATOM   461  N ND2 . ASN A 1 59  ? -24.533 -9.394  10.481  1.00 48.63 ? 59  ASN A ND2 1 
ATOM   462  N N   . ASP A 1 60  ? -21.138 -10.701 6.096   1.00 57.27 ? 60  ASP A N   1 
ATOM   463  C CA  . ASP A 1 60  ? -20.685 -10.563 4.715   1.00 50.52 ? 60  ASP A CA  1 
ATOM   464  C C   . ASP A 1 60  ? -20.921 -9.182  4.088   1.00 51.69 ? 60  ASP A C   1 
ATOM   465  O O   . ASP A 1 60  ? -20.940 -9.046  2.862   1.00 42.10 ? 60  ASP A O   1 
ATOM   466  C CB  . ASP A 1 60  ? -21.339 -11.643 3.849   1.00 63.40 ? 60  ASP A CB  1 
ATOM   467  C CG  . ASP A 1 60  ? -20.323 -12.490 3.098   1.00 73.94 ? 60  ASP A CG  1 
ATOM   468  O OD1 . ASP A 1 60  ? -19.457 -13.115 3.753   1.00 76.35 ? 60  ASP A OD1 1 
ATOM   469  O OD2 . ASP A 1 60  ? -20.397 -12.535 1.851   1.00 74.80 ? 60  ASP A OD2 1 
ATOM   470  N N   . LYS A 1 61  ? -21.139 -8.157  4.908   1.00 37.56 ? 61  LYS A N   1 
ATOM   471  C CA  . LYS A 1 61  ? -21.297 -6.816  4.356   1.00 37.11 ? 61  LYS A CA  1 
ATOM   472  C C   . LYS A 1 61  ? -19.905 -6.195  4.464   1.00 28.93 ? 61  LYS A C   1 
ATOM   473  O O   . LYS A 1 61  ? -19.215 -6.433  5.451   1.00 31.99 ? 61  LYS A O   1 
ATOM   474  C CB  . LYS A 1 61  ? -22.298 -5.993  5.168   1.00 37.32 ? 61  LYS A CB  1 
ATOM   475  C CG  . LYS A 1 61  ? -23.749 -6.337  4.873   1.00 51.98 ? 61  LYS A CG  1 
ATOM   476  C CD  . LYS A 1 61  ? -24.699 -5.366  5.554   1.00 47.99 ? 61  LYS A CD  1 
ATOM   477  C CE  . LYS A 1 61  ? -26.153 -5.693  5.214   1.00 50.03 ? 61  LYS A CE  1 
ATOM   478  N NZ  . LYS A 1 61  ? -26.564 -7.033  5.740   1.00 59.82 ? 61  LYS A NZ  1 
ATOM   479  N N   . MET A 1 62  ? -19.498 -5.425  3.451   1.00 36.63 ? 62  MET A N   1 
ATOM   480  C CA  . MET A 1 62  ? -18.186 -4.775  3.466   1.00 30.04 ? 62  MET A CA  1 
ATOM   481  C C   . MET A 1 62  ? -18.296 -3.592  4.412   1.00 26.24 ? 62  MET A C   1 
ATOM   482  O O   . MET A 1 62  ? -18.441 -2.450  3.984   1.00 31.11 ? 62  MET A O   1 
ATOM   483  C CB  . MET A 1 62  ? -17.802 -4.308  2.062   1.00 32.63 ? 62  MET A CB  1 
ATOM   484  C CG  . MET A 1 62  ? -16.378 -3.805  1.973   1.00 31.34 ? 62  MET A CG  1 
ATOM   485  S SD  . MET A 1 62  ? -15.826 -3.656  0.256   1.00 28.18 ? 62  MET A SD  1 
ATOM   486  C CE  . MET A 1 62  ? -15.763 -5.304  -0.199  1.00 24.02 ? 62  MET A CE  1 
ATOM   487  N N   . ASN A 1 63  ? -18.159 -3.900  5.699   1.00 23.62 ? 63  ASN A N   1 
ATOM   488  C CA  . ASN A 1 63  ? -18.353 -2.949  6.793   1.00 26.21 ? 63  ASN A CA  1 
ATOM   489  C C   . ASN A 1 63  ? -17.192 -2.665  7.744   1.00 18.74 ? 63  ASN A C   1 
ATOM   490  O O   . ASN A 1 63  ? -17.245 -1.693  8.487   1.00 21.81 ? 63  ASN A O   1 
ATOM   491  C CB  . ASN A 1 63  ? -19.511 -3.478  7.668   1.00 21.50 ? 63  ASN A CB  1 
ATOM   492  C CG  . ASN A 1 63  ? -20.870 -3.016  7.200   1.00 30.70 ? 63  ASN A CG  1 
ATOM   493  O OD1 . ASN A 1 63  ? -21.885 -3.652  7.500   1.00 37.78 ? 63  ASN A OD1 1 
ATOM   494  N ND2 . ASN A 1 63  ? -20.910 -1.905  6.487   1.00 22.80 ? 63  ASN A ND2 1 
ATOM   495  N N   . LEU A 1 64  ? -16.177 -3.523  7.750   1.00 20.56 ? 64  LEU A N   1 
ATOM   496  C CA  . LEU A 1 64  ? -15.078 -3.357  8.682   1.00 18.35 ? 64  LEU A CA  1 
ATOM   497  C C   . LEU A 1 64  ? -13.818 -2.816  8.061   1.00 18.74 ? 64  LEU A C   1 
ATOM   498  O O   . LEU A 1 64  ? -13.564 -3.013  6.875   1.00 19.35 ? 64  LEU A O   1 
ATOM   499  C CB  . LEU A 1 64  ? -14.717 -4.684  9.329   1.00 23.11 ? 64  LEU A CB  1 
ATOM   500  C CG  . LEU A 1 64  ? -15.502 -5.164  10.547  1.00 39.46 ? 64  LEU A CG  1 
ATOM   501  C CD1 . LEU A 1 64  ? -16.949 -4.877  10.396  1.00 34.96 ? 64  LEU A CD1 1 
ATOM   502  C CD2 . LEU A 1 64  ? -15.258 -6.637  10.713  1.00 23.41 ? 64  LEU A CD2 1 
ATOM   503  N N   . ASN A 1 65  ? -13.056 -2.084  8.857   1.00 14.79 ? 65  ASN A N   1 
ATOM   504  C CA  . ASN A 1 65  ? -11.774 -1.615  8.358   1.00 14.28 ? 65  ASN A CA  1 
ATOM   505  C C   . ASN A 1 65  ? -10.747 -2.647  8.818   1.00 16.08 ? 65  ASN A C   1 
ATOM   506  O O   . ASN A 1 65  ? -11.058 -3.558  9.574   1.00 15.11 ? 65  ASN A O   1 
ATOM   507  C CB  . ASN A 1 65  ? -11.451 -0.216  8.861   1.00 13.72 ? 65  ASN A CB  1 
ATOM   508  C CG  . ASN A 1 65  ? -11.430 -0.102  10.368  1.00 18.20 ? 65  ASN A CG  1 
ATOM   509  O OD1 . ASN A 1 65  ? -10.792 -0.885  11.074  1.00 15.90 ? 65  ASN A OD1 1 
ATOM   510  N ND2 . ASN A 1 65  ? -12.127 0.917   10.879  1.00 18.89 ? 65  ASN A ND2 1 
ATOM   511  N N   . VAL A 1 66  ? -9.507  -2.469  8.367   1.00 12.25 ? 66  VAL A N   1 
ATOM   512  C CA  . VAL A 1 66  ? -8.449  -3.418  8.666   1.00 14.56 ? 66  VAL A CA  1 
ATOM   513  C C   . VAL A 1 66  ? -8.152  -3.516  10.153  1.00 16.49 ? 66  VAL A C   1 
ATOM   514  O O   . VAL A 1 66  ? -7.652  -4.560  10.618  1.00 15.42 ? 66  VAL A O   1 
ATOM   515  C CB  . VAL A 1 66  ? -7.149  -3.039  7.872   1.00 15.38 ? 66  VAL A CB  1 
ATOM   516  C CG1 . VAL A 1 66  ? -6.509  -1.761  8.394   1.00 15.12 ? 66  VAL A CG1 1 
ATOM   517  C CG2 . VAL A 1 66  ? -6.142  -4.245  7.918   1.00 13.27 ? 66  VAL A CG2 1 
ATOM   518  N N   . GLN A 1 67  ? -8.419  -2.460  10.911  1.00 11.56 ? 67  GLN A N   1 
ATOM   519  C CA  . GLN A 1 67  ? -8.159  -2.554  12.357  1.00 14.31 ? 67  GLN A CA  1 
ATOM   520  C C   . GLN A 1 67  ? -9.197  -3.467  13.010  1.00 15.84 ? 67  GLN A C   1 
ATOM   521  O O   . GLN A 1 67  ? -8.870  -4.333  13.811  1.00 19.65 ? 67  GLN A O   1 
ATOM   522  C CB  . GLN A 1 67  ? -8.245  -1.184  12.996  1.00 16.24 ? 67  GLN A CB  1 
ATOM   523  C CG  . GLN A 1 67  ? -7.289  -0.174  12.389  1.00 15.74 ? 67  GLN A CG  1 
ATOM   524  C CD  . GLN A 1 67  ? -7.618  1.223   12.826  1.00 19.51 ? 67  GLN A CD  1 
ATOM   525  O OE1 . GLN A 1 67  ? -8.267  1.972   12.088  1.00 21.58 ? 67  GLN A OE1 1 
ATOM   526  N NE2 . GLN A 1 67  ? -7.208  1.582   14.035  1.00 17.79 ? 67  GLN A NE2 1 
ATOM   527  N N   . GLN A 1 68  ? -10.460 -3.239  12.661  1.00 16.96 ? 68  GLN A N   1 
ATOM   528  C CA  . GLN A 1 68  ? -11.558 -4.020  13.223  1.00 16.58 ? 68  GLN A CA  1 
ATOM   529  C C   . GLN A 1 68  ? -11.446 -5.476  12.812  1.00 21.03 ? 68  GLN A C   1 
ATOM   530  O O   . GLN A 1 68  ? -11.779 -6.375  13.588  1.00 19.83 ? 68  GLN A O   1 
ATOM   531  C CB  . GLN A 1 68  ? -12.906 -3.420  12.752  1.00 15.14 ? 68  GLN A CB  1 
ATOM   532  C CG  . GLN A 1 68  ? -13.092 -2.008  13.282  1.00 19.21 ? 68  GLN A CG  1 
ATOM   533  C CD  . GLN A 1 68  ? -14.248 -1.291  12.609  1.00 19.80 ? 68  GLN A CD  1 
ATOM   534  O OE1 . GLN A 1 68  ? -14.477 -1.444  11.402  1.00 19.61 ? 68  GLN A OE1 1 
ATOM   535  N NE2 . GLN A 1 68  ? -14.976 -0.498  13.379  1.00 23.33 ? 68  GLN A NE2 1 
ATOM   536  N N   . ALA A 1 69  ? -10.922 -5.704  11.612  1.00 14.51 ? 69  ALA A N   1 
ATOM   537  C CA  . ALA A 1 69  ? -10.763 -7.034  11.069  1.00 13.62 ? 69  ALA A CA  1 
ATOM   538  C C   . ALA A 1 69  ? -9.534  -7.750  11.634  1.00 16.89 ? 69  ALA A C   1 
ATOM   539  O O   . ALA A 1 69  ? -9.278  -8.901  11.277  1.00 18.78 ? 69  ALA A O   1 
ATOM   540  C CB  . ALA A 1 69  ? -10.670 -6.964  9.538   1.00 19.10 ? 69  ALA A CB  1 
ATOM   541  N N   . GLN A 1 70  ? -8.768  -7.057  12.467  1.00 16.65 ? 70  GLN A N   1 
ATOM   542  C CA  . GLN A 1 70  ? -7.571  -7.644  13.080  1.00 18.05 ? 70  GLN A CA  1 
ATOM   543  C C   . GLN A 1 70  ? -6.566  -8.049  12.030  1.00 20.03 ? 70  GLN A C   1 
ATOM   544  O O   . GLN A 1 70  ? -5.992  -9.136  12.095  1.00 22.45 ? 70  GLN A O   1 
ATOM   545  C CB  . GLN A 1 70  ? -7.966  -8.888  13.899  1.00 21.50 ? 70  GLN A CB  1 
ATOM   546  C CG  . GLN A 1 70  ? -9.025  -8.591  14.940  1.00 36.60 ? 70  GLN A CG  1 
ATOM   547  C CD  . GLN A 1 70  ? -8.430  -8.031  16.208  1.00 52.44 ? 70  GLN A CD  1 
ATOM   548  O OE1 . GLN A 1 70  ? -7.801  -8.758  16.978  1.00 62.45 ? 70  GLN A OE1 1 
ATOM   549  N NE2 . GLN A 1 70  ? -8.611  -6.733  16.429  1.00 56.61 ? 70  GLN A NE2 1 
ATOM   550  N N   . GLY A 1 71  ? -6.356  -7.186  11.044  1.00 15.39 ? 71  GLY A N   1 
ATOM   551  C CA  . GLY A 1 71  ? -5.399  -7.539  10.011  1.00 10.87 ? 71  GLY A CA  1 
ATOM   552  C C   . GLY A 1 71  ? -4.110  -6.729  10.122  1.00 13.22 ? 71  GLY A C   1 
ATOM   553  O O   . GLY A 1 71  ? -3.862  -6.035  11.103  1.00 15.09 ? 71  GLY A O   1 
ATOM   554  N N   . GLU A 1 72  ? -3.285  -6.879  9.100   1.00 13.20 ? 72  GLU A N   1 
ATOM   555  C CA  . GLU A 1 72  ? -2.006  -6.193  9.033   1.00 15.79 ? 72  GLU A CA  1 
ATOM   556  C C   . GLU A 1 72  ? -1.922  -5.502  7.680   1.00 14.56 ? 72  GLU A C   1 
ATOM   557  O O   . GLU A 1 72  ? -2.747  -5.728  6.805   1.00 13.95 ? 72  GLU A O   1 
ATOM   558  C CB  . GLU A 1 72  ? -0.875  -7.219  9.064   1.00 12.04 ? 72  GLU A CB  1 
ATOM   559  C CG  . GLU A 1 72  ? -0.743  -8.065  10.369  1.00 13.82 ? 72  GLU A CG  1 
ATOM   560  C CD  . GLU A 1 72  ? 0.124   -9.278  10.143  1.00 15.99 ? 72  GLU A CD  1 
ATOM   561  O OE1 . GLU A 1 72  ? -0.414  -10.353 9.766   1.00 16.74 ? 72  GLU A OE1 1 
ATOM   562  O OE2 . GLU A 1 72  ? 1.364   -9.150  10.336  1.00 18.94 ? 72  GLU A OE2 1 
ATOM   563  N N   . LEU A 1 73  ? -0.934  -4.629  7.536   1.00 15.65 ? 73  LEU A N   1 
ATOM   564  C CA  . LEU A 1 73  ? -0.679  -4.022  6.223   1.00 12.51 ? 73  LEU A CA  1 
ATOM   565  C C   . LEU A 1 73  ? 0.697   -4.488  5.759   1.00 17.65 ? 73  LEU A C   1 
ATOM   566  O O   . LEU A 1 73  ? 1.626   -4.629  6.573   1.00 16.25 ? 73  LEU A O   1 
ATOM   567  C CB  . LEU A 1 73  ? -0.587  -2.514  6.293   1.00 12.61 ? 73  LEU A CB  1 
ATOM   568  C CG  . LEU A 1 73  ? -1.744  -1.749  6.884   1.00 16.03 ? 73  LEU A CG  1 
ATOM   569  C CD1 . LEU A 1 73  ? -1.462  -0.287  6.747   1.00 12.83 ? 73  LEU A CD1 1 
ATOM   570  C CD2 . LEU A 1 73  ? -3.004  -2.123  6.143   1.00 11.38 ? 73  LEU A CD2 1 
ATOM   571  N N   . LEU A 1 74  ? 0.816   -4.766  4.459   1.00 12.57 ? 74  LEU A N   1 
ATOM   572  C CA  . LEU A 1 74  ? 2.139   -5.111  3.882   1.00 12.00 ? 74  LEU A CA  1 
ATOM   573  C C   . LEU A 1 74  ? 2.316   -3.918  2.940   1.00 15.21 ? 74  LEU A C   1 
ATOM   574  O O   . LEU A 1 74  ? 1.596   -3.798  1.942   1.00 16.39 ? 74  LEU A O   1 
ATOM   575  C CB  . LEU A 1 74  ? 2.102   -6.441  3.127   1.00 13.34 ? 74  LEU A CB  1 
ATOM   576  C CG  . LEU A 1 74  ? 3.414   -6.737  2.364   1.00 16.81 ? 74  LEU A CG  1 
ATOM   577  C CD1 . LEU A 1 74  ? 4.619   -6.665  3.367   1.00 20.52 ? 74  LEU A CD1 1 
ATOM   578  C CD2 . LEU A 1 74  ? 3.337   -8.124  1.761   1.00 16.92 ? 74  LEU A CD2 1 
ATOM   579  N N   . ILE A 1 75  ? 3.261   -3.037  3.271   1.00 14.62 ? 75  ILE A N   1 
ATOM   580  C CA  . ILE A 1 75  ? 3.461   -1.804  2.519   1.00 11.17 ? 75  ILE A CA  1 
ATOM   581  C C   . ILE A 1 75  ? 4.654   -1.913  1.616   1.00 14.56 ? 75  ILE A C   1 
ATOM   582  O O   . ILE A 1 75  ? 5.757   -2.186  2.066   1.00 15.59 ? 75  ILE A O   1 
ATOM   583  C CB  . ILE A 1 75  ? 3.630   -0.624  3.477   1.00 14.41 ? 75  ILE A CB  1 
ATOM   584  C CG1 . ILE A 1 75  ? 2.426   -0.577  4.440   1.00 15.41 ? 75  ILE A CG1 1 
ATOM   585  C CG2 . ILE A 1 75  ? 3.760   0.678   2.684   1.00 13.50 ? 75  ILE A CG2 1 
ATOM   586  C CD1 . ILE A 1 75  ? 2.537   0.496   5.551   1.00 16.23 ? 75  ILE A CD1 1 
ATOM   587  N N   . VAL A 1 76  ? 4.401   -1.707  0.324   1.00 14.37 ? 76  VAL A N   1 
ATOM   588  C CA  . VAL A 1 76  ? 5.444   -1.866  -0.683  1.00 12.89 ? 76  VAL A CA  1 
ATOM   589  C C   . VAL A 1 76  ? 5.463   -0.659  -1.570  1.00 15.35 ? 76  VAL A C   1 
ATOM   590  O O   . VAL A 1 76  ? 4.433   -0.238  -2.093  1.00 15.05 ? 76  VAL A O   1 
ATOM   591  C CB  . VAL A 1 76  ? 5.162   -3.093  -1.571  1.00 15.77 ? 76  VAL A CB  1 
ATOM   592  C CG1 . VAL A 1 76  ? 6.199   -3.198  -2.703  1.00 14.82 ? 76  VAL A CG1 1 
ATOM   593  C CG2 . VAL A 1 76  ? 5.090   -4.350  -0.705  1.00 14.93 ? 76  VAL A CG2 1 
ATOM   594  N N   . SER A 1 77  ? 6.657   -0.100  -1.742  1.00 14.29 ? 77  SER A N   1 
ATOM   595  C CA  . SER A 1 77  ? 6.847   1.057   -2.592  1.00 18.98 ? 77  SER A CA  1 
ATOM   596  C C   . SER A 1 77  ? 6.607   0.665   -4.084  1.00 15.15 ? 77  SER A C   1 
ATOM   597  O O   . SER A 1 77  ? 7.153   -0.317  -4.578  1.00 16.19 ? 77  SER A O   1 
ATOM   598  C CB  . SER A 1 77  ? 8.277   1.553   -2.396  1.00 16.99 ? 77  SER A CB  1 
ATOM   599  O OG  . SER A 1 77  ? 8.561   2.650   -3.232  1.00 21.95 ? 77  SER A OG  1 
ATOM   600  N N   . GLN A 1 78  ? 5.777   1.444   -4.767  1.00 15.33 ? 78  GLN A N   1 
ATOM   601  C CA  . GLN A 1 78  ? 5.452   1.164   -6.177  1.00 13.69 ? 78  GLN A CA  1 
ATOM   602  C C   . GLN A 1 78  ? 5.406   2.481   -6.949  1.00 14.14 ? 78  GLN A C   1 
ATOM   603  O O   . GLN A 1 78  ? 4.394   3.173   -6.967  1.00 16.34 ? 78  GLN A O   1 
ATOM   604  C CB  . GLN A 1 78  ? 4.092   0.455   -6.241  1.00 13.72 ? 78  GLN A CB  1 
ATOM   605  C CG  . GLN A 1 78  ? 3.611   0.060   -7.645  1.00 13.84 ? 78  GLN A CG  1 
ATOM   606  C CD  . GLN A 1 78  ? 4.356   -1.120  -8.245  1.00 17.28 ? 78  GLN A CD  1 
ATOM   607  O OE1 . GLN A 1 78  ? 3.800   -2.225  -8.378  1.00 15.52 ? 78  GLN A OE1 1 
ATOM   608  N NE2 . GLN A 1 78  ? 5.618   -0.901  -8.614  1.00 14.97 ? 78  GLN A NE2 1 
ATOM   609  N N   . PHE A 1 79  ? 6.502   2.790   -7.625  1.00 16.29 ? 79  PHE A N   1 
ATOM   610  C CA  . PHE A 1 79  ? 6.597   4.037   -8.373  1.00 20.59 ? 79  PHE A CA  1 
ATOM   611  C C   . PHE A 1 79  ? 5.666   4.085   -9.566  1.00 16.10 ? 79  PHE A C   1 
ATOM   612  O O   . PHE A 1 79  ? 5.285   5.162   -10.011 1.00 24.79 ? 79  PHE A O   1 
ATOM   613  C CB  . PHE A 1 79  ? 8.037   4.236   -8.865  1.00 21.82 ? 79  PHE A CB  1 
ATOM   614  C CG  . PHE A 1 79  ? 8.902   4.976   -7.894  1.00 52.29 ? 79  PHE A CG  1 
ATOM   615  C CD1 . PHE A 1 79  ? 9.045   6.361   -7.987  1.00 61.32 ? 79  PHE A CD1 1 
ATOM   616  C CD2 . PHE A 1 79  ? 9.584   4.295   -6.888  1.00 56.35 ? 79  PHE A CD2 1 
ATOM   617  C CE1 . PHE A 1 79  ? 9.858   7.058   -7.095  1.00 64.76 ? 79  PHE A CE1 1 
ATOM   618  C CE2 . PHE A 1 79  ? 10.397  4.979   -5.990  1.00 56.59 ? 79  PHE A CE2 1 
ATOM   619  C CZ  . PHE A 1 79  ? 10.538  6.363   -6.094  1.00 57.70 ? 79  PHE A CZ  1 
ATOM   620  N N   . THR A 1 80  ? 5.248   2.928   -10.058 1.00 14.64 ? 80  THR A N   1 
ATOM   621  C CA  . THR A 1 80  ? 4.397   2.949   -11.246 1.00 10.82 ? 80  THR A CA  1 
ATOM   622  C C   . THR A 1 80  ? 2.981   3.480   -11.059 1.00 9.44  ? 80  THR A C   1 
ATOM   623  O O   . THR A 1 80  ? 2.327   3.819   -12.056 1.00 13.63 ? 80  THR A O   1 
ATOM   624  C CB  . THR A 1 80  ? 4.313   1.543   -11.848 1.00 11.94 ? 80  THR A CB  1 
ATOM   625  O OG1 . THR A 1 80  ? 3.818   0.645   -10.846 1.00 14.55 ? 80  THR A OG1 1 
ATOM   626  C CG2 . THR A 1 80  ? 5.701   1.099   -12.327 1.00 15.73 ? 80  THR A CG2 1 
ATOM   627  N N   . LEU A 1 81  ? 2.515   3.577   -9.810  1.00 11.81 ? 81  LEU A N   1 
ATOM   628  C CA  . LEU A 1 81  ? 1.158   4.068   -9.542  1.00 13.77 ? 81  LEU A CA  1 
ATOM   629  C C   . LEU A 1 81  ? 1.037   5.536   -9.917  1.00 17.36 ? 81  LEU A C   1 
ATOM   630  O O   . LEU A 1 81  ? -0.021  5.984   -10.338 1.00 17.29 ? 81  LEU A O   1 
ATOM   631  C CB  . LEU A 1 81  ? 0.776   3.913   -8.065  1.00 13.02 ? 81  LEU A CB  1 
ATOM   632  C CG  . LEU A 1 81  ? 0.810   2.469   -7.575  1.00 13.38 ? 81  LEU A CG  1 
ATOM   633  C CD1 . LEU A 1 81  ? 0.384   2.446   -6.103  1.00 11.32 ? 81  LEU A CD1 1 
ATOM   634  C CD2 . LEU A 1 81  ? -0.114  1.590   -8.430  1.00 17.55 ? 81  LEU A CD2 1 
ATOM   635  N N   . ALA A 1 82  ? 2.146   6.261   -9.811  1.00 16.18 ? 82  ALA A N   1 
ATOM   636  C CA  . ALA A 1 82  ? 2.117   7.681   -10.125 1.00 15.33 ? 82  ALA A CA  1 
ATOM   637  C C   . ALA A 1 82  ? 2.265   7.972   -11.617 1.00 18.16 ? 82  ALA A C   1 
ATOM   638  O O   . ALA A 1 82  ? 2.229   9.120   -12.029 1.00 20.16 ? 82  ALA A O   1 
ATOM   639  C CB  . ALA A 1 82  ? 3.220   8.420   -9.325  1.00 19.54 ? 82  ALA A CB  1 
ATOM   640  N N   . ALA A 1 83  ? 2.448   6.928   -12.420 1.00 17.35 ? 83  ALA A N   1 
ATOM   641  C CA  . ALA A 1 83  ? 2.593   7.093   -13.859 1.00 14.95 ? 83  ALA A CA  1 
ATOM   642  C C   . ALA A 1 83  ? 1.375   7.675   -14.546 1.00 17.79 ? 83  ALA A C   1 
ATOM   643  O O   . ALA A 1 83  ? 0.231   7.530   -14.076 1.00 16.49 ? 83  ALA A O   1 
ATOM   644  C CB  . ALA A 1 83  ? 2.911   5.722   -14.469 1.00 19.84 ? 83  ALA A CB  1 
ATOM   645  N N   . ASP A 1 84  ? 1.628   8.375   -15.651 1.00 14.20 ? 84  ASP A N   1 
ATOM   646  C CA  . ASP A 1 84  ? 0.557   8.822   -16.492 1.00 15.71 ? 84  ASP A CA  1 
ATOM   647  C C   . ASP A 1 84  ? 0.540   7.744   -17.589 1.00 15.54 ? 84  ASP A C   1 
ATOM   648  O O   . ASP A 1 84  ? 1.567   7.436   -18.198 1.00 16.73 ? 84  ASP A O   1 
ATOM   649  C CB  . ASP A 1 84  ? 0.826   10.188  -17.115 1.00 20.27 ? 84  ASP A CB  1 
ATOM   650  C CG  . ASP A 1 84  ? -0.419  10.752  -17.734 1.00 34.21 ? 84  ASP A CG  1 
ATOM   651  O OD1 . ASP A 1 84  ? -0.939  10.125  -18.676 1.00 23.83 ? 84  ASP A OD1 1 
ATOM   652  O OD2 . ASP A 1 84  ? -0.908  11.797  -17.262 1.00 59.57 ? 84  ASP A OD2 1 
ATOM   653  N N   . THR A 1 85  ? -0.626  7.168   -17.844 1.00 15.36 ? 85  THR A N   1 
ATOM   654  C CA  . THR A 1 85  ? -0.743  6.092   -18.829 1.00 14.44 ? 85  THR A CA  1 
ATOM   655  C C   . THR A 1 85  ? -1.758  6.423   -19.919 1.00 13.77 ? 85  THR A C   1 
ATOM   656  O O   . THR A 1 85  ? -2.147  5.553   -20.701 1.00 16.98 ? 85  THR A O   1 
ATOM   657  C CB  . THR A 1 85  ? -1.224  4.776   -18.163 1.00 14.23 ? 85  THR A CB  1 
ATOM   658  O OG1 . THR A 1 85  ? -2.578  4.958   -17.687 1.00 15.57 ? 85  THR A OG1 1 
ATOM   659  C CG2 . THR A 1 85  ? -0.337  4.393   -16.996 1.00 12.90 ? 85  THR A CG2 1 
ATOM   660  N N   . GLN A 1 86  ? -2.155  7.689   -20.006 1.00 17.40 ? 86  GLN A N   1 
ATOM   661  C CA  . GLN A 1 86  ? -3.180  8.080   -20.972 1.00 16.58 ? 86  GLN A CA  1 
ATOM   662  C C   . GLN A 1 86  ? -2.829  7.960   -22.446 1.00 17.86 ? 86  GLN A C   1 
ATOM   663  O O   . GLN A 1 86  ? -3.615  7.455   -23.244 1.00 21.83 ? 86  GLN A O   1 
ATOM   664  C CB  . GLN A 1 86  ? -3.630  9.519   -20.672 1.00 20.62 ? 86  GLN A CB  1 
ATOM   665  C CG  . GLN A 1 86  ? -4.264  9.696   -19.270 1.00 20.16 ? 86  GLN A CG  1 
ATOM   666  C CD  . GLN A 1 86  ? -5.427  8.710   -19.058 1.00 20.10 ? 86  GLN A CD  1 
ATOM   667  O OE1 . GLN A 1 86  ? -6.421  8.730   -19.796 1.00 24.06 ? 86  GLN A OE1 1 
ATOM   668  N NE2 . GLN A 1 86  ? -5.292  7.841   -18.060 1.00 19.55 ? 86  GLN A NE2 1 
ATOM   669  N N   . LYS A 1 87  ? -1.642  8.410   -22.817 1.00 16.63 ? 87  LYS A N   1 
ATOM   670  C CA  . LYS A 1 87  ? -1.285  8.361   -24.213 1.00 18.10 ? 87  LYS A CA  1 
ATOM   671  C C   . LYS A 1 87  ? -0.226  7.353   -24.553 1.00 13.65 ? 87  LYS A C   1 
ATOM   672  O O   . LYS A 1 87  ? 0.666   7.088   -23.769 1.00 17.93 ? 87  LYS A O   1 
ATOM   673  C CB  . LYS A 1 87  ? -0.780  9.733   -24.686 1.00 17.72 ? 87  LYS A CB  1 
ATOM   674  C CG  . LYS A 1 87  ? -1.817  10.844  -24.566 1.00 16.83 ? 87  LYS A CG  1 
ATOM   675  C CD  . LYS A 1 87  ? -1.214  12.169  -25.069 1.00 19.35 ? 87  LYS A CD  1 
ATOM   676  C CE  . LYS A 1 87  ? -2.249  13.276  -25.071 1.00 27.80 ? 87  LYS A CE  1 
ATOM   677  N NZ  . LYS A 1 87  ? -1.606  14.581  -25.453 1.00 31.65 ? 87  LYS A NZ  1 
ATOM   678  N N   . GLY A 1 88  ? -0.340  6.856   -25.771 1.00 17.52 ? 88  GLY A N   1 
ATOM   679  C CA  . GLY A 1 88  ? 0.645   5.920   -26.248 1.00 20.65 ? 88  GLY A CA  1 
ATOM   680  C C   . GLY A 1 88  ? 0.623   4.618   -25.484 1.00 25.43 ? 88  GLY A C   1 
ATOM   681  O O   . GLY A 1 88  ? -0.376  4.265   -24.850 1.00 23.37 ? 88  GLY A O   1 
ATOM   682  N N   . LEU A 1 89  ? 1.752   3.942   -25.519 1.00 22.81 ? 89  LEU A N   1 
ATOM   683  C CA  . LEU A 1 89  ? 1.886   2.620   -24.918 1.00 24.55 ? 89  LEU A CA  1 
ATOM   684  C C   . LEU A 1 89  ? 3.044   2.544   -23.946 1.00 20.69 ? 89  LEU A C   1 
ATOM   685  O O   . LEU A 1 89  ? 3.460   1.460   -23.554 1.00 21.16 ? 89  LEU A O   1 
ATOM   686  C CB  . LEU A 1 89  ? 2.071   1.593   -26.055 1.00 16.22 ? 89  LEU A CB  1 
ATOM   687  C CG  . LEU A 1 89  ? 0.859   1.427   -26.947 1.00 20.57 ? 89  LEU A CG  1 
ATOM   688  C CD1 . LEU A 1 89  ? 1.229   0.513   -28.132 1.00 21.55 ? 89  LEU A CD1 1 
ATOM   689  C CD2 . LEU A 1 89  ? -0.278  0.795   -26.174 1.00 19.09 ? 89  LEU A CD2 1 
ATOM   690  N N   . ARG A 1 90  ? 3.590   3.694   -23.560 1.00 20.06 ? 90  ARG A N   1 
ATOM   691  C CA  . ARG A 1 90  ? 4.707   3.717   -22.629 1.00 15.24 ? 90  ARG A CA  1 
ATOM   692  C C   . ARG A 1 90  ? 4.363   4.684   -21.483 1.00 12.31 ? 90  ARG A C   1 
ATOM   693  O O   . ARG A 1 90  ? 3.908   5.782   -21.735 1.00 16.41 ? 90  ARG A O   1 
ATOM   694  C CB  . ARG A 1 90  ? 5.969   4.208   -23.345 1.00 21.80 ? 90  ARG A CB  1 
ATOM   695  C CG  . ARG A 1 90  ? 7.213   4.056   -22.543 1.00 25.69 ? 90  ARG A CG  1 
ATOM   696  C CD  . ARG A 1 90  ? 8.395   4.566   -23.337 1.00 31.71 ? 90  ARG A CD  1 
ATOM   697  N NE  . ARG A 1 90  ? 8.626   3.744   -24.522 1.00 34.71 ? 90  ARG A NE  1 
ATOM   698  C CZ  . ARG A 1 90  ? 9.394   2.661   -24.524 1.00 37.32 ? 90  ARG A CZ  1 
ATOM   699  N NH1 . ARG A 1 90  ? 9.999   2.277   -23.407 1.00 33.31 ? 90  ARG A NH1 1 
ATOM   700  N NH2 . ARG A 1 90  ? 9.551   1.964   -25.636 1.00 32.53 ? 90  ARG A NH2 1 
ATOM   701  N N   . PRO A 1 91  ? 4.534   4.254   -20.210 1.00 15.34 ? 91  PRO A N   1 
ATOM   702  C CA  . PRO A 1 91  ? 4.215   5.163   -19.101 1.00 17.83 ? 91  PRO A CA  1 
ATOM   703  C C   . PRO A 1 91  ? 5.163   6.358   -19.022 1.00 17.08 ? 91  PRO A C   1 
ATOM   704  O O   . PRO A 1 91  ? 6.330   6.304   -19.447 1.00 17.70 ? 91  PRO A O   1 
ATOM   705  C CB  . PRO A 1 91  ? 4.338   4.271   -17.872 1.00 17.76 ? 91  PRO A CB  1 
ATOM   706  C CG  . PRO A 1 91  ? 5.496   3.363   -18.271 1.00 22.11 ? 91  PRO A CG  1 
ATOM   707  C CD  . PRO A 1 91  ? 5.130   2.996   -19.702 1.00 20.50 ? 91  PRO A CD  1 
ATOM   708  N N   . SER A 1 92  ? 4.643   7.431   -18.442 1.00 15.79 ? 92  SER A N   1 
ATOM   709  C CA  . SER A 1 92  ? 5.369   8.686   -18.265 1.00 17.24 ? 92  SER A CA  1 
ATOM   710  C C   . SER A 1 92  ? 5.339   8.940   -16.746 1.00 19.60 ? 92  SER A C   1 
ATOM   711  O O   . SER A 1 92  ? 4.367   8.578   -16.059 1.00 19.06 ? 92  SER A O   1 
ATOM   712  C CB  . SER A 1 92  ? 4.601   9.825   -19.009 1.00 15.24 ? 92  SER A CB  1 
ATOM   713  O OG  . SER A 1 92  ? 5.217   11.058  -18.740 1.00 50.44 ? 92  SER A OG  1 
ATOM   714  N N   . PHE A 1 93  ? 6.379   9.570   -16.219 1.00 17.09 ? 93  PHE A N   1 
ATOM   715  C CA  . PHE A 1 93  ? 6.415   9.797   -14.770 1.00 17.61 ? 93  PHE A CA  1 
ATOM   716  C C   . PHE A 1 93  ? 6.555   11.248  -14.313 1.00 19.12 ? 93  PHE A C   1 
ATOM   717  O O   . PHE A 1 93  ? 7.195   11.532  -13.308 1.00 21.44 ? 93  PHE A O   1 
ATOM   718  C CB  . PHE A 1 93  ? 7.541   8.940   -14.187 1.00 18.87 ? 93  PHE A CB  1 
ATOM   719  C CG  . PHE A 1 93  ? 7.334   7.473   -14.403 1.00 19.59 ? 93  PHE A CG  1 
ATOM   720  C CD1 . PHE A 1 93  ? 6.542   6.745   -13.517 1.00 28.26 ? 93  PHE A CD1 1 
ATOM   721  C CD2 . PHE A 1 93  ? 7.860   6.840   -15.509 1.00 19.87 ? 93  PHE A CD2 1 
ATOM   722  C CE1 . PHE A 1 93  ? 6.278   5.403   -13.744 1.00 28.90 ? 93  PHE A CE1 1 
ATOM   723  C CE2 . PHE A 1 93  ? 7.602   5.490   -15.752 1.00 29.11 ? 93  PHE A CE2 1 
ATOM   724  C CZ  . PHE A 1 93  ? 6.805   4.776   -14.855 1.00 28.13 ? 93  PHE A CZ  1 
ATOM   725  N N   . SER A 1 94  ? 5.929   12.172  -15.022 1.00 18.34 ? 94  SER A N   1 
ATOM   726  C CA  . SER A 1 94  ? 6.091   13.578  -14.636 1.00 18.59 ? 94  SER A CA  1 
ATOM   727  C C   . SER A 1 94  ? 5.594   13.890  -13.225 1.00 21.44 ? 94  SER A C   1 
ATOM   728  O O   . SER A 1 94  ? 6.096   14.819  -12.592 1.00 21.93 ? 94  SER A O   1 
ATOM   729  C CB  . SER A 1 94  ? 5.377   14.489  -15.631 1.00 23.52 ? 94  SER A CB  1 
ATOM   730  O OG  . SER A 1 94  ? 3.995   14.193  -15.640 1.00 28.61 ? 94  SER A OG  1 
ATOM   731  N N   . LYS A 1 95  ? 4.627   13.119  -12.722 1.00 19.63 ? 95  LYS A N   1 
ATOM   732  C CA  . LYS A 1 95  ? 4.077   13.380  -11.385 1.00 23.31 ? 95  LYS A CA  1 
ATOM   733  C C   . LYS A 1 95  ? 4.773   12.578  -10.304 1.00 21.26 ? 95  LYS A C   1 
ATOM   734  O O   . LYS A 1 95  ? 4.441   12.711  -9.126  1.00 27.20 ? 95  LYS A O   1 
ATOM   735  C CB  . LYS A 1 95  ? 2.588   13.049  -11.317 1.00 24.00 ? 95  LYS A CB  1 
ATOM   736  C CG  . LYS A 1 95  ? 1.714   13.778  -12.302 1.00 34.07 ? 95  LYS A CG  1 
ATOM   737  C CD  . LYS A 1 95  ? 0.236   13.476  -12.054 1.00 42.10 ? 95  LYS A CD  1 
ATOM   738  C CE  . LYS A 1 95  ? -0.089  11.976  -12.145 1.00 50.65 ? 95  LYS A CE  1 
ATOM   739  N NZ  . LYS A 1 95  ? 0.023   11.435  -13.537 1.00 52.02 ? 95  LYS A NZ  1 
ATOM   740  N N   . GLY A 1 96  ? 5.718   11.737  -10.707 1.00 16.87 ? 96  GLY A N   1 
ATOM   741  C CA  . GLY A 1 96  ? 6.443   10.910  -9.747  1.00 20.36 ? 96  GLY A CA  1 
ATOM   742  C C   . GLY A 1 96  ? 7.359   11.682  -8.805  1.00 27.75 ? 96  GLY A C   1 
ATOM   743  O O   . GLY A 1 96  ? 8.045   12.615  -9.217  1.00 23.37 ? 96  GLY A O   1 
ATOM   744  N N   . ALA A 1 97  ? 7.393   11.315  -7.532  1.00 22.39 ? 97  ALA A N   1 
ATOM   745  C CA  . ALA A 1 97  ? 8.285   12.030  -6.624  1.00 28.67 ? 97  ALA A CA  1 
ATOM   746  C C   . ALA A 1 97  ? 9.697   11.508  -6.866  1.00 22.61 ? 97  ALA A C   1 
ATOM   747  O O   . ALA A 1 97  ? 9.888   10.395  -7.356  1.00 25.11 ? 97  ALA A O   1 
ATOM   748  C CB  . ALA A 1 97  ? 7.867   11.775  -5.148  1.00 26.62 ? 97  ALA A CB  1 
ATOM   749  N N   . SER A 1 98  ? 10.693  12.327  -6.529  1.00 30.91 ? 98  SER A N   1 
ATOM   750  C CA  . SER A 1 98  ? 12.092  11.927  -6.651  1.00 33.06 ? 98  SER A CA  1 
ATOM   751  C C   . SER A 1 98  ? 12.318  10.735  -5.713  1.00 30.37 ? 98  SER A C   1 
ATOM   752  O O   . SER A 1 98  ? 11.615  10.577  -4.720  1.00 29.90 ? 98  SER A O   1 
ATOM   753  C CB  . SER A 1 98  ? 12.992  13.071  -6.183  1.00 37.46 ? 98  SER A CB  1 
ATOM   754  O OG  . SER A 1 98  ? 12.755  13.317  -4.797  1.00 36.89 ? 98  SER A OG  1 
ATOM   755  N N   . PRO A 1 99  ? 13.311  9.895   -6.010  1.00 30.28 ? 99  PRO A N   1 
ATOM   756  C CA  . PRO A 1 99  ? 13.535  8.757   -5.118  1.00 29.56 ? 99  PRO A CA  1 
ATOM   757  C C   . PRO A 1 99  ? 13.748  9.163   -3.662  1.00 35.77 ? 99  PRO A C   1 
ATOM   758  O O   . PRO A 1 99  ? 13.322  8.450   -2.755  1.00 28.25 ? 99  PRO A O   1 
ATOM   759  C CB  . PRO A 1 99  ? 14.741  8.043   -5.733  1.00 33.25 ? 99  PRO A CB  1 
ATOM   760  C CG  . PRO A 1 99  ? 15.377  9.091   -6.629  1.00 45.45 ? 99  PRO A CG  1 
ATOM   761  C CD  . PRO A 1 99  ? 14.208  9.854   -7.176  1.00 32.40 ? 99  PRO A CD  1 
ATOM   762  N N   . ALA A 1 100 ? 14.386  10.308  -3.437  1.00 32.06 ? 100 ALA A N   1 
ATOM   763  C CA  . ALA A 1 100 ? 14.642  10.778  -2.073  1.00 38.73 ? 100 ALA A CA  1 
ATOM   764  C C   . ALA A 1 100 ? 13.365  11.077  -1.302  1.00 36.52 ? 100 ALA A C   1 
ATOM   765  O O   . ALA A 1 100 ? 13.212  10.646  -0.159  1.00 31.19 ? 100 ALA A O   1 
ATOM   766  C CB  . ALA A 1 100 ? 15.520  12.029  -2.101  1.00 40.27 ? 100 ALA A CB  1 
ATOM   767  N N   . LEU A 1 101 ? 12.461  11.825  -1.927  1.00 25.63 ? 101 LEU A N   1 
ATOM   768  C CA  . LEU A 1 101 ? 11.194  12.208  -1.323  1.00 30.15 ? 101 LEU A CA  1 
ATOM   769  C C   . LEU A 1 101 ? 10.292  10.979  -1.190  1.00 28.59 ? 101 LEU A C   1 
ATOM   770  O O   . LEU A 1 101 ? 9.580   10.812  -0.198  1.00 28.50 ? 101 LEU A O   1 
ATOM   771  C CB  . LEU A 1 101 ? 10.477  13.213  -2.205  1.00 28.80 ? 101 LEU A CB  1 
ATOM   772  C CG  . LEU A 1 101 ? 9.605   14.303  -1.595  1.00 42.21 ? 101 LEU A CG  1 
ATOM   773  C CD1 . LEU A 1 101 ? 8.457   14.581  -2.533  1.00 32.38 ? 101 LEU A CD1 1 
ATOM   774  C CD2 . LEU A 1 101 ? 9.112   13.914  -0.220  1.00 38.08 ? 101 LEU A CD2 1 
ATOM   775  N N   . ALA A 1 102 ? 10.301  10.141  -2.212  1.00 30.49 ? 102 ALA A N   1 
ATOM   776  C CA  . ALA A 1 102 ? 9.461   8.949   -2.174  1.00 21.14 ? 102 ALA A CA  1 
ATOM   777  C C   . ALA A 1 102 ? 9.893   8.017   -1.038  1.00 27.98 ? 102 ALA A C   1 
ATOM   778  O O   . ALA A 1 102 ? 9.052   7.472   -0.326  1.00 25.28 ? 102 ALA A O   1 
ATOM   779  C CB  . ALA A 1 102 ? 9.523   8.227   -3.507  1.00 25.05 ? 102 ALA A CB  1 
ATOM   780  N N   . ASN A 1 103 ? 11.195  7.817   -0.865  1.00 24.44 ? 103 ASN A N   1 
ATOM   781  C CA  . ASN A 1 103 ? 11.660  6.936   0.202   1.00 26.30 ? 103 ASN A CA  1 
ATOM   782  C C   . ASN A 1 103 ? 11.304  7.541   1.560   1.00 28.84 ? 103 ASN A C   1 
ATOM   783  O O   . ASN A 1 103 ? 10.880  6.833   2.473   1.00 26.33 ? 103 ASN A O   1 
ATOM   784  C CB  . ASN A 1 103 ? 13.167  6.715   0.093   1.00 28.49 ? 103 ASN A CB  1 
ATOM   785  C CG  . ASN A 1 103 ? 13.713  5.864   1.223   1.00 33.82 ? 103 ASN A CG  1 
ATOM   786  O OD1 . ASN A 1 103 ? 14.539  6.325   2.022   1.00 39.62 ? 103 ASN A OD1 1 
ATOM   787  N ND2 . ASN A 1 103 ? 13.267  4.619   1.297   1.00 21.74 ? 103 ASN A ND2 1 
ATOM   788  N N   . GLU A 1 104 ? 11.459  8.850   1.681   1.00 28.73 ? 104 GLU A N   1 
ATOM   789  C CA  . GLU A 1 104 ? 11.149  9.538   2.928   1.00 31.23 ? 104 GLU A CA  1 
ATOM   790  C C   . GLU A 1 104 ? 9.691   9.378   3.329   1.00 35.46 ? 104 GLU A C   1 
ATOM   791  O O   . GLU A 1 104 ? 9.393   8.966   4.462   1.00 26.01 ? 104 GLU A O   1 
ATOM   792  C CB  . GLU A 1 104 ? 11.465  11.038  2.818   1.00 31.31 ? 104 GLU A CB  1 
ATOM   793  C CG  . GLU A 1 104 ? 10.889  11.889  3.960   1.00 37.69 ? 104 GLU A CG  1 
ATOM   794  C CD  . GLU A 1 104 ? 11.095  13.389  3.745   1.00 66.38 ? 104 GLU A CD  1 
ATOM   795  O OE1 . GLU A 1 104 ? 12.238  13.790  3.423   1.00 71.21 ? 104 GLU A OE1 1 
ATOM   796  O OE2 . GLU A 1 104 ? 10.127  14.171  3.900   1.00 63.23 ? 104 GLU A OE2 1 
ATOM   797  N N   . LEU A 1 105 ? 8.783   9.709   2.408   1.00 26.67 ? 105 LEU A N   1 
ATOM   798  C CA  . LEU A 1 105 ? 7.361   9.629   2.705   1.00 25.50 ? 105 LEU A CA  1 
ATOM   799  C C   . LEU A 1 105 ? 6.857   8.196   2.800   1.00 23.12 ? 105 LEU A C   1 
ATOM   800  O O   . LEU A 1 105 ? 5.851   7.970   3.469   1.00 21.26 ? 105 LEU A O   1 
ATOM   801  C CB  . LEU A 1 105 ? 6.555   10.439  1.695   1.00 23.82 ? 105 LEU A CB  1 
ATOM   802  C CG  . LEU A 1 105 ? 6.779   11.969  1.811   1.00 30.50 ? 105 LEU A CG  1 
ATOM   803  C CD1 . LEU A 1 105 ? 5.904   12.709  0.814   1.00 28.01 ? 105 LEU A CD1 1 
ATOM   804  C CD2 . LEU A 1 105 ? 6.437   12.433  3.238   1.00 31.60 ? 105 LEU A CD2 1 
ATOM   805  N N   . TYR A 1 106 ? 7.561   7.258   2.150   1.00 19.48 ? 106 TYR A N   1 
ATOM   806  C CA  . TYR A 1 106 ? 7.260   5.821   2.201   1.00 19.91 ? 106 TYR A CA  1 
ATOM   807  C C   . TYR A 1 106 ? 7.565   5.365   3.638   1.00 24.43 ? 106 TYR A C   1 
ATOM   808  O O   . TYR A 1 106 ? 6.706   4.779   4.316   1.00 20.12 ? 106 TYR A O   1 
ATOM   809  C CB  . TYR A 1 106 ? 8.160   5.059   1.219   1.00 19.98 ? 106 TYR A CB  1 
ATOM   810  C CG  . TYR A 1 106 ? 8.414   3.589   1.516   1.00 22.54 ? 106 TYR A CG  1 
ATOM   811  C CD1 . TYR A 1 106 ? 7.441   2.621   1.283   1.00 19.42 ? 106 TYR A CD1 1 
ATOM   812  C CD2 . TYR A 1 106 ? 9.676   3.156   1.955   1.00 22.38 ? 106 TYR A CD2 1 
ATOM   813  C CE1 . TYR A 1 106 ? 7.716   1.271   1.465   1.00 16.83 ? 106 TYR A CE1 1 
ATOM   814  C CE2 . TYR A 1 106 ? 9.965   1.804   2.142   1.00 23.07 ? 106 TYR A CE2 1 
ATOM   815  C CZ  . TYR A 1 106 ? 8.981   0.856   1.896   1.00 17.07 ? 106 TYR A CZ  1 
ATOM   816  O OH  . TYR A 1 106 ? 9.236   -0.486  2.071   1.00 17.61 ? 106 TYR A OH  1 
ATOM   817  N N   . GLU A 1 107 ? 8.786   5.631   4.110   1.00 21.66 ? 107 GLU A N   1 
ATOM   818  C CA  . GLU A 1 107 ? 9.127   5.227   5.484   1.00 28.07 ? 107 GLU A CA  1 
ATOM   819  C C   . GLU A 1 107 ? 8.224   5.954   6.504   1.00 21.51 ? 107 GLU A C   1 
ATOM   820  O O   . GLU A 1 107 ? 7.819   5.370   7.536   1.00 23.63 ? 107 GLU A O   1 
ATOM   821  C CB  . GLU A 1 107 ? 10.632  5.464   5.778   1.00 25.46 ? 107 GLU A CB  1 
ATOM   822  C CG  . GLU A 1 107 ? 11.597  4.434   5.120   1.00 27.34 ? 107 GLU A CG  1 
ATOM   823  C CD  . GLU A 1 107 ? 11.430  2.992   5.622   1.00 38.84 ? 107 GLU A CD  1 
ATOM   824  O OE1 . GLU A 1 107 ? 10.783  2.763   6.671   1.00 32.24 ? 107 GLU A OE1 1 
ATOM   825  O OE2 . GLU A 1 107 ? 11.967  2.069   4.965   1.00 32.14 ? 107 GLU A OE2 1 
ATOM   826  N N   . TYR A 1 108 ? 7.869   7.203   6.223   1.00 17.37 ? 108 TYR A N   1 
ATOM   827  C CA  . TYR A 1 108 ? 6.995   7.964   7.109   1.00 21.19 ? 108 TYR A CA  1 
ATOM   828  C C   . TYR A 1 108 ? 5.570   7.389   7.167   1.00 24.64 ? 108 TYR A C   1 
ATOM   829  O O   . TYR A 1 108 ? 4.957   7.306   8.237   1.00 24.64 ? 108 TYR A O   1 
ATOM   830  C CB  . TYR A 1 108 ? 6.924   9.415   6.660   1.00 23.81 ? 108 TYR A CB  1 
ATOM   831  C CG  . TYR A 1 108 ? 6.023   10.266  7.503   1.00 21.10 ? 108 TYR A CG  1 
ATOM   832  C CD1 . TYR A 1 108 ? 4.734   10.576  7.097   1.00 23.77 ? 108 TYR A CD1 1 
ATOM   833  C CD2 . TYR A 1 108 ? 6.448   10.743  8.759   1.00 28.17 ? 108 TYR A CD2 1 
ATOM   834  C CE1 . TYR A 1 108 ? 3.886   11.321  7.885   1.00 21.82 ? 108 TYR A CE1 1 
ATOM   835  C CE2 . TYR A 1 108 ? 5.604   11.496  9.570   1.00 26.73 ? 108 TYR A CE2 1 
ATOM   836  C CZ  . TYR A 1 108 ? 4.328   11.786  9.137   1.00 24.33 ? 108 TYR A CZ  1 
ATOM   837  O OH  . TYR A 1 108 ? 3.475   12.515  9.911   1.00 31.40 ? 108 TYR A OH  1 
ATOM   838  N N   . PHE A 1 109 ? 5.031   7.029   6.001   1.00 22.85 ? 109 PHE A N   1 
ATOM   839  C CA  . PHE A 1 109 ? 3.692   6.450   5.925   1.00 19.07 ? 109 PHE A CA  1 
ATOM   840  C C   . PHE A 1 109 ? 3.695   5.142   6.754   1.00 20.70 ? 109 PHE A C   1 
ATOM   841  O O   . PHE A 1 109 ? 2.747   4.832   7.488   1.00 18.79 ? 109 PHE A O   1 
ATOM   842  C CB  . PHE A 1 109 ? 3.381   6.174   4.435   1.00 17.68 ? 109 PHE A CB  1 
ATOM   843  C CG  . PHE A 1 109 ? 2.089   5.468   4.198   1.00 16.99 ? 109 PHE A CG  1 
ATOM   844  C CD1 . PHE A 1 109 ? 2.068   4.077   4.041   1.00 15.96 ? 109 PHE A CD1 1 
ATOM   845  C CD2 . PHE A 1 109 ? 0.905   6.192   4.089   1.00 16.85 ? 109 PHE A CD2 1 
ATOM   846  C CE1 . PHE A 1 109 ? 0.868   3.397   3.772   1.00 16.88 ? 109 PHE A CE1 1 
ATOM   847  C CE2 . PHE A 1 109 ? -0.322  5.523   3.813   1.00 17.93 ? 109 PHE A CE2 1 
ATOM   848  C CZ  . PHE A 1 109 ? -0.318  4.113   3.655   1.00 14.82 ? 109 PHE A CZ  1 
ATOM   849  N N   . ILE A 1 110 ? 4.770   4.380   6.637   1.00 18.95 ? 110 ILE A N   1 
ATOM   850  C CA  . ILE A 1 110 ? 4.899   3.153   7.403   1.00 17.29 ? 110 ILE A CA  1 
ATOM   851  C C   . ILE A 1 110 ? 4.804   3.476   8.894   1.00 20.72 ? 110 ILE A C   1 
ATOM   852  O O   . ILE A 1 110 ? 4.091   2.806   9.644   1.00 17.17 ? 110 ILE A O   1 
ATOM   853  C CB  . ILE A 1 110 ? 6.236   2.457   7.117   1.00 20.15 ? 110 ILE A CB  1 
ATOM   854  C CG1 . ILE A 1 110 ? 6.233   1.895   5.682   1.00 19.71 ? 110 ILE A CG1 1 
ATOM   855  C CG2 . ILE A 1 110 ? 6.479   1.351   8.130   1.00 21.34 ? 110 ILE A CG2 1 
ATOM   856  C CD1 . ILE A 1 110 ? 7.640   1.579   5.134   1.00 17.12 ? 110 ILE A CD1 1 
ATOM   857  N N   . GLN A 1 111 ? 5.509   4.515   9.328   1.00 22.21 ? 111 GLN A N   1 
ATOM   858  C CA  . GLN A 1 111 ? 5.493   4.875   10.747  1.00 23.35 ? 111 GLN A CA  1 
ATOM   859  C C   . GLN A 1 111 ? 4.100   5.244   11.211  1.00 21.15 ? 111 GLN A C   1 
ATOM   860  O O   . GLN A 1 111 ? 3.655   4.820   12.285  1.00 21.68 ? 111 GLN A O   1 
ATOM   861  C CB  . GLN A 1 111 ? 6.460   6.043   11.015  1.00 24.97 ? 111 GLN A CB  1 
ATOM   862  C CG  . GLN A 1 111 ? 6.333   6.632   12.405  1.00 41.26 ? 111 GLN A CG  1 
ATOM   863  C CD  . GLN A 1 111 ? 7.329   7.755   12.684  1.00 58.62 ? 111 GLN A CD  1 
ATOM   864  O OE1 . GLN A 1 111 ? 7.267   8.830   12.079  1.00 60.39 ? 111 GLN A OE1 1 
ATOM   865  N NE2 . GLN A 1 111 ? 8.256   7.504   13.609  1.00 66.58 ? 111 GLN A NE2 1 
ATOM   866  N N   . LYS A 1 112 ? 3.404   6.036   10.396  1.00 16.73 ? 112 LYS A N   1 
ATOM   867  C CA  . LYS A 1 112 ? 2.066   6.494   10.725  1.00 17.91 ? 112 LYS A CA  1 
ATOM   868  C C   . LYS A 1 112 ? 1.070   5.319   10.815  1.00 14.94 ? 112 LYS A C   1 
ATOM   869  O O   . LYS A 1 112 ? 0.195   5.303   11.691  1.00 18.81 ? 112 LYS A O   1 
ATOM   870  C CB  . LYS A 1 112 ? 1.606   7.502   9.676   1.00 23.86 ? 112 LYS A CB  1 
ATOM   871  C CG  . LYS A 1 112 ? 0.582   8.534   10.155  1.00 42.33 ? 112 LYS A CG  1 
ATOM   872  C CD  . LYS A 1 112 ? -0.854  8.011   10.102  1.00 50.26 ? 112 LYS A CD  1 
ATOM   873  C CE  . LYS A 1 112 ? -1.893  9.157   10.128  1.00 31.83 ? 112 LYS A CE  1 
ATOM   874  N NZ  . LYS A 1 112 ? -3.294  8.682   10.154  1.00 57.64 ? 112 LYS A NZ  1 
ATOM   875  N N   . CYS A 1 113 ? 1.183   4.362   9.896   1.00 15.94 ? 113 CYS A N   1 
ATOM   876  C CA  . CYS A 1 113 ? 0.285   3.227   9.951   1.00 20.01 ? 113 CYS A CA  1 
ATOM   877  C C   . CYS A 1 113 ? 0.611   2.372   11.180  1.00 15.84 ? 113 CYS A C   1 
ATOM   878  O O   . CYS A 1 113 ? -0.295  1.805   11.810  1.00 16.12 ? 113 CYS A O   1 
ATOM   879  C CB  . CYS A 1 113 ? 0.423   2.360   8.711   1.00 23.29 ? 113 CYS A CB  1 
ATOM   880  S SG  . CYS A 1 113 ? 2.025   1.662   8.403   1.00 85.36 ? 113 CYS A SG  1 
ATOM   881  N N   . ALA A 1 114 ? 1.910   2.233   11.486  1.00 15.79 ? 114 ALA A N   1 
ATOM   882  C CA  . ALA A 1 114 ? 2.301   1.414   12.640  1.00 18.81 ? 114 ALA A CA  1 
ATOM   883  C C   . ALA A 1 114 ? 1.764   1.960   13.962  1.00 22.79 ? 114 ALA A C   1 
ATOM   884  O O   . ALA A 1 114 ? 1.732   1.247   14.971  1.00 19.90 ? 114 ALA A O   1 
ATOM   885  C CB  . ALA A 1 114 ? 3.859   1.270   12.710  1.00 17.56 ? 114 ALA A CB  1 
ATOM   886  N N   . GLU A 1 115 ? 1.382   3.230   13.992  1.00 17.60 ? 115 GLU A N   1 
ATOM   887  C CA  . GLU A 1 115 ? 0.807   3.760   15.223  1.00 21.21 ? 115 GLU A CA  1 
ATOM   888  C C   . GLU A 1 115 ? -0.481  3.007   15.584  1.00 22.94 ? 115 GLU A C   1 
ATOM   889  O O   . GLU A 1 115 ? -0.831  2.899   16.752  1.00 19.99 ? 115 GLU A O   1 
ATOM   890  C CB  . GLU A 1 115 ? 0.492   5.250   15.078  1.00 24.61 ? 115 GLU A CB  1 
ATOM   891  C CG  . GLU A 1 115 ? 1.724   6.127   14.923  1.00 20.03 ? 115 GLU A CG  1 
ATOM   892  C CD  . GLU A 1 115 ? 1.378   7.611   14.780  1.00 29.44 ? 115 GLU A CD  1 
ATOM   893  O OE1 . GLU A 1 115 ? 0.179   7.974   14.782  1.00 26.31 ? 115 GLU A OE1 1 
ATOM   894  O OE2 . GLU A 1 115 ? 2.317   8.419   14.668  1.00 32.28 ? 115 GLU A OE2 1 
ATOM   895  N N   . LYS A 1 116 ? -1.164  2.447   14.584  1.00 20.20 ? 116 LYS A N   1 
ATOM   896  C CA  . LYS A 1 116 ? -2.449  1.796   14.837  1.00 19.02 ? 116 LYS A CA  1 
ATOM   897  C C   . LYS A 1 116 ? -2.558  0.322   14.545  1.00 20.57 ? 116 LYS A C   1 
ATOM   898  O O   . LYS A 1 116 ? -3.495  -0.327  15.015  1.00 18.95 ? 116 LYS A O   1 
ATOM   899  C CB  . LYS A 1 116 ? -3.539  2.503   13.999  1.00 18.12 ? 116 LYS A CB  1 
ATOM   900  C CG  . LYS A 1 116 ? -3.757  3.965   14.359  1.00 23.24 ? 116 LYS A CG  1 
ATOM   901  C CD  . LYS A 1 116 ? -4.671  4.075   15.558  1.00 31.45 ? 116 LYS A CD  1 
ATOM   902  C CE  . LYS A 1 116 ? -5.008  5.534   15.899  1.00 40.64 ? 116 LYS A CE  1 
ATOM   903  N NZ  . LYS A 1 116 ? -3.855  6.281   16.493  1.00 37.29 ? 116 LYS A NZ  1 
ATOM   904  N N   . LEU A 1 117 ? -1.596  -0.220  13.807  1.00 16.27 ? 117 LEU A N   1 
ATOM   905  C CA  . LEU A 1 117 ? -1.707  -1.599  13.366  1.00 12.41 ? 117 LEU A CA  1 
ATOM   906  C C   . LEU A 1 117 ? -0.370  -2.252  13.074  1.00 13.65 ? 117 LEU A C   1 
ATOM   907  O O   . LEU A 1 117 ? 0.586   -1.556  12.725  1.00 16.32 ? 117 LEU A O   1 
ATOM   908  C CB  . LEU A 1 117 ? -2.462  -1.587  12.016  1.00 14.68 ? 117 LEU A CB  1 
ATOM   909  C CG  . LEU A 1 117 ? -3.092  -2.863  11.496  1.00 19.06 ? 117 LEU A CG  1 
ATOM   910  C CD1 . LEU A 1 117 ? -4.451  -3.031  12.208  1.00 19.52 ? 117 LEU A CD1 1 
ATOM   911  C CD2 . LEU A 1 117 ? -3.308  -2.763  9.970   1.00 19.36 ? 117 LEU A CD2 1 
ATOM   912  N N   . PRO A 1 118 ? -0.295  -3.583  13.196  1.00 12.66 ? 118 PRO A N   1 
ATOM   913  C CA  . PRO A 1 118 ? 0.968   -4.259  12.873  1.00 15.49 ? 118 PRO A CA  1 
ATOM   914  C C   . PRO A 1 118 ? 1.168   -4.105  11.346  1.00 18.50 ? 118 PRO A C   1 
ATOM   915  O O   . PRO A 1 118 ? 0.250   -4.370  10.542  1.00 16.88 ? 118 PRO A O   1 
ATOM   916  C CB  . PRO A 1 118 ? 0.698   -5.719  13.240  1.00 17.53 ? 118 PRO A CB  1 
ATOM   917  C CG  . PRO A 1 118 ? -0.842  -5.809  13.297  1.00 17.84 ? 118 PRO A CG  1 
ATOM   918  C CD  . PRO A 1 118 ? -1.221  -4.496  13.881  1.00 16.18 ? 118 PRO A CD  1 
ATOM   919  N N   . VAL A 1 119 ? 2.341   -3.651  10.936  1.00 15.69 ? 119 VAL A N   1 
ATOM   920  C CA  . VAL A 1 119 ? 2.596   -3.530  9.502   1.00 16.60 ? 119 VAL A CA  1 
ATOM   921  C C   . VAL A 1 119 ? 3.941   -4.144  9.169   1.00 21.80 ? 119 VAL A C   1 
ATOM   922  O O   . VAL A 1 119 ? 4.846   -4.204  10.020  1.00 19.23 ? 119 VAL A O   1 
ATOM   923  C CB  . VAL A 1 119 ? 2.615   -2.060  9.033   1.00 26.64 ? 119 VAL A CB  1 
ATOM   924  C CG1 . VAL A 1 119 ? 1.313   -1.362  9.402   1.00 20.03 ? 119 VAL A CG1 1 
ATOM   925  C CG2 . VAL A 1 119 ? 3.790   -1.352  9.631   1.00 30.53 ? 119 VAL A CG2 1 
ATOM   926  N N   . SER A 1 120 ? 4.047   -4.670  7.956   1.00 14.62 ? 120 SER A N   1 
ATOM   927  C CA  . SER A 1 120 ? 5.312   -5.214  7.471   1.00 14.01 ? 120 SER A CA  1 
ATOM   928  C C   . SER A 1 120 ? 5.568   -4.491  6.155   1.00 17.62 ? 120 SER A C   1 
ATOM   929  O O   . SER A 1 120 ? 4.670   -3.834  5.617   1.00 17.11 ? 120 SER A O   1 
ATOM   930  C CB  . SER A 1 120 ? 5.252   -6.712  7.277   1.00 12.71 ? 120 SER A CB  1 
ATOM   931  O OG  . SER A 1 120 ? 5.188   -7.352  8.568   1.00 15.97 ? 120 SER A OG  1 
ATOM   932  N N   . THR A 1 121 ? 6.789   -4.603  5.649   1.00 16.85 ? 121 THR A N   1 
ATOM   933  C CA  . THR A 1 121 ? 7.159   -3.854  4.460   1.00 14.48 ? 121 THR A CA  1 
ATOM   934  C C   . THR A 1 121 ? 8.035   -4.579  3.474   1.00 16.31 ? 121 THR A C   1 
ATOM   935  O O   . THR A 1 121 ? 8.546   -5.671  3.734   1.00 17.08 ? 121 THR A O   1 
ATOM   936  C CB  . THR A 1 121 ? 7.985   -2.634  4.828   1.00 16.65 ? 121 THR A CB  1 
ATOM   937  O OG1 . THR A 1 121 ? 9.298   -3.080  5.275   1.00 19.27 ? 121 THR A OG1 1 
ATOM   938  C CG2 . THR A 1 121 ? 7.340   -1.849  5.947   1.00 25.96 ? 121 THR A CG2 1 
ATOM   939  N N   . GLY A 1 122 ? 8.174   -3.946  2.303   1.00 14.80 ? 122 GLY A N   1 
ATOM   940  C CA  . GLY A 1 122 ? 9.112   -4.477  1.331   1.00 15.06 ? 122 GLY A CA  1 
ATOM   941  C C   . GLY A 1 122 ? 10.373  -3.676  1.616   1.00 18.03 ? 122 GLY A C   1 
ATOM   942  O O   . GLY A 1 122 ? 10.619  -3.254  2.752   1.00 17.58 ? 122 GLY A O   1 
ATOM   943  N N   . GLN A 1 123 ? 11.176  -3.452  0.584   1.00 21.60 ? 123 GLN A N   1 
ATOM   944  C CA  . GLN A 1 123 ? 12.407  -2.672  0.700   1.00 23.64 ? 123 GLN A CA  1 
ATOM   945  C C   . GLN A 1 123 ? 12.336  -1.638  -0.406  1.00 26.63 ? 123 GLN A C   1 
ATOM   946  O O   . GLN A 1 123 ? 11.928  -1.953  -1.522  1.00 28.21 ? 123 GLN A O   1 
ATOM   947  C CB  . GLN A 1 123 ? 13.610  -3.602  0.527   1.00 27.06 ? 123 GLN A CB  1 
ATOM   948  C CG  . GLN A 1 123 ? 14.955  -2.924  0.508   1.00 43.63 ? 123 GLN A CG  1 
ATOM   949  C CD  . GLN A 1 123 ? 16.100  -3.912  0.295   1.00 47.85 ? 123 GLN A CD  1 
ATOM   950  O OE1 . GLN A 1 123 ? 17.179  -3.531  -0.161  1.00 53.75 ? 123 GLN A OE1 1 
ATOM   951  N NE2 . GLN A 1 123 ? 15.872  -5.181  0.636   1.00 36.77 ? 123 GLN A NE2 1 
ATOM   952  N N   . PHE A 1 124 ? 12.687  -0.403  -0.105  1.00 21.27 ? 124 PHE A N   1 
ATOM   953  C CA  . PHE A 1 124 ? 12.617  0.629   -1.132  1.00 22.51 ? 124 PHE A CA  1 
ATOM   954  C C   . PHE A 1 124 ? 13.657  0.346   -2.204  1.00 33.07 ? 124 PHE A C   1 
ATOM   955  O O   . PHE A 1 124 ? 14.759  -0.101  -1.903  1.00 35.48 ? 124 PHE A O   1 
ATOM   956  C CB  . PHE A 1 124 ? 12.887  1.998   -0.532  1.00 23.21 ? 124 PHE A CB  1 
ATOM   957  C CG  . PHE A 1 124 ? 12.697  3.122   -1.491  1.00 26.43 ? 124 PHE A CG  1 
ATOM   958  C CD1 . PHE A 1 124 ? 11.442  3.671   -1.694  1.00 24.46 ? 124 PHE A CD1 1 
ATOM   959  C CD2 . PHE A 1 124 ? 13.785  3.628   -2.216  1.00 29.89 ? 124 PHE A CD2 1 
ATOM   960  C CE1 . PHE A 1 124 ? 11.257  4.713   -2.604  1.00 32.35 ? 124 PHE A CE1 1 
ATOM   961  C CE2 . PHE A 1 124 ? 13.613  4.665   -3.125  1.00 32.36 ? 124 PHE A CE2 1 
ATOM   962  C CZ  . PHE A 1 124 ? 12.346  5.211   -3.321  1.00 30.07 ? 124 PHE A CZ  1 
ATOM   963  N N   . ALA A 1 125 ? 13.290  0.575   -3.456  1.00 26.58 ? 125 ALA A N   1 
ATOM   964  C CA  . ALA A 1 125 ? 14.225  0.408   -4.558  1.00 36.84 ? 125 ALA A CA  1 
ATOM   965  C C   . ALA A 1 125 ? 14.997  -0.903  -4.599  1.00 47.30 ? 125 ALA A C   1 
ATOM   966  O O   . ALA A 1 125 ? 16.211  -0.916  -4.813  1.00 54.62 ? 125 ALA A O   1 
ATOM   967  C CB  . ALA A 1 125 ? 15.206  1.575   -4.572  1.00 39.37 ? 125 ALA A CB  1 
ATOM   968  N N   . ALA A 1 126 ? 14.293  -2.001  -4.381  1.00 30.15 ? 126 ALA A N   1 
ATOM   969  C CA  . ALA A 1 126 ? 14.881  -3.319  -4.459  1.00 28.61 ? 126 ALA A CA  1 
ATOM   970  C C   . ALA A 1 126 ? 13.924  -4.023  -5.418  1.00 30.91 ? 126 ALA A C   1 
ATOM   971  O O   . ALA A 1 126 ? 12.743  -3.660  -5.468  1.00 26.60 ? 126 ALA A O   1 
ATOM   972  C CB  . ALA A 1 126 ? 14.852  -4.007  -3.092  1.00 37.98 ? 126 ALA A CB  1 
ATOM   973  N N   . ASP A 1 127 ? 14.427  -4.979  -6.192  1.00 24.59 ? 127 ASP A N   1 
ATOM   974  C CA  . ASP A 1 127 ? 13.571  -5.734  -7.089  1.00 22.19 ? 127 ASP A CA  1 
ATOM   975  C C   . ASP A 1 127 ? 12.872  -6.695  -6.144  1.00 26.50 ? 127 ASP A C   1 
ATOM   976  O O   . ASP A 1 127 ? 13.522  -7.448  -5.425  1.00 27.11 ? 127 ASP A O   1 
ATOM   977  C CB  . ASP A 1 127 ? 14.382  -6.519  -8.128  1.00 22.98 ? 127 ASP A CB  1 
ATOM   978  C CG  . ASP A 1 127 ? 13.496  -7.358  -9.030  1.00 30.64 ? 127 ASP A CG  1 
ATOM   979  O OD1 . ASP A 1 127 ? 12.502  -6.807  -9.550  1.00 31.86 ? 127 ASP A OD1 1 
ATOM   980  O OD2 . ASP A 1 127 ? 13.773  -8.552  -9.225  1.00 35.18 ? 127 ASP A OD2 1 
ATOM   981  N N   . MET A 1 128 ? 11.539  -6.673  -6.146  1.00 21.24 ? 128 MET A N   1 
ATOM   982  C CA  . MET A 1 128 ? 10.787  -7.523  -5.238  1.00 19.53 ? 128 MET A CA  1 
ATOM   983  C C   . MET A 1 128 ? 9.799   -8.442  -5.923  1.00 19.46 ? 128 MET A C   1 
ATOM   984  O O   . MET A 1 128 ? 9.149   -8.041  -6.889  1.00 21.40 ? 128 MET A O   1 
ATOM   985  C CB  . MET A 1 128 ? 9.975   -6.634  -4.288  1.00 16.13 ? 128 MET A CB  1 
ATOM   986  C CG  . MET A 1 128 ? 10.796  -5.770  -3.327  1.00 16.60 ? 128 MET A CG  1 
ATOM   987  S SD  . MET A 1 128 ? 9.799   -4.561  -2.403  1.00 18.61 ? 128 MET A SD  1 
ATOM   988  C CE  . MET A 1 128 ? 9.869   -3.160  -3.505  1.00 15.01 ? 128 MET A CE  1 
ATOM   989  N N   . GLN A 1 129 ? 9.678   -9.660  -5.431  1.00 17.25 ? 129 GLN A N   1 
ATOM   990  C CA  . GLN A 1 129 ? 8.673   -10.580 -5.959  1.00 18.60 ? 129 GLN A CA  1 
ATOM   991  C C   . GLN A 1 129 ? 7.618   -10.555 -4.861  1.00 21.11 ? 129 GLN A C   1 
ATOM   992  O O   . GLN A 1 129 ? 7.818   -11.114 -3.772  1.00 17.85 ? 129 GLN A O   1 
ATOM   993  C CB  . GLN A 1 129 ? 9.234   -11.998 -6.142  1.00 22.83 ? 129 GLN A CB  1 
ATOM   994  C CG  . GLN A 1 129 ? 10.128  -12.149 -7.401  1.00 26.81 ? 129 GLN A CG  1 
ATOM   995  C CD  . GLN A 1 129 ? 11.284  -11.152 -7.424  1.00 32.43 ? 129 GLN A CD  1 
ATOM   996  O OE1 . GLN A 1 129 ? 12.160  -11.197 -6.560  1.00 30.17 ? 129 GLN A OE1 1 
ATOM   997  N NE2 . GLN A 1 129 ? 11.290  -10.239 -8.418  1.00 25.63 ? 129 GLN A NE2 1 
ATOM   998  N N   . VAL A 1 130 ? 6.482   -9.919  -5.147  1.00 16.70 ? 130 VAL A N   1 
ATOM   999  C CA  . VAL A 1 130 ? 5.430   -9.744  -4.153  1.00 15.46 ? 130 VAL A CA  1 
ATOM   1000 C C   . VAL A 1 130 ? 4.330   -10.747 -4.369  1.00 16.91 ? 130 VAL A C   1 
ATOM   1001 O O   . VAL A 1 130 ? 3.586   -10.642 -5.340  1.00 13.43 ? 130 VAL A O   1 
ATOM   1002 C CB  . VAL A 1 130 ? 4.826   -8.322  -4.243  1.00 14.58 ? 130 VAL A CB  1 
ATOM   1003 C CG1 . VAL A 1 130 ? 3.770   -8.083  -3.098  1.00 14.32 ? 130 VAL A CG1 1 
ATOM   1004 C CG2 . VAL A 1 130 ? 5.921   -7.290  -4.167  1.00 16.87 ? 130 VAL A CG2 1 
ATOM   1005 N N   . SER A 1 131 ? 4.231   -11.738 -3.487  1.00 14.44 ? 131 SER A N   1 
ATOM   1006 C CA  . SER A 1 131 ? 3.197   -12.755 -3.653  1.00 17.23 ? 131 SER A CA  1 
ATOM   1007 C C   . SER A 1 131 ? 2.023   -12.499 -2.731  1.00 16.59 ? 131 SER A C   1 
ATOM   1008 O O   . SER A 1 131 ? 2.211   -12.099 -1.589  1.00 18.71 ? 131 SER A O   1 
ATOM   1009 C CB  . SER A 1 131 ? 3.750   -14.161 -3.362  1.00 16.82 ? 131 SER A CB  1 
ATOM   1010 O OG  . SER A 1 131 ? 4.762   -14.504 -4.297  1.00 19.49 ? 131 SER A OG  1 
ATOM   1011 N N   . LEU A 1 132 ? 0.821   -12.756 -3.229  1.00 13.14 ? 132 LEU A N   1 
ATOM   1012 C CA  . LEU A 1 132 ? -0.363  -12.516 -2.416  1.00 13.03 ? 132 LEU A CA  1 
ATOM   1013 C C   . LEU A 1 132 ? -1.553  -13.274 -2.887  1.00 12.99 ? 132 LEU A C   1 
ATOM   1014 O O   . LEU A 1 132 ? -1.607  -13.757 -4.032  1.00 13.90 ? 132 LEU A O   1 
ATOM   1015 C CB  . LEU A 1 132 ? -0.758  -11.028 -2.463  1.00 13.32 ? 132 LEU A CB  1 
ATOM   1016 C CG  . LEU A 1 132 ? -1.119  -10.498 -3.869  1.00 14.03 ? 132 LEU A CG  1 
ATOM   1017 C CD1 . LEU A 1 132 ? -2.188  -9.360  -3.783  1.00 10.97 ? 132 LEU A CD1 1 
ATOM   1018 C CD2 . LEU A 1 132 ? 0.132   -9.939  -4.577  1.00 15.68 ? 132 LEU A CD2 1 
ATOM   1019 N N   . THR A 1 133 ? -2.533  -13.401 -1.996  1.00 15.83 ? 133 THR A N   1 
ATOM   1020 C CA  . THR A 1 133 ? -3.800  -13.965 -2.422  1.00 12.91 ? 133 THR A CA  1 
ATOM   1021 C C   . THR A 1 133 ? -4.837  -12.859 -2.181  1.00 15.38 ? 133 THR A C   1 
ATOM   1022 O O   . THR A 1 133 ? -5.141  -12.523 -1.031  1.00 15.60 ? 133 THR A O   1 
ATOM   1023 C CB  . THR A 1 133 ? -4.199  -15.231 -1.636  1.00 19.04 ? 133 THR A CB  1 
ATOM   1024 O OG1 . THR A 1 133 ? -3.233  -16.264 -1.871  1.00 19.57 ? 133 THR A OG1 1 
ATOM   1025 C CG2 . THR A 1 133 ? -5.579  -15.728 -2.134  1.00 16.47 ? 133 THR A CG2 1 
ATOM   1026 N N   . ASN A 1 134 ? -5.347  -12.278 -3.266  1.00 14.08 ? 134 ASN A N   1 
ATOM   1027 C CA  . ASN A 1 134 ? -6.345  -11.210 -3.209  1.00 14.43 ? 134 ASN A CA  1 
ATOM   1028 C C   . ASN A 1 134 ? -7.663  -11.939 -3.018  1.00 18.99 ? 134 ASN A C   1 
ATOM   1029 O O   . ASN A 1 134 ? -8.119  -12.681 -3.897  1.00 15.89 ? 134 ASN A O   1 
ATOM   1030 C CB  . ASN A 1 134 ? -6.266  -10.416 -4.521  1.00 15.12 ? 134 ASN A CB  1 
ATOM   1031 C CG  . ASN A 1 134 ? -7.100  -9.167  -4.493  1.00 12.58 ? 134 ASN A CG  1 
ATOM   1032 O OD1 . ASN A 1 134 ? -6.765  -8.144  -5.139  1.00 15.97 ? 134 ASN A OD1 1 
ATOM   1033 N ND2 . ASN A 1 134 ? -8.214  -9.241  -3.784  1.00 9.45  ? 134 ASN A ND2 1 
ATOM   1034 N N   . ASP A 1 135 ? -8.273  -11.711 -1.853  1.00 15.42 ? 135 ASP A N   1 
ATOM   1035 C CA  . ASP A 1 135 ? -9.482  -12.445 -1.449  1.00 16.29 ? 135 ASP A CA  1 
ATOM   1036 C C   . ASP A 1 135 ? -10.723 -11.689 -1.817  1.00 15.57 ? 135 ASP A C   1 
ATOM   1037 O O   . ASP A 1 135 ? -11.091 -10.729 -1.150  1.00 16.91 ? 135 ASP A O   1 
ATOM   1038 C CB  . ASP A 1 135 ? -9.408  -12.668 0.064   1.00 18.88 ? 135 ASP A CB  1 
ATOM   1039 C CG  . ASP A 1 135 ? -10.566 -13.494 0.583   1.00 27.02 ? 135 ASP A CG  1 
ATOM   1040 O OD1 . ASP A 1 135 ? -10.713 -13.572 1.807   1.00 35.35 ? 135 ASP A OD1 1 
ATOM   1041 O OD2 . ASP A 1 135 ? -11.321 -14.059 -0.236  1.00 27.27 ? 135 ASP A OD2 1 
ATOM   1042 N N   . GLY A 1 136 ? -11.366 -12.124 -2.899  1.00 14.42 ? 136 GLY A N   1 
ATOM   1043 C CA  . GLY A 1 136 ? -12.558 -11.444 -3.371  1.00 15.62 ? 136 GLY A CA  1 
ATOM   1044 C C   . GLY A 1 136 ? -12.644 -11.647 -4.867  1.00 20.41 ? 136 GLY A C   1 
ATOM   1045 O O   . GLY A 1 136 ? -13.549 -12.317 -5.348  1.00 17.82 ? 136 GLY A O   1 
ATOM   1046 N N   . PRO A 1 137 ? -11.770 -11.000 -5.653  1.00 17.19 ? 137 PRO A N   1 
ATOM   1047 C CA  . PRO A 1 137 ? -10.740 -10.087 -5.137  1.00 15.74 ? 137 PRO A CA  1 
ATOM   1048 C C   . PRO A 1 137 ? -11.407 -8.752  -4.781  1.00 13.96 ? 137 PRO A C   1 
ATOM   1049 O O   . PRO A 1 137 ? -12.547 -8.497  -5.140  1.00 15.17 ? 137 PRO A O   1 
ATOM   1050 C CB  . PRO A 1 137 ? -9.773  -9.941  -6.323  1.00 13.75 ? 137 PRO A CB  1 
ATOM   1051 C CG  . PRO A 1 137 ? -10.724 -9.937  -7.508  1.00 13.94 ? 137 PRO A CG  1 
ATOM   1052 C CD  . PRO A 1 137 ? -11.766 -11.033 -7.122  1.00 15.24 ? 137 PRO A CD  1 
ATOM   1053 N N   . VAL A 1 138 ? -10.689 -7.920  -4.027  1.00 12.89 ? 138 VAL A N   1 
ATOM   1054 C CA  . VAL A 1 138 ? -11.170 -6.601  -3.634  1.00 12.09 ? 138 VAL A CA  1 
ATOM   1055 C C   . VAL A 1 138 ? -9.982  -5.679  -3.778  1.00 13.18 ? 138 VAL A C   1 
ATOM   1056 O O   . VAL A 1 138 ? -8.959  -5.889  -3.123  1.00 12.59 ? 138 VAL A O   1 
ATOM   1057 C CB  . VAL A 1 138 ? -11.679 -6.556  -2.170  1.00 15.86 ? 138 VAL A CB  1 
ATOM   1058 C CG1 . VAL A 1 138 ? -12.076 -5.063  -1.781  1.00 15.34 ? 138 VAL A CG1 1 
ATOM   1059 C CG2 . VAL A 1 138 ? -12.917 -7.475  -2.038  1.00 18.54 ? 138 VAL A CG2 1 
ATOM   1060 N N   . THR A 1 139 ? -10.144 -4.653  -4.608  1.00 12.87 ? 139 THR A N   1 
ATOM   1061 C CA  . THR A 1 139 ? -9.044  -3.745  -4.916  1.00 12.06 ? 139 THR A CA  1 
ATOM   1062 C C   . THR A 1 139 ? -9.514  -2.297  -4.994  1.00 16.44 ? 139 THR A C   1 
ATOM   1063 O O   . THR A 1 139 ? -10.409 -1.974  -5.774  1.00 12.18 ? 139 THR A O   1 
ATOM   1064 C CB  . THR A 1 139 ? -8.424  -4.161  -6.275  1.00 14.43 ? 139 THR A CB  1 
ATOM   1065 O OG1 . THR A 1 139 ? -8.094  -5.567  -6.260  1.00 13.57 ? 139 THR A OG1 1 
ATOM   1066 C CG2 . THR A 1 139 ? -7.176  -3.322  -6.588  1.00 11.42 ? 139 THR A CG2 1 
ATOM   1067 N N   . PHE A 1 140 ? -8.899  -1.411  -4.212  1.00 11.71 ? 140 PHE A N   1 
ATOM   1068 C CA  . PHE A 1 140 ? -9.322  -0.006  -4.262  1.00 12.77 ? 140 PHE A CA  1 
ATOM   1069 C C   . PHE A 1 140 ? -8.126  0.882   -4.459  1.00 15.23 ? 140 PHE A C   1 
ATOM   1070 O O   . PHE A 1 140 ? -7.077  0.670   -3.851  1.00 13.09 ? 140 PHE A O   1 
ATOM   1071 C CB  . PHE A 1 140 ? -10.026 0.437   -2.976  1.00 12.84 ? 140 PHE A CB  1 
ATOM   1072 C CG  . PHE A 1 140 ? -11.402 -0.137  -2.813  1.00 14.52 ? 140 PHE A CG  1 
ATOM   1073 C CD1 . PHE A 1 140 ? -11.651 -1.081  -1.823  1.00 17.37 ? 140 PHE A CD1 1 
ATOM   1074 C CD2 . PHE A 1 140 ? -12.438 0.243   -3.668  1.00 13.09 ? 140 PHE A CD2 1 
ATOM   1075 C CE1 . PHE A 1 140 ? -12.920 -1.665  -1.668  1.00 12.71 ? 140 PHE A CE1 1 
ATOM   1076 C CE2 . PHE A 1 140 ? -13.720 -0.333  -3.533  1.00 15.32 ? 140 PHE A CE2 1 
ATOM   1077 C CZ  . PHE A 1 140 ? -13.957 -1.292  -2.526  1.00 13.04 ? 140 PHE A CZ  1 
ATOM   1078 N N   . TRP A 1 141 ? -8.307  1.888   -5.310  1.00 12.73 ? 141 TRP A N   1 
ATOM   1079 C CA  . TRP A 1 141 ? -7.276  2.885   -5.556  1.00 10.99 ? 141 TRP A CA  1 
ATOM   1080 C C   . TRP A 1 141 ? -7.644  4.072   -4.633  1.00 13.94 ? 141 TRP A C   1 
ATOM   1081 O O   . TRP A 1 141 ? -8.661  4.736   -4.839  1.00 15.86 ? 141 TRP A O   1 
ATOM   1082 C CB  . TRP A 1 141 ? -7.349  3.282   -7.037  1.00 14.53 ? 141 TRP A CB  1 
ATOM   1083 C CG  . TRP A 1 141 ? -6.336  4.295   -7.421  1.00 15.83 ? 141 TRP A CG  1 
ATOM   1084 C CD1 . TRP A 1 141 ? -6.361  5.620   -7.138  1.00 16.96 ? 141 TRP A CD1 1 
ATOM   1085 C CD2 . TRP A 1 141 ? -5.156  4.058   -8.197  1.00 15.58 ? 141 TRP A CD2 1 
ATOM   1086 N NE1 . TRP A 1 141 ? -5.257  6.239   -7.711  1.00 21.13 ? 141 TRP A NE1 1 
ATOM   1087 C CE2 . TRP A 1 141 ? -4.511  5.297   -8.362  1.00 18.25 ? 141 TRP A CE2 1 
ATOM   1088 C CE3 . TRP A 1 141 ? -4.590  2.913   -8.778  1.00 18.06 ? 141 TRP A CE3 1 
ATOM   1089 C CZ2 . TRP A 1 141 ? -3.305  5.433   -9.095  1.00 22.64 ? 141 TRP A CZ2 1 
ATOM   1090 C CZ3 . TRP A 1 141 ? -3.360  3.058   -9.524  1.00 20.90 ? 141 TRP A CZ3 1 
ATOM   1091 C CH2 . TRP A 1 141 ? -2.763  4.308   -9.659  1.00 18.29 ? 141 TRP A CH2 1 
ATOM   1092 N N   . LEU A 1 142 ? -6.861  4.290   -3.580  1.00 13.93 ? 142 LEU A N   1 
ATOM   1093 C CA  . LEU A 1 142 ? -7.087  5.404   -2.666  1.00 12.29 ? 142 LEU A CA  1 
ATOM   1094 C C   . LEU A 1 142 ? -6.007  6.439   -2.947  1.00 16.54 ? 142 LEU A C   1 
ATOM   1095 O O   . LEU A 1 142 ? -4.872  6.101   -3.331  1.00 15.23 ? 142 LEU A O   1 
ATOM   1096 C CB  . LEU A 1 142 ? -6.959  4.965   -1.201  1.00 12.48 ? 142 LEU A CB  1 
ATOM   1097 C CG  . LEU A 1 142 ? -7.922  3.799   -0.849  1.00 14.27 ? 142 LEU A CG  1 
ATOM   1098 C CD1 . LEU A 1 142 ? -7.757  3.415   0.629   1.00 15.06 ? 142 LEU A CD1 1 
ATOM   1099 C CD2 . LEU A 1 142 ? -9.397  4.209   -1.157  1.00 15.96 ? 142 LEU A CD2 1 
ATOM   1100 N N   . ASN A 1 143 ? -6.345  7.711   -2.752  1.00 16.17 ? 143 ASN A N   1 
ATOM   1101 C CA  . ASN A 1 143 ? -5.344  8.722   -2.996  1.00 18.18 ? 143 ASN A CA  1 
ATOM   1102 C C   . ASN A 1 143 ? -5.682  10.002  -2.250  1.00 22.05 ? 143 ASN A C   1 
ATOM   1103 O O   . ASN A 1 143 ? -6.806  10.166  -1.769  1.00 21.72 ? 143 ASN A O   1 
ATOM   1104 C CB  . ASN A 1 143 ? -5.243  8.999   -4.487  1.00 15.70 ? 143 ASN A CB  1 
ATOM   1105 C CG  . ASN A 1 143 ? -6.458  9.717   -5.013  1.00 24.10 ? 143 ASN A CG  1 
ATOM   1106 O OD1 . ASN A 1 143 ? -7.574  9.256   -4.854  1.00 25.09 ? 143 ASN A OD1 1 
ATOM   1107 N ND2 . ASN A 1 143 ? -6.241  10.865  -5.639  1.00 38.35 ? 143 ASN A ND2 1 
ATOM   1108 N N   . VAL A 1 144 ? -4.690  10.887  -2.147  1.00 18.20 ? 144 VAL A N   1 
ATOM   1109 C CA  . VAL A 1 144 ? -4.869  12.173  -1.492  1.00 19.49 ? 144 VAL A CA  1 
ATOM   1110 C C   . VAL A 1 144 ? -4.033  13.128  -2.330  1.00 23.00 ? 144 VAL A C   1 
ATOM   1111 O O   . VAL A 1 144 ? -2.984  12.686  -2.840  1.00 25.44 ? 144 VAL A O   1 
ATOM   1112 C CB  . VAL A 1 144 ? -4.341  12.185  -0.029  1.00 23.38 ? 144 VAL A CB  1 
ATOM   1113 C CG1 . VAL A 1 144 ? -5.254  11.362  0.877   1.00 24.29 ? 144 VAL A CG1 1 
ATOM   1114 C CG2 . VAL A 1 144 ? -2.943  11.619  0.033   1.00 34.56 ? 144 VAL A CG2 1 
ATOM   1115 O OXT . VAL A 1 144 ? -4.455  14.283  -2.461  1.00 28.09 ? 144 VAL A OXT 1 
HETATM 1116 O O   . HOH B 2 .   ? 3.110   -6.968  10.216  1.00 16.13 ? 201 HOH A O   1 
HETATM 1117 O O   . HOH B 2 .   ? 3.330   6.733   -24.340 1.00 19.18 ? 202 HOH A O   1 
HETATM 1118 O O   . HOH B 2 .   ? -0.407  3.380   -13.039 1.00 15.54 ? 203 HOH A O   1 
HETATM 1119 O O   . HOH B 2 .   ? -9.176  -0.677  6.213   1.00 13.97 ? 204 HOH A O   1 
HETATM 1120 O O   . HOH B 2 .   ? 6.888   -9.617  8.241   1.00 19.00 ? 205 HOH A O   1 
HETATM 1121 O O   . HOH B 2 .   ? -1.385  5.890   -12.767 1.00 17.38 ? 206 HOH A O   1 
HETATM 1122 O O   . HOH B 2 .   ? -9.193  8.267   -2.596  1.00 17.94 ? 207 HOH A O   1 
HETATM 1123 O O   . HOH B 2 .   ? 8.898   -1.477  -0.533  1.00 17.96 ? 208 HOH A O   1 
HETATM 1124 O O   . HOH B 2 .   ? 3.327   -2.027  13.130  1.00 19.09 ? 209 HOH A O   1 
HETATM 1125 O O   . HOH B 2 .   ? 4.317   4.509   -26.666 1.00 17.65 ? 210 HOH A O   1 
HETATM 1126 O O   . HOH B 2 .   ? 3.369   -10.833 9.897   1.00 23.39 ? 211 HOH A O   1 
HETATM 1127 O O   . HOH B 2 .   ? 3.177   10.912  -13.912 1.00 18.34 ? 212 HOH A O   1 
HETATM 1128 O O   . HOH B 2 .   ? -17.531 -0.754  1.860   1.00 24.10 ? 213 HOH A O   1 
HETATM 1129 O O   . HOH B 2 .   ? -10.053 5.847   -7.088  1.00 23.51 ? 214 HOH A O   1 
HETATM 1130 O O   . HOH B 2 .   ? 10.989  -0.436  4.189   1.00 21.80 ? 215 HOH A O   1 
HETATM 1131 O O   . HOH B 2 .   ? -2.922  7.966   -16.235 1.00 18.53 ? 216 HOH A O   1 
HETATM 1132 O O   . HOH B 2 .   ? -15.715 0.224   9.888   1.00 31.25 ? 217 HOH A O   1 
HETATM 1133 O O   . HOH B 2 .   ? -4.424  -6.369  13.859  1.00 21.18 ? 218 HOH A O   1 
HETATM 1134 O O   . HOH B 2 .   ? 6.994   -13.698 -3.366  1.00 23.15 ? 219 HOH A O   1 
HETATM 1135 O O   . HOH B 2 .   ? 13.667  2.612   3.047   1.00 29.03 ? 220 HOH A O   1 
HETATM 1136 O O   . HOH B 2 .   ? 3.662   11.665  -16.737 1.00 24.99 ? 221 HOH A O   1 
HETATM 1137 O O   . HOH B 2 .   ? -14.950 6.417   -0.514  1.00 21.66 ? 222 HOH A O   1 
HETATM 1138 O O   . HOH B 2 .   ? 9.476   -0.345  -5.743  1.00 27.34 ? 223 HOH A O   1 
HETATM 1139 O O   . HOH B 2 .   ? 2.093   8.771   -20.554 1.00 23.07 ? 224 HOH A O   1 
HETATM 1140 O O   . HOH B 2 .   ? -2.345  -17.477 6.711   1.00 58.09 ? 225 HOH A O   1 
HETATM 1141 O O   . HOH B 2 .   ? -6.124  0.176   15.869  1.00 28.27 ? 226 HOH A O   1 
HETATM 1142 O O   . HOH B 2 .   ? 14.383  -9.965  -6.017  1.00 33.85 ? 227 HOH A O   1 
HETATM 1143 O O   . HOH B 2 .   ? 8.734   -5.874  7.314   1.00 25.42 ? 228 HOH A O   1 
HETATM 1144 O O   . HOH B 2 .   ? 0.014   10.035  -21.235 1.00 28.32 ? 229 HOH A O   1 
HETATM 1145 O O   . HOH B 2 .   ? -2.269  6.502   11.786  1.00 28.76 ? 230 HOH A O   1 
HETATM 1146 O O   . HOH B 2 .   ? -12.019 1.619   13.713  1.00 28.70 ? 231 HOH A O   1 
HETATM 1147 O O   . HOH B 2 .   ? -13.268 -9.994  7.872   1.00 35.06 ? 232 HOH A O   1 
HETATM 1148 O O   . HOH B 2 .   ? -4.456  9.070   -8.145  1.00 27.29 ? 233 HOH A O   1 
HETATM 1149 O O   . HOH B 2 .   ? 0.515   -12.628 10.903  1.00 26.30 ? 234 HOH A O   1 
HETATM 1150 O O   . HOH B 2 .   ? -16.610 -7.914  2.185   1.00 33.95 ? 235 HOH A O   1 
HETATM 1151 O O   . HOH B 2 .   ? 12.804  -13.320 -5.084  1.00 31.94 ? 236 HOH A O   1 
HETATM 1152 O O   . HOH B 2 .   ? -8.753  -11.395 4.257   1.00 31.08 ? 237 HOH A O   1 
HETATM 1153 O O   . HOH B 2 .   ? -18.847 2.739   12.949  1.00 28.16 ? 238 HOH A O   1 
HETATM 1154 O O   . HOH B 2 .   ? -7.271  5.117   12.712  1.00 31.73 ? 239 HOH A O   1 
HETATM 1155 O O   . HOH B 2 .   ? -13.805 -13.005 -0.406  1.00 31.40 ? 240 HOH A O   1 
HETATM 1156 O O   . HOH B 2 .   ? -6.241  -18.241 5.509   1.00 62.79 ? 241 HOH A O   1 
HETATM 1157 O O   . HOH B 2 .   ? -6.533  -4.691  15.078  1.00 39.63 ? 242 HOH A O   1 
HETATM 1158 O O   . HOH B 2 .   ? 14.144  -0.011  2.264   1.00 31.59 ? 243 HOH A O   1 
HETATM 1159 O O   . HOH B 2 .   ? -15.608 -11.632 -7.142  1.00 28.49 ? 244 HOH A O   1 
HETATM 1160 O O   . HOH B 2 .   ? -6.915  14.608  -5.730  1.00 62.67 ? 245 HOH A O   1 
HETATM 1161 O O   . HOH B 2 .   ? -3.301  11.438  -6.353  1.00 34.41 ? 246 HOH A O   1 
HETATM 1162 O O   . HOH B 2 .   ? 6.872   7.557   -9.851  1.00 27.18 ? 247 HOH A O   1 
HETATM 1163 O O   . HOH B 2 .   ? 8.595   13.838  -11.606 1.00 39.21 ? 248 HOH A O   1 
HETATM 1164 O O   . HOH B 2 .   ? -20.908 -4.608  10.752  1.00 36.54 ? 249 HOH A O   1 
HETATM 1165 O O   . HOH B 2 .   ? 18.139  9.993   -4.772  1.00 53.48 ? 250 HOH A O   1 
HETATM 1166 O O   . HOH B 2 .   ? -16.771 1.348   12.145  1.00 26.54 ? 251 HOH A O   1 
HETATM 1167 O O   . HOH B 2 .   ? -2.441  7.843   -27.469 1.00 27.78 ? 252 HOH A O   1 
HETATM 1168 O O   . HOH B 2 .   ? 9.273   3.591   9.046   1.00 27.98 ? 253 HOH A O   1 
HETATM 1169 O O   . HOH B 2 .   ? 10.794  -3.421  7.573   1.00 27.22 ? 254 HOH A O   1 
HETATM 1170 O O   . HOH B 2 .   ? -10.405 3.979   13.798  1.00 36.83 ? 255 HOH A O   1 
HETATM 1171 O O   . HOH B 2 .   ? 6.454   17.055  4.875   1.00 35.32 ? 256 HOH A O   1 
HETATM 1172 O O   . HOH B 2 .   ? -8.330  3.538   15.856  1.00 61.72 ? 257 HOH A O   1 
HETATM 1173 O O   . HOH B 2 .   ? 17.338  -10.296 0.572   1.00 47.31 ? 258 HOH A O   1 
HETATM 1174 O O   . HOH B 2 .   ? 2.000   13.918  -17.395 1.00 42.57 ? 259 HOH A O   1 
HETATM 1175 O O   . HOH B 2 .   ? 10.741  -15.288 -4.709  1.00 43.40 ? 260 HOH A O   1 
HETATM 1176 O O   . HOH B 2 .   ? 18.792  -6.228  -0.353  1.00 54.31 ? 261 HOH A O   1 
HETATM 1177 O O   . HOH B 2 .   ? -15.435 -4.888  15.574  1.00 55.82 ? 262 HOH A O   1 
HETATM 1178 O O   . HOH B 2 .   ? -16.389 -9.921  -0.726  1.00 42.32 ? 263 HOH A O   1 
HETATM 1179 O O   . HOH B 2 .   ? -2.902  12.951  -18.965 1.00 47.35 ? 264 HOH A O   1 
HETATM 1180 O O   . HOH B 2 .   ? 10.796  1.419   -4.575  1.00 29.82 ? 265 HOH A O   1 
HETATM 1181 O O   . HOH B 2 .   ? 12.407  2.739   -6.765  1.00 52.09 ? 266 HOH A O   1 
HETATM 1182 O O   . HOH B 2 .   ? -16.659 6.763   8.560   1.00 30.52 ? 267 HOH A O   1 
HETATM 1183 O O   . HOH B 2 .   ? 9.928   15.068  -6.122  1.00 37.53 ? 268 HOH A O   1 
HETATM 1184 O O   . HOH B 2 .   ? 3.976   5.704   -7.855  1.00 30.24 ? 269 HOH A O   1 
HETATM 1185 O O   . HOH B 2 .   ? 6.728   3.092   -26.802 1.00 34.23 ? 270 HOH A O   1 
HETATM 1186 O O   . HOH B 2 .   ? -2.955  10.563  -15.440 1.00 48.16 ? 271 HOH A O   1 
HETATM 1187 O O   . HOH B 2 .   ? 0.459   15.420  -4.198  1.00 22.62 ? 272 HOH A O   1 
HETATM 1188 O O   . HOH B 2 .   ? -28.763 -8.140  7.766   1.00 51.24 ? 273 HOH A O   1 
HETATM 1189 O O   . HOH B 2 .   ? -4.407  13.154  -31.727 1.00 63.41 ? 274 HOH A O   1 
HETATM 1190 O O   . HOH B 2 .   ? -2.088  7.326   14.232  1.00 35.53 ? 275 HOH A O   1 
HETATM 1191 O O   . HOH B 2 .   ? -3.419  16.509  -3.142  1.00 37.19 ? 276 HOH A O   1 
HETATM 1192 O O   . HOH B 2 .   ? -3.283  4.758   -26.032 1.00 52.71 ? 277 HOH A O   1 
HETATM 1193 O O   . HOH B 2 .   ? -13.108 4.172   11.200  1.00 26.25 ? 278 HOH A O   1 
HETATM 1194 O O   . HOH B 2 .   ? 13.086  -16.908 3.017   1.00 36.17 ? 279 HOH A O   1 
HETATM 1195 O O   . HOH B 2 .   ? 10.010  5.127   13.953  1.00 50.37 ? 280 HOH A O   1 
HETATM 1196 O O   . HOH B 2 .   ? -6.552  3.150   18.280  1.00 42.09 ? 281 HOH A O   1 
HETATM 1197 O O   . HOH B 2 .   ? 6.988   17.726  -1.988  1.00 41.08 ? 282 HOH A O   1 
HETATM 1198 O O   . HOH B 2 .   ? 11.041  -2.115  -9.498  1.00 55.44 ? 283 HOH A O   1 
HETATM 1199 O O   . HOH B 2 .   ? 4.132   15.196  10.813  1.00 54.16 ? 284 HOH A O   1 
HETATM 1200 O O   . HOH B 2 .   ? 4.746   6.637   18.011  1.00 53.77 ? 285 HOH A O   1 
HETATM 1201 O O   . HOH B 2 .   ? -0.229  19.993  -3.272  1.00 50.83 ? 286 HOH A O   1 
HETATM 1202 O O   . HOH B 2 .   ? -0.576  19.221  2.107   1.00 48.35 ? 287 HOH A O   1 
HETATM 1203 O O   . HOH B 2 .   ? 7.709   -17.902 -3.716  1.00 61.93 ? 288 HOH A O   1 
HETATM 1204 O O   . HOH B 2 .   ? 12.227  -4.240  -10.484 1.00 36.93 ? 289 HOH A O   1 
HETATM 1205 O O   . HOH B 2 .   ? -7.263  14.720  -2.302  1.00 47.00 ? 290 HOH A O   1 
HETATM 1206 O O   . HOH B 2 .   ? 5.560   11.764  13.952  1.00 59.73 ? 291 HOH A O   1 
HETATM 1207 O O   . HOH B 2 .   ? -0.291  10.431  15.794  1.00 61.64 ? 292 HOH A O   1 
HETATM 1208 O O   . HOH B 2 .   ? -4.871  12.250  -22.563 1.00 50.14 ? 293 HOH A O   1 
HETATM 1209 O O   . HOH B 2 .   ? -24.007 -6.302  9.611   1.00 41.74 ? 294 HOH A O   1 
HETATM 1210 O O   . HOH B 2 .   ? 13.211  -15.239 5.096   1.00 43.91 ? 295 HOH A O   1 
HETATM 1211 O O   . HOH B 2 .   ? 2.607   18.724  5.634   1.00 43.65 ? 296 HOH A O   1 
HETATM 1212 O O   . HOH B 2 .   ? -8.188  10.742  5.385   1.00 44.66 ? 297 HOH A O   1 
HETATM 1213 O O   . HOH B 2 .   ? 0.517   14.896  -8.339  1.00 51.05 ? 298 HOH A O   1 
HETATM 1214 O O   . HOH B 2 .   ? -6.155  6.099   19.443  1.00 55.38 ? 299 HOH A O   1 
HETATM 1215 O O   . HOH B 2 .   ? 9.131   -15.647 -6.957  1.00 52.36 ? 300 HOH A O   1 
HETATM 1216 O O   . HOH B 2 .   ? 11.972  -9.045  7.857   1.00 50.57 ? 301 HOH A O   1 
HETATM 1217 O O   . HOH B 2 .   ? 8.711   -14.771 -9.361  1.00 36.90 ? 302 HOH A O   1 
HETATM 1218 O O   . HOH B 2 .   ? -14.468 -0.295  16.262  1.00 32.43 ? 303 HOH A O   1 
HETATM 1219 O O   . HOH B 2 .   ? -13.177 -9.883  4.497   1.00 24.81 ? 304 HOH A O   1 
HETATM 1220 O O   . HOH B 2 .   ? -21.050 1.124   12.155  1.00 41.48 ? 305 HOH A O   1 
HETATM 1221 O O   . HOH B 2 .   ? -8.678  -13.927 5.484   1.00 48.09 ? 306 HOH A O   1 
HETATM 1222 O O   . HOH B 2 .   ? 13.884  0.591   6.567   1.00 29.53 ? 307 HOH A O   1 
HETATM 1223 O O   . HOH B 2 .   ? -5.057  6.535   11.638  1.00 31.30 ? 308 HOH A O   1 
HETATM 1224 O O   . HOH B 2 .   ? 12.678  2.377   -21.132 1.00 39.60 ? 309 HOH A O   1 
HETATM 1225 O O   . HOH B 2 .   ? 10.337  -0.062  6.886   1.00 33.44 ? 310 HOH A O   1 
HETATM 1226 O O   . HOH B 2 .   ? 6.830   -11.818 9.878   1.00 28.51 ? 311 HOH A O   1 
HETATM 1227 O O   . HOH B 2 .   ? -1.692  8.339   -30.794 1.00 31.30 ? 312 HOH A O   1 
HETATM 1228 O O   . HOH B 2 .   ? -28.273 -8.504  10.375  1.00 45.84 ? 313 HOH A O   1 
HETATM 1229 O O   . HOH B 2 .   ? -1.754  15.407  9.706   1.00 38.77 ? 314 HOH A O   1 
HETATM 1230 O O   . HOH B 2 .   ? -1.673  -14.103 11.591  1.00 37.69 ? 315 HOH A O   1 
HETATM 1231 O O   . HOH B 2 .   ? 12.614  -1.558  8.147   1.00 30.25 ? 316 HOH A O   1 
HETATM 1232 O O   . HOH B 2 .   ? -20.071 0.416   -0.719  1.00 35.14 ? 317 HOH A O   1 
HETATM 1233 O O   . HOH B 2 .   ? -4.292  -14.079 9.337   1.00 27.93 ? 318 HOH A O   1 
HETATM 1234 O O   . HOH B 2 .   ? 1.988   16.026  9.432   1.00 46.45 ? 319 HOH A O   1 
HETATM 1235 O O   . HOH B 2 .   ? -10.389 2.592   17.523  1.00 53.61 ? 320 HOH A O   1 
HETATM 1236 O O   . HOH B 2 .   ? 9.270   8.776   -10.486 1.00 55.58 ? 321 HOH A O   1 
HETATM 1237 O O   . HOH B 2 .   ? -14.552 3.615   13.950  1.00 49.58 ? 322 HOH A O   1 
HETATM 1238 O O   . HOH B 2 .   ? 11.153  -18.037 -0.355  1.00 48.24 ? 323 HOH A O   1 
HETATM 1239 O O   . HOH B 2 .   ? -10.923 -10.984 3.055   1.00 44.25 ? 324 HOH A O   1 
HETATM 1240 O O   . HOH B 2 .   ? 8.678   17.250  -4.854  1.00 58.09 ? 325 HOH A O   1 
HETATM 1241 O O   . HOH B 2 .   ? 3.363   12.021  12.780  1.00 43.12 ? 326 HOH A O   1 
HETATM 1242 O O   . HOH B 2 .   ? -18.581 -1.621  -0.669  1.00 37.31 ? 327 HOH A O   1 
HETATM 1243 O O   . HOH B 2 .   ? 5.490   -12.884 11.807  1.00 50.35 ? 328 HOH A O   1 
HETATM 1244 O O   . HOH B 2 .   ? -10.448 -1.904  15.825  1.00 45.37 ? 329 HOH A O   1 
HETATM 1245 O O   . HOH B 2 .   ? 17.017  -11.642 3.427   1.00 48.07 ? 330 HOH A O   1 
HETATM 1246 O O   . HOH B 2 .   ? 20.902  -15.063 3.228   1.00 60.08 ? 331 HOH A O   1 
HETATM 1247 O O   . HOH B 2 .   ? -1.694  8.705   -10.893 1.00 37.53 ? 332 HOH A O   1 
HETATM 1248 O O   . HOH B 2 .   ? -12.814 -9.272  13.198  1.00 52.91 ? 333 HOH A O   1 
HETATM 1249 O O   . HOH B 2 .   ? 17.851  9.365   -12.038 1.00 68.47 ? 334 HOH A O   1 
HETATM 1250 O O   . HOH B 2 .   ? 6.235   5.871   16.102  1.00 50.82 ? 335 HOH A O   1 
HETATM 1251 O O   . HOH B 2 .   ? -0.911  17.833  -7.278  1.00 53.71 ? 336 HOH A O   1 
HETATM 1252 O O   . HOH B 2 .   ? -1.928  10.896  12.506  1.00 45.01 ? 337 HOH A O   1 
HETATM 1253 O O   . HOH B 2 .   ? -5.313  -5.511  17.546  1.00 61.86 ? 338 HOH A O   1 
HETATM 1254 O O   . HOH B 2 .   ? 15.518  4.402   4.426   1.00 48.19 ? 339 HOH A O   1 
HETATM 1255 O O   . HOH B 2 .   ? 0.452   -17.374 5.050   1.00 63.02 ? 340 HOH A O   1 
HETATM 1256 O O   . HOH B 2 .   ? -4.693  20.982  4.470   1.00 54.67 ? 341 HOH A O   1 
HETATM 1257 O O   . HOH B 2 .   ? -6.644  11.284  -20.849 1.00 46.07 ? 342 HOH A O   1 
HETATM 1258 O O   . HOH B 2 .   ? 17.669  9.754   -9.365  1.00 43.74 ? 343 HOH A O   1 
HETATM 1259 O O   . HOH B 2 .   ? -8.969  -12.856 13.587  1.00 58.80 ? 344 HOH A O   1 
HETATM 1260 O O   . HOH B 2 .   ? -25.133 -8.665  13.104  1.00 55.19 ? 345 HOH A O   1 
HETATM 1261 O O   . HOH B 2 .   ? -5.598  10.626  -24.985 1.00 51.41 ? 346 HOH A O   1 
HETATM 1262 O O   . HOH B 2 .   ? 9.888   17.940  -1.711  1.00 52.57 ? 347 HOH A O   1 
HETATM 1263 O O   . HOH B 2 .   ? -10.830 -4.066  17.510  1.00 54.86 ? 348 HOH A O   1 
HETATM 1264 O O   . HOH B 2 .   ? 16.924  12.339  -8.202  1.00 53.04 ? 349 HOH A O   1 
HETATM 1265 O O   . HOH B 2 .   ? 13.451  14.204  0.949   1.00 52.04 ? 350 HOH A O   1 
HETATM 1266 O O   . HOH B 2 .   ? -10.794 -1.898  20.479  1.00 52.54 ? 351 HOH A O   1 
HETATM 1267 O O   . HOH B 2 .   ? -18.897 -10.032 0.688   1.00 44.32 ? 352 HOH A O   1 
HETATM 1268 O O   . HOH B 2 .   ? -5.825  -15.257 6.482   1.00 28.50 ? 353 HOH A O   1 
HETATM 1269 O O   . HOH B 2 .   ? -7.514  -11.902 11.664  1.00 42.58 ? 354 HOH A O   1 
HETATM 1270 O O   . HOH B 2 .   ? -5.836  -12.058 14.133  1.00 50.02 ? 355 HOH A O   1 
HETATM 1271 O O   . HOH B 2 .   ? 8.419   -17.501 2.153   1.00 49.31 ? 356 HOH A O   1 
HETATM 1272 O O   . HOH B 2 .   ? 1.992   -14.902 5.154   1.00 47.28 ? 357 HOH A O   1 
HETATM 1273 O O   . HOH B 2 .   ? -2.117  -3.637  -3.595  1.00 11.95 ? 358 HOH A O   1 
HETATM 1274 O O   . HOH B 2 .   ? 10.041  12.728  -13.799 1.00 30.73 ? 359 HOH A O   1 
HETATM 1275 O O   . HOH B 2 .   ? 16.333  11.868  -5.243  1.00 35.62 ? 360 HOH A O   1 
HETATM 1276 O O   . HOH B 2 .   ? 15.067  9.455   1.534   1.00 38.74 ? 361 HOH A O   1 
HETATM 1277 O O   . HOH B 2 .   ? 4.797   4.012   14.736  1.00 34.85 ? 362 HOH A O   1 
HETATM 1278 O O   . HOH B 2 .   ? 15.201  -5.793  2.965   1.00 40.24 ? 363 HOH A O   1 
HETATM 1279 O O   . HOH B 2 .   ? 10.553  -14.513 -11.183 1.00 49.20 ? 364 HOH A O   1 
HETATM 1280 O O   . HOH B 2 .   ? -8.826  11.991  -2.527  1.00 43.99 ? 365 HOH A O   1 
HETATM 1281 O O   . HOH B 2 .   ? -3.025  -10.626 10.017  1.00 16.07 ? 366 HOH A O   1 
HETATM 1282 O O   . HOH B 2 .   ? -4.697  7.935   -25.732 1.00 41.40 ? 367 HOH A O   1 
HETATM 1283 O O   . HOH B 2 .   ? -7.861  -1.666  16.835  1.00 54.64 ? 368 HOH A O   1 
HETATM 1284 O O   . HOH B 2 .   ? 16.361  -10.204 -8.033  1.00 47.47 ? 369 HOH A O   1 
HETATM 1285 O O   . HOH B 2 .   ? 18.110  -8.239  -7.771  1.00 52.28 ? 370 HOH A O   1 
HETATM 1286 O O   . HOH B 2 .   ? -11.726 0.332   15.907  1.00 40.24 ? 371 HOH A O   1 
HETATM 1287 O O   . HOH B 2 .   ? 10.735  -6.182  5.299   1.00 24.04 ? 372 HOH A O   1 
HETATM 1288 O O   . HOH B 2 .   ? 18.481  7.440   -5.951  1.00 56.40 ? 373 HOH A O   1 
HETATM 1289 O O   . HOH B 2 .   ? -1.059  -20.632 2.456   1.00 57.29 ? 374 HOH A O   1 
HETATM 1290 O O   . HOH B 2 .   ? 8.825   -1.197  -10.662 1.00 44.77 ? 375 HOH A O   1 
HETATM 1291 O O   . HOH B 2 .   ? 10.292  3.758   -21.123 1.00 54.18 ? 376 HOH A O   1 
HETATM 1292 O O   . HOH B 2 .   ? 8.285   0.778   -7.826  1.00 36.76 ? 377 HOH A O   1 
HETATM 1293 O O   . HOH B 2 .   ? 17.201  -5.242  -6.066  1.00 43.59 ? 378 HOH A O   1 
HETATM 1294 O O   . HOH B 2 .   ? -4.106  -8.602  14.816  1.00 42.64 ? 379 HOH A O   1 
HETATM 1295 O O   . HOH B 2 .   ? -11.952 -6.360  16.269  1.00 45.70 ? 380 HOH A O   1 
HETATM 1296 O O   . HOH B 2 .   ? -1.788  14.205  -4.948  1.00 42.14 ? 381 HOH A O   1 
HETATM 1297 O O   . HOH B 2 .   ? -13.033 -14.512 2.517   1.00 52.65 ? 382 HOH A O   1 
HETATM 1298 O O   . HOH B 2 .   ? -8.170  12.710  -6.849  1.00 45.41 ? 383 HOH A O   1 
HETATM 1299 O O   . HOH B 2 .   ? 0.950   13.109  12.386  1.00 51.88 ? 384 HOH A O   1 
HETATM 1300 O O   . HOH B 2 .   ? -5.758  9.075   12.580  1.00 45.62 ? 385 HOH A O   1 
HETATM 1301 O O   . HOH B 2 .   ? -29.300 -6.728  5.558   1.00 52.66 ? 386 HOH A O   1 
HETATM 1302 O O   . HOH B 2 .   ? 17.391  -7.819  1.319   1.00 56.80 ? 387 HOH A O   1 
HETATM 1303 O O   . HOH B 2 .   ? 13.695  -9.930  -11.566 1.00 47.87 ? 388 HOH A O   1 
HETATM 1304 O O   . HOH B 2 .   ? -1.937  9.343   -13.402 1.00 54.49 ? 389 HOH A O   1 
HETATM 1305 O O   . HOH B 2 .   ? 12.583  15.951  -4.040  1.00 52.75 ? 390 HOH A O   1 
HETATM 1306 O O   . HOH B 2 .   ? -14.960 -12.826 2.228   1.00 52.56 ? 391 HOH A O   1 
HETATM 1307 O O   . HOH B 2 .   ? -2.905  10.876  -11.484 1.00 49.13 ? 392 HOH A O   1 
HETATM 1308 O O   . HOH B 2 .   ? 4.267   17.056  -12.788 1.00 59.15 ? 393 HOH A O   1 
HETATM 1309 O O   . HOH B 2 .   ? -28.240 -10.565 6.016   1.00 56.08 ? 394 HOH A O   1 
HETATM 1310 O O   . HOH B 2 .   ? 10.131  -19.527 -3.199  1.00 55.97 ? 395 HOH A O   1 
HETATM 1311 O O   . HOH B 2 .   ? 18.587  -5.744  -3.131  1.00 58.35 ? 396 HOH A O   1 
HETATM 1312 O O   . HOH B 2 .   ? 21.259  -16.951 1.449   1.00 51.27 ? 397 HOH A O   1 
HETATM 1313 O O   . HOH B 2 .   ? -6.881  20.293  3.306   1.00 51.21 ? 398 HOH A O   1 
HETATM 1314 O O   . HOH B 2 .   ? 12.952  -14.265 -9.388  1.00 58.65 ? 399 HOH A O   1 
HETATM 1315 O O   . HOH B 2 .   ? -3.154  15.366  7.233   1.00 41.43 ? 400 HOH A O   1 
HETATM 1316 O O   . HOH B 2 .   ? 8.877   0.286   -12.701 1.00 49.45 ? 401 HOH A O   1 
HETATM 1317 O O   . HOH B 2 .   ? -4.768  8.524   17.495  1.00 59.96 ? 402 HOH A O   1 
HETATM 1318 O O   . HOH B 2 .   ? -3.773  10.518  -31.990 1.00 53.30 ? 403 HOH A O   1 
HETATM 1319 O O   . HOH B 2 .   ? -16.049 -7.807  15.018  1.00 56.50 ? 404 HOH A O   1 
HETATM 1320 O O   . HOH B 2 .   ? 17.370  10.670  0.908   1.00 49.59 ? 405 HOH A O   1 
HETATM 1321 O O   . HOH B 2 .   ? 18.153  -3.060  -2.968  1.00 55.59 ? 406 HOH A O   1 
HETATM 1322 O O   . HOH B 2 .   ? 3.869   6.333   20.612  1.00 58.90 ? 407 HOH A O   1 
# 
